data_1FAV
# 
_entry.id   1FAV 
# 
_audit_conform.dict_name       mmcif_pdbx.dic 
_audit_conform.dict_version    5.398 
_audit_conform.dict_location   http://mmcif.pdb.org/dictionaries/ascii/mmcif_pdbx.dic 
# 
loop_
_database_2.database_id 
_database_2.database_code 
_database_2.pdbx_database_accession 
_database_2.pdbx_DOI 
PDB   1FAV         pdb_00001fav 10.2210/pdb1fav/pdb 
RCSB  RCSB011442   ?            ?                   
WWPDB D_1000011442 ?            ?                   
# 
loop_
_pdbx_audit_revision_history.ordinal 
_pdbx_audit_revision_history.data_content_type 
_pdbx_audit_revision_history.major_revision 
_pdbx_audit_revision_history.minor_revision 
_pdbx_audit_revision_history.revision_date 
1 'Structure model' 1 0 2000-08-23 
2 'Structure model' 1 1 2008-04-27 
3 'Structure model' 1 2 2011-07-13 
4 'Structure model' 1 3 2017-08-09 
5 'Structure model' 1 4 2021-11-03 
6 'Structure model' 2 0 2023-11-15 
7 'Structure model' 2 1 2024-11-13 
# 
_pdbx_audit_revision_details.ordinal             1 
_pdbx_audit_revision_details.revision_ordinal    1 
_pdbx_audit_revision_details.data_content_type   'Structure model' 
_pdbx_audit_revision_details.provider            repository 
_pdbx_audit_revision_details.type                'Initial release' 
_pdbx_audit_revision_details.description         ? 
_pdbx_audit_revision_details.details             ? 
# 
loop_
_pdbx_audit_revision_group.ordinal 
_pdbx_audit_revision_group.revision_ordinal 
_pdbx_audit_revision_group.data_content_type 
_pdbx_audit_revision_group.group 
1  2 'Structure model' 'Version format compliance' 
2  3 'Structure model' 'Derived calculations'      
3  3 'Structure model' 'Version format compliance' 
4  4 'Structure model' Advisory                    
5  4 'Structure model' 'Refinement description'    
6  4 'Structure model' 'Source and taxonomy'       
7  5 'Structure model' Advisory                    
8  5 'Structure model' 'Database references'       
9  5 'Structure model' 'Derived calculations'      
10 6 'Structure model' 'Atomic model'              
11 6 'Structure model' 'Data collection'           
12 6 'Structure model' 'Derived calculations'      
13 7 'Structure model' 'Structure summary'         
# 
loop_
_pdbx_audit_revision_category.ordinal 
_pdbx_audit_revision_category.revision_ordinal 
_pdbx_audit_revision_category.data_content_type 
_pdbx_audit_revision_category.category 
1  4 'Structure model' entity_src_gen                  
2  4 'Structure model' pdbx_unobs_or_zero_occ_residues 
3  4 'Structure model' software                        
4  5 'Structure model' database_2                      
5  5 'Structure model' pdbx_unobs_or_zero_occ_residues 
6  5 'Structure model' struct_conn                     
7  5 'Structure model' struct_ref_seq_dif              
8  6 'Structure model' atom_site                       
9  6 'Structure model' chem_comp_atom                  
10 6 'Structure model' chem_comp_bond                  
11 6 'Structure model' struct_conn                     
12 7 'Structure model' pdbx_entry_details              
13 7 'Structure model' pdbx_modification_feature       
# 
loop_
_pdbx_audit_revision_item.ordinal 
_pdbx_audit_revision_item.revision_ordinal 
_pdbx_audit_revision_item.data_content_type 
_pdbx_audit_revision_item.item 
1 5 'Structure model' '_database_2.pdbx_DOI'                
2 5 'Structure model' '_database_2.pdbx_database_accession' 
3 5 'Structure model' '_struct_conn.pdbx_leaving_atom_flag' 
4 5 'Structure model' '_struct_ref_seq_dif.details'         
5 6 'Structure model' '_atom_site.auth_atom_id'             
6 6 'Structure model' '_atom_site.label_atom_id'            
7 6 'Structure model' '_struct_conn.pdbx_leaving_atom_flag' 
8 6 'Structure model' '_struct_conn.ptnr2_label_atom_id'    
# 
_pdbx_database_status.status_code                     REL 
_pdbx_database_status.entry_id                        1FAV 
_pdbx_database_status.recvd_initial_deposition_date   2000-07-13 
_pdbx_database_status.deposit_site                    RCSB 
_pdbx_database_status.process_site                    RCSB 
_pdbx_database_status.status_code_sf                  REL 
_pdbx_database_status.SG_entry                        . 
_pdbx_database_status.status_code_mr                  ? 
_pdbx_database_status.status_code_cs                  ? 
_pdbx_database_status.pdb_format_compatible           Y 
_pdbx_database_status.methods_development_category    ? 
_pdbx_database_status.status_code_nmr_data            ? 
# 
loop_
_audit_author.name 
_audit_author.pdbx_ordinal 
'Zhou, G.'        1  
'Ferrer, M.'      2  
'Chopra, R.'      3  
'Strassmaier, T.' 4  
'Weissenhorn, W.' 5  
'Skehel, J.J.'    6  
'Oprian, D.'      7  
'Schreiber, S.L.' 8  
'Harrison, S.C.'  9  
'Wiley, D.C.'     10 
# 
_citation.id                        primary 
_citation.title                     
'The structure of an HIV-1 specific cell entry inhibitor in complex with the HIV-1 gp41 trimeric core.' 
_citation.journal_abbrev            Bioorg.Med.Chem. 
_citation.journal_volume            8 
_citation.page_first                2219 
_citation.page_last                 2227 
_citation.year                      2000 
_citation.journal_id_ASTM           BMECEP 
_citation.country                   UK 
_citation.journal_id_ISSN           0968-0896 
_citation.journal_id_CSD            1200 
_citation.book_publisher            ? 
_citation.pdbx_database_id_PubMed   11026535 
_citation.pdbx_database_id_DOI      '10.1016/S0968-0896(00)00155-3' 
# 
loop_
_citation_author.citation_id 
_citation_author.name 
_citation_author.ordinal 
_citation_author.identifier_ORCID 
primary 'Zhou, G.'        1  ? 
primary 'Ferrer, M.'      2  ? 
primary 'Chopra, R.'      3  ? 
primary 'Kapoor, T.M.'    4  ? 
primary 'Strassmaier, T.' 5  ? 
primary 'Weissenhorn, W.' 6  ? 
primary 'Skehel, J.J.'    7  ? 
primary 'Oprian, D.'      8  ? 
primary 'Schreiber, S.L.' 9  ? 
primary 'Harrison, S.C.'  10 ? 
primary 'Wiley, D.C.'     11 ? 
# 
loop_
_entity.id 
_entity.type 
_entity.src_method 
_entity.pdbx_description 
_entity.formula_weight 
_entity.pdbx_number_of_molecules 
_entity.pdbx_ec 
_entity.pdbx_mutation 
_entity.pdbx_fragment 
_entity.details 
1 polymer man 'HIV-1 ENVELOPE PROTEIN CHIMERA'       9268.784 1 ? 'L2I, V6I, L9I, N13I, L16I, V20I, L23I, V27I' ? 
'CHIMERA CONSISTS OF A FRAGMENT OF GCN4 ZIPPER CLONED N-TERMINAL TO A FRAGMENT OF GP41' 
2 polymer syn 'PROTEIN (TRANSMEMBRANE GLYCOPROTEIN)' 4049.338 1 ? ?                                             
'OUTER PEPTIDE OF GP41 OF HIV-1' ?                                                                                       
# 
loop_
_entity_poly.entity_id 
_entity_poly.type 
_entity_poly.nstd_linkage 
_entity_poly.nstd_monomer 
_entity_poly.pdbx_seq_one_letter_code 
_entity_poly.pdbx_seq_one_letter_code_can 
_entity_poly.pdbx_strand_id 
_entity_poly.pdbx_target_identifier 
1 'polypeptide(L)' no no  QIEDKIEEILSKIYHIENEIARIKKLIGEARQLLSGIVQQQNNLLRAIEAQQHLLQLTVWGIKQLQARILAVERYLKDQ 
QIEDKIEEILSKIYHIENEIARIKKLIGEARQLLSGIVQQQNNLLRAIEAQQHLLQLTVWGIKQLQARILAVERYLKDQ A ? 
2 'polypeptide(L)' no yes '(3PA)(GGL)(4BA)NNYTSLIHSLIEESQNQQEKNEQELLELDK'                                 
XEXNNYTSLIHSLIEESQNQQEKNEQELLELDK                                               C ? 
# 
loop_
_entity_poly_seq.entity_id 
_entity_poly_seq.num 
_entity_poly_seq.mon_id 
_entity_poly_seq.hetero 
1 1  GLN n 
1 2  ILE n 
1 3  GLU n 
1 4  ASP n 
1 5  LYS n 
1 6  ILE n 
1 7  GLU n 
1 8  GLU n 
1 9  ILE n 
1 10 LEU n 
1 11 SER n 
1 12 LYS n 
1 13 ILE n 
1 14 TYR n 
1 15 HIS n 
1 16 ILE n 
1 17 GLU n 
1 18 ASN n 
1 19 GLU n 
1 20 ILE n 
1 21 ALA n 
1 22 ARG n 
1 23 ILE n 
1 24 LYS n 
1 25 LYS n 
1 26 LEU n 
1 27 ILE n 
1 28 GLY n 
1 29 GLU n 
1 30 ALA n 
1 31 ARG n 
1 32 GLN n 
1 33 LEU n 
1 34 LEU n 
1 35 SER n 
1 36 GLY n 
1 37 ILE n 
1 38 VAL n 
1 39 GLN n 
1 40 GLN n 
1 41 GLN n 
1 42 ASN n 
1 43 ASN n 
1 44 LEU n 
1 45 LEU n 
1 46 ARG n 
1 47 ALA n 
1 48 ILE n 
1 49 GLU n 
1 50 ALA n 
1 51 GLN n 
1 52 GLN n 
1 53 HIS n 
1 54 LEU n 
1 55 LEU n 
1 56 GLN n 
1 57 LEU n 
1 58 THR n 
1 59 VAL n 
1 60 TRP n 
1 61 GLY n 
1 62 ILE n 
1 63 LYS n 
1 64 GLN n 
1 65 LEU n 
1 66 GLN n 
1 67 ALA n 
1 68 ARG n 
1 69 ILE n 
1 70 LEU n 
1 71 ALA n 
1 72 VAL n 
1 73 GLU n 
1 74 ARG n 
1 75 TYR n 
1 76 LEU n 
1 77 LYS n 
1 78 ASP n 
1 79 GLN n 
2 1  3PA n 
2 2  GGL n 
2 3  4BA n 
2 4  ASN n 
2 5  ASN n 
2 6  TYR n 
2 7  THR n 
2 8  SER n 
2 9  LEU n 
2 10 ILE n 
2 11 HIS n 
2 12 SER n 
2 13 LEU n 
2 14 ILE n 
2 15 GLU n 
2 16 GLU n 
2 17 SER n 
2 18 GLN n 
2 19 ASN n 
2 20 GLN n 
2 21 GLN n 
2 22 GLU n 
2 23 LYS n 
2 24 ASN n 
2 25 GLU n 
2 26 GLN n 
2 27 GLU n 
2 28 LEU n 
2 29 LEU n 
2 30 GLU n 
2 31 LEU n 
2 32 ASP n 
2 33 LYS n 
# 
loop_
_entity_src_gen.entity_id 
_entity_src_gen.pdbx_src_id 
_entity_src_gen.pdbx_alt_source_flag 
_entity_src_gen.pdbx_seq_type 
_entity_src_gen.pdbx_beg_seq_num 
_entity_src_gen.pdbx_end_seq_num 
_entity_src_gen.gene_src_common_name 
_entity_src_gen.gene_src_genus 
_entity_src_gen.pdbx_gene_src_gene 
_entity_src_gen.gene_src_species 
_entity_src_gen.gene_src_strain 
_entity_src_gen.gene_src_tissue 
_entity_src_gen.gene_src_tissue_fraction 
_entity_src_gen.gene_src_details 
_entity_src_gen.pdbx_gene_src_fragment 
_entity_src_gen.pdbx_gene_src_scientific_name 
_entity_src_gen.pdbx_gene_src_ncbi_taxonomy_id 
_entity_src_gen.pdbx_gene_src_variant 
_entity_src_gen.pdbx_gene_src_cell_line 
_entity_src_gen.pdbx_gene_src_atcc 
_entity_src_gen.pdbx_gene_src_organ 
_entity_src_gen.pdbx_gene_src_organelle 
_entity_src_gen.pdbx_gene_src_cell 
_entity_src_gen.pdbx_gene_src_cellular_location 
_entity_src_gen.host_org_common_name 
_entity_src_gen.pdbx_host_org_scientific_name 
_entity_src_gen.pdbx_host_org_ncbi_taxonomy_id 
_entity_src_gen.host_org_genus 
_entity_src_gen.pdbx_host_org_gene 
_entity_src_gen.pdbx_host_org_organ 
_entity_src_gen.host_org_species 
_entity_src_gen.pdbx_host_org_tissue 
_entity_src_gen.pdbx_host_org_tissue_fraction 
_entity_src_gen.pdbx_host_org_strain 
_entity_src_gen.pdbx_host_org_variant 
_entity_src_gen.pdbx_host_org_cell_line 
_entity_src_gen.pdbx_host_org_atcc 
_entity_src_gen.pdbx_host_org_culture_collection 
_entity_src_gen.pdbx_host_org_cell 
_entity_src_gen.pdbx_host_org_organelle 
_entity_src_gen.pdbx_host_org_cellular_location 
_entity_src_gen.pdbx_host_org_vector_type 
_entity_src_gen.pdbx_host_org_vector 
_entity_src_gen.host_org_details 
_entity_src_gen.expression_system_id 
_entity_src_gen.plasmid_name 
_entity_src_gen.plasmid_details 
_entity_src_gen.pdbx_description 
1 2 sample ? 30 79 ?               Lentivirus ?                      ? ? ? ? ? ? 'Human immunodeficiency virus 1' 11676  ? ? ? ? ? 
? ? ? 'Escherichia coli' 562 Escherichia ? ? ? ? ? ? ? ? ? ? ? ? ? ? ? ? ? PRSET ? ? 
1 1 sample ? 1  29 
;Baker's yeast
;
?          GCN4,AAS3,ARG9,YEL009C ? ? ? ? ? ? 'Saccharomyces cerevisiae (strain ATCC 204508 / S288c)' 559292 ? ? ? ? ? ? ? ? 
'Escherichia coli' 562 Escherichia ? ? ? ? ? ? ? ? ? ? ? ? ? ? ? ? ? PRSET ? ? 
# 
_pdbx_entity_src_syn.entity_id              2 
_pdbx_entity_src_syn.pdbx_src_id            1 
_pdbx_entity_src_syn.pdbx_alt_source_flag   sample 
_pdbx_entity_src_syn.pdbx_beg_seq_num       ? 
_pdbx_entity_src_syn.pdbx_end_seq_num       ? 
_pdbx_entity_src_syn.organism_scientific    ? 
_pdbx_entity_src_syn.organism_common_name   ? 
_pdbx_entity_src_syn.ncbi_taxonomy_id       ? 
_pdbx_entity_src_syn.details                
'The peptide was chemically synthesized. The sequence of the peptide is naturally found in HIV-1.' 
# 
loop_
_chem_comp.id 
_chem_comp.type 
_chem_comp.mon_nstd_flag 
_chem_comp.name 
_chem_comp.pdbx_synonyms 
_chem_comp.formula 
_chem_comp.formula_weight 
3PA non-polymer                        . '3-CYCLOPENTYL-PROPIONIC ACID'                   ?                 'C8 H14 O2'      
142.196 
4BA non-polymer                        . '4-[(2-CARBOXY-ETHYLAMINO)-METHYL]-BENZOIC ACID' ?                 'C11 H13 N O4'   
223.225 
ALA 'L-peptide linking'                y ALANINE                                          ?                 'C3 H7 N O2'     
89.093  
ARG 'L-peptide linking'                y ARGININE                                         ?                 'C6 H15 N4 O2 1' 
175.209 
ASN 'L-peptide linking'                y ASPARAGINE                                       ?                 'C4 H8 N2 O3'    
132.118 
ASP 'L-peptide linking'                y 'ASPARTIC ACID'                                  ?                 'C4 H7 N O4'     
133.103 
GGL 'L-gamma-peptide, C-delta linking' . 'GAMMA-L-GLUTAMIC ACID'                          'L-GLUTAMIC ACID' 'C5 H9 N O4'     
147.129 
GLN 'L-peptide linking'                y GLUTAMINE                                        ?                 'C5 H10 N2 O3'   
146.144 
GLU 'L-peptide linking'                y 'GLUTAMIC ACID'                                  ?                 'C5 H9 N O4'     
147.129 
GLY 'peptide linking'                  y GLYCINE                                          ?                 'C2 H5 N O2'     
75.067  
HIS 'L-peptide linking'                y HISTIDINE                                        ?                 'C6 H10 N3 O2 1' 
156.162 
ILE 'L-peptide linking'                y ISOLEUCINE                                       ?                 'C6 H13 N O2'    
131.173 
LEU 'L-peptide linking'                y LEUCINE                                          ?                 'C6 H13 N O2'    
131.173 
LYS 'L-peptide linking'                y LYSINE                                           ?                 'C6 H15 N2 O2 1' 
147.195 
SER 'L-peptide linking'                y SERINE                                           ?                 'C3 H7 N O3'     
105.093 
THR 'L-peptide linking'                y THREONINE                                        ?                 'C4 H9 N O3'     
119.119 
TRP 'L-peptide linking'                y TRYPTOPHAN                                       ?                 'C11 H12 N2 O2'  
204.225 
TYR 'L-peptide linking'                y TYROSINE                                         ?                 'C9 H11 N O3'    
181.189 
VAL 'L-peptide linking'                y VALINE                                           ?                 'C5 H11 N O2'    
117.146 
# 
loop_
_pdbx_poly_seq_scheme.asym_id 
_pdbx_poly_seq_scheme.entity_id 
_pdbx_poly_seq_scheme.seq_id 
_pdbx_poly_seq_scheme.mon_id 
_pdbx_poly_seq_scheme.ndb_seq_num 
_pdbx_poly_seq_scheme.pdb_seq_num 
_pdbx_poly_seq_scheme.auth_seq_num 
_pdbx_poly_seq_scheme.pdb_mon_id 
_pdbx_poly_seq_scheme.auth_mon_id 
_pdbx_poly_seq_scheme.pdb_strand_id 
_pdbx_poly_seq_scheme.pdb_ins_code 
_pdbx_poly_seq_scheme.hetero 
A 1 1  GLN 1  1   ?   ?   ?   A . n 
A 1 2  ILE 2  2   2   ILE ILE A . n 
A 1 3  GLU 3  3   3   GLU GLU A . n 
A 1 4  ASP 4  4   4   ASP ASP A . n 
A 1 5  LYS 5  5   5   LYS LYS A . n 
A 1 6  ILE 6  6   6   ILE ILE A . n 
A 1 7  GLU 7  7   7   GLU GLU A . n 
A 1 8  GLU 8  8   8   GLU GLU A . n 
A 1 9  ILE 9  9   9   ILE ILE A . n 
A 1 10 LEU 10 10  10  LEU LEU A . n 
A 1 11 SER 11 11  11  SER SER A . n 
A 1 12 LYS 12 12  12  LYS LYS A . n 
A 1 13 ILE 13 13  13  ILE ILE A . n 
A 1 14 TYR 14 14  14  TYR TYR A . n 
A 1 15 HIS 15 15  15  HIS HIS A . n 
A 1 16 ILE 16 16  16  ILE ILE A . n 
A 1 17 GLU 17 17  17  GLU GLU A . n 
A 1 18 ASN 18 18  18  ASN ASN A . n 
A 1 19 GLU 19 19  19  GLU GLU A . n 
A 1 20 ILE 20 20  20  ILE ILE A . n 
A 1 21 ALA 21 21  21  ALA ALA A . n 
A 1 22 ARG 22 22  22  ARG ARG A . n 
A 1 23 ILE 23 23  23  ILE ILE A . n 
A 1 24 LYS 24 24  24  LYS LYS A . n 
A 1 25 LYS 25 25  25  LYS LYS A . n 
A 1 26 LEU 26 26  26  LEU LEU A . n 
A 1 27 ILE 27 27  27  ILE ILE A . n 
A 1 28 GLY 28 28  28  GLY GLY A . n 
A 1 29 GLU 29 29  29  GLU GLU A . n 
A 1 30 ALA 30 30  30  ALA ALA A . n 
A 1 31 ARG 31 31  31  ARG ARG A . n 
A 1 32 GLN 32 32  32  GLN GLN A . n 
A 1 33 LEU 33 33  33  LEU LEU A . n 
A 1 34 LEU 34 34  34  LEU LEU A . n 
A 1 35 SER 35 35  35  SER SER A . n 
A 1 36 GLY 36 36  36  GLY GLY A . n 
A 1 37 ILE 37 37  37  ILE ILE A . n 
A 1 38 VAL 38 38  38  VAL VAL A . n 
A 1 39 GLN 39 39  39  GLN GLN A . n 
A 1 40 GLN 40 40  40  GLN GLN A . n 
A 1 41 GLN 41 41  41  GLN GLN A . n 
A 1 42 ASN 42 42  42  ASN ASN A . n 
A 1 43 ASN 43 43  43  ASN ASN A . n 
A 1 44 LEU 44 44  44  LEU LEU A . n 
A 1 45 LEU 45 45  45  LEU LEU A . n 
A 1 46 ARG 46 46  46  ARG ARG A . n 
A 1 47 ALA 47 47  47  ALA ALA A . n 
A 1 48 ILE 48 48  48  ILE ILE A . n 
A 1 49 GLU 49 49  49  GLU GLU A . n 
A 1 50 ALA 50 50  50  ALA ALA A . n 
A 1 51 GLN 51 51  51  GLN GLN A . n 
A 1 52 GLN 52 52  52  GLN GLN A . n 
A 1 53 HIS 53 53  53  HIS HIS A . n 
A 1 54 LEU 54 54  54  LEU LEU A . n 
A 1 55 LEU 55 55  55  LEU LEU A . n 
A 1 56 GLN 56 56  56  GLN GLN A . n 
A 1 57 LEU 57 57  57  LEU LEU A . n 
A 1 58 THR 58 58  58  THR THR A . n 
A 1 59 VAL 59 59  59  VAL VAL A . n 
A 1 60 TRP 60 60  60  TRP TRP A . n 
A 1 61 GLY 61 61  61  GLY GLY A . n 
A 1 62 ILE 62 62  62  ILE ILE A . n 
A 1 63 LYS 63 63  63  LYS LYS A . n 
A 1 64 GLN 64 64  64  GLN GLN A . n 
A 1 65 LEU 65 65  65  LEU LEU A . n 
A 1 66 GLN 66 66  66  GLN GLN A . n 
A 1 67 ALA 67 67  67  ALA ALA A . n 
A 1 68 ARG 68 68  68  ARG ARG A . n 
A 1 69 ILE 69 69  69  ILE ILE A . n 
A 1 70 LEU 70 70  70  LEU LEU A . n 
A 1 71 ALA 71 71  71  ALA ALA A . n 
A 1 72 VAL 72 72  72  VAL VAL A . n 
A 1 73 GLU 73 73  73  GLU GLU A . n 
A 1 74 ARG 74 74  74  ARG ARG A . n 
A 1 75 TYR 75 75  75  TYR TYR A . n 
A 1 76 LEU 76 76  76  LEU LEU A . n 
A 1 77 LYS 77 77  77  LYS LYS A . n 
A 1 78 ASP 78 78  78  ASP ASP A . n 
A 1 79 GLN 79 79  79  GLN GLN A . n 
B 2 1  3PA 1  122 122 3PA 3PA C . n 
B 2 2  GGL 2  123 123 GGL GGL C . n 
B 2 3  4BA 3  124 124 4BA 4BA C . n 
B 2 4  ASN 4  125 125 ASN ASN C . n 
B 2 5  ASN 5  126 126 ASN ASN C . n 
B 2 6  TYR 6  127 127 TYR TYR C . n 
B 2 7  THR 7  128 128 THR THR C . n 
B 2 8  SER 8  129 129 SER SER C . n 
B 2 9  LEU 9  130 130 LEU LEU C . n 
B 2 10 ILE 10 131 131 ILE ILE C . n 
B 2 11 HIS 11 132 132 HIS HIS C . n 
B 2 12 SER 12 133 133 SER SER C . n 
B 2 13 LEU 13 134 134 LEU LEU C . n 
B 2 14 ILE 14 135 135 ILE ILE C . n 
B 2 15 GLU 15 136 136 GLU GLU C . n 
B 2 16 GLU 16 137 137 GLU GLU C . n 
B 2 17 SER 17 138 138 SER SER C . n 
B 2 18 GLN 18 139 139 GLN GLN C . n 
B 2 19 ASN 19 140 140 ASN ASN C . n 
B 2 20 GLN 20 141 141 GLN GLN C . n 
B 2 21 GLN 21 142 142 GLN GLN C . n 
B 2 22 GLU 22 143 143 GLU GLU C . n 
B 2 23 LYS 23 144 144 LYS LYS C . n 
B 2 24 ASN 24 145 145 ASN ASN C . n 
B 2 25 GLU 25 146 146 GLU GLU C . n 
B 2 26 GLN 26 147 147 GLN GLN C . n 
B 2 27 GLU 27 148 148 GLU GLU C . n 
B 2 28 LEU 28 149 149 LEU LEU C . n 
B 2 29 LEU 29 150 150 LEU LEU C . n 
B 2 30 GLU 30 151 151 GLU GLU C . n 
B 2 31 LEU 31 152 152 LEU LEU C . n 
B 2 32 ASP 32 153 ?   ?   ?   C . n 
B 2 33 LYS 33 154 ?   ?   ?   C . n 
# 
loop_
_pdbx_unobs_or_zero_occ_atoms.id 
_pdbx_unobs_or_zero_occ_atoms.PDB_model_num 
_pdbx_unobs_or_zero_occ_atoms.polymer_flag 
_pdbx_unobs_or_zero_occ_atoms.occupancy_flag 
_pdbx_unobs_or_zero_occ_atoms.auth_asym_id 
_pdbx_unobs_or_zero_occ_atoms.auth_comp_id 
_pdbx_unobs_or_zero_occ_atoms.auth_seq_id 
_pdbx_unobs_or_zero_occ_atoms.PDB_ins_code 
_pdbx_unobs_or_zero_occ_atoms.auth_atom_id 
_pdbx_unobs_or_zero_occ_atoms.label_alt_id 
_pdbx_unobs_or_zero_occ_atoms.label_asym_id 
_pdbx_unobs_or_zero_occ_atoms.label_comp_id 
_pdbx_unobs_or_zero_occ_atoms.label_seq_id 
_pdbx_unobs_or_zero_occ_atoms.label_atom_id 
1  1 Y 1 A GLU 3   ? CB  ? A GLU 3  CB  
2  1 Y 1 A GLU 3   ? CG  ? A GLU 3  CG  
3  1 Y 1 A GLU 3   ? CD  ? A GLU 3  CD  
4  1 Y 1 A GLU 3   ? OE1 ? A GLU 3  OE1 
5  1 Y 1 A GLU 3   ? OE2 ? A GLU 3  OE2 
6  1 Y 1 A GLU 7   ? CB  ? A GLU 7  CB  
7  1 Y 1 A GLU 7   ? CG  ? A GLU 7  CG  
8  1 Y 1 A GLU 7   ? CD  ? A GLU 7  CD  
9  1 Y 1 A GLU 7   ? OE1 ? A GLU 7  OE1 
10 1 Y 1 A GLU 7   ? OE2 ? A GLU 7  OE2 
11 1 Y 1 A ARG 22  ? CG  ? A ARG 22 CG  
12 1 Y 1 A ARG 22  ? CD  ? A ARG 22 CD  
13 1 Y 1 A ARG 22  ? NE  ? A ARG 22 NE  
14 1 Y 1 A ARG 22  ? CZ  ? A ARG 22 CZ  
15 1 Y 1 A ARG 22  ? NH1 ? A ARG 22 NH1 
16 1 Y 1 A ARG 22  ? NH2 ? A ARG 22 NH2 
17 1 Y 1 C ASN 125 ? CB  ? B ASN 4  CB  
18 1 Y 1 C ASN 125 ? CG  ? B ASN 4  CG  
19 1 Y 1 C ASN 125 ? OD1 ? B ASN 4  OD1 
20 1 Y 1 C ASN 125 ? ND2 ? B ASN 4  ND2 
21 1 Y 1 C LEU 150 ? CG  ? B LEU 29 CG  
22 1 Y 1 C LEU 150 ? CD1 ? B LEU 29 CD1 
23 1 Y 1 C LEU 150 ? CD2 ? B LEU 29 CD2 
# 
loop_
_software.name 
_software.classification 
_software.version 
_software.citation_id 
_software.pdbx_ordinal 
AMoRE     phasing          .   ? 1 
CNS       refinement       0.9 ? 2 
DENZO     'data reduction' .   ? 3 
SCALEPACK 'data scaling'   .   ? 4 
# 
_cell.entry_id           1FAV 
_cell.length_a           35.819 
_cell.length_b           35.819 
_cell.length_c           164.691 
_cell.angle_alpha        90.00 
_cell.angle_beta         90.00 
_cell.angle_gamma        120.00 
_cell.Z_PDB              6 
_cell.pdbx_unique_axis   ? 
_cell.length_a_esd       ? 
_cell.length_b_esd       ? 
_cell.length_c_esd       ? 
_cell.angle_alpha_esd    ? 
_cell.angle_beta_esd     ? 
_cell.angle_gamma_esd    ? 
# 
_symmetry.entry_id                         1FAV 
_symmetry.space_group_name_H-M             'P 3 2 1' 
_symmetry.pdbx_full_space_group_name_H-M   ? 
_symmetry.cell_setting                     ? 
_symmetry.Int_Tables_number                150 
_symmetry.space_group_name_Hall            ? 
# 
_exptl.entry_id          1FAV 
_exptl.method            'X-RAY DIFFRACTION' 
_exptl.crystals_number   1 
# 
_exptl_crystal.id                    1 
_exptl_crystal.density_meas          ? 
_exptl_crystal.density_percent_sol   46.29 
_exptl_crystal.density_Matthews      2.29 
_exptl_crystal.description           ? 
_exptl_crystal.F_000                 ? 
_exptl_crystal.preparation           ? 
# 
_exptl_crystal_grow.crystal_id      1 
_exptl_crystal_grow.method          'VAPOR DIFFUSION, HANGING DROP' 
_exptl_crystal_grow.pH              6.9 
_exptl_crystal_grow.temp            298.0 
_exptl_crystal_grow.temp_details    ? 
_exptl_crystal_grow.pdbx_details    
'25mM PIPES, 0.25M MgAc, 2.5% isopropanol, 10mM Hepes, 37.5mM NaCl, pH 6.9, VAPOR DIFFUSION, HANGING DROP, temperature 298.0K' 
_exptl_crystal_grow.pdbx_pH_range   ? 
# 
_diffrn.id                     1 
_diffrn.ambient_temp           100 
_diffrn.ambient_temp_details   ? 
_diffrn.crystal_id             1 
# 
_diffrn_detector.diffrn_id              1 
_diffrn_detector.detector               'IMAGE PLATE' 
_diffrn_detector.type                   MARRESEARCH 
_diffrn_detector.pdbx_collection_date   1998-09-14 
_diffrn_detector.details                ? 
# 
_diffrn_radiation.diffrn_id                        1 
_diffrn_radiation.wavelength_id                    1 
_diffrn_radiation.monochromator                    ? 
_diffrn_radiation.pdbx_monochromatic_or_laue_m_l   M 
_diffrn_radiation.pdbx_diffrn_protocol             'SINGLE WAVELENGTH' 
_diffrn_radiation.pdbx_scattering_type             x-ray 
# 
_diffrn_radiation_wavelength.id           1 
_diffrn_radiation_wavelength.wavelength   1.54 
_diffrn_radiation_wavelength.wt           1.0 
# 
_diffrn_source.diffrn_id                   1 
_diffrn_source.source                      'ROTATING ANODE' 
_diffrn_source.type                        'ELLIOTT GX-13' 
_diffrn_source.pdbx_wavelength             1.54 
_diffrn_source.pdbx_synchrotron_site       ? 
_diffrn_source.pdbx_synchrotron_beamline   ? 
_diffrn_source.pdbx_wavelength_list        ? 
# 
_reflns.entry_id                     1FAV 
_reflns.observed_criterion_sigma_I   0.0 
_reflns.observed_criterion_sigma_F   0.0 
_reflns.d_resolution_low             15.0 
_reflns.d_resolution_high            3.0 
_reflns.number_obs                   2574 
_reflns.number_all                   2806 
_reflns.percent_possible_obs         88 
_reflns.pdbx_Rmerge_I_obs            0.0720000 
_reflns.pdbx_Rsym_value              ? 
_reflns.pdbx_netI_over_sigmaI        ? 
_reflns.B_iso_Wilson_estimate        ? 
_reflns.pdbx_redundancy              ? 
_reflns.R_free_details               ? 
_reflns.limit_h_max                  ? 
_reflns.limit_h_min                  ? 
_reflns.limit_k_max                  ? 
_reflns.limit_k_min                  ? 
_reflns.limit_l_max                  ? 
_reflns.limit_l_min                  ? 
_reflns.observed_criterion_F_max     ? 
_reflns.observed_criterion_F_min     ? 
_reflns.pdbx_chi_squared             ? 
_reflns.pdbx_scaling_rejects         ? 
_reflns.pdbx_ordinal                 1 
_reflns.pdbx_diffrn_id               1 
# 
_refine.entry_id                                 1FAV 
_refine.ls_number_reflns_obs                     2574 
_refine.ls_number_reflns_all                     2806 
_refine.pdbx_ls_sigma_I                          2.0 
_refine.pdbx_ls_sigma_F                          2.0 
_refine.pdbx_data_cutoff_high_absF               ? 
_refine.pdbx_data_cutoff_low_absF                ? 
_refine.ls_d_res_low                             15.0 
_refine.ls_d_res_high                            3.0 
_refine.ls_percent_reflns_obs                    88 
_refine.ls_R_factor_obs                          0.2400000 
_refine.ls_R_factor_all                          0.2400000 
_refine.ls_R_factor_R_work                       0.2400000 
_refine.ls_R_factor_R_free                       0.2950000 
_refine.ls_R_factor_R_free_error                 ? 
_refine.ls_R_factor_R_free_error_details         ? 
_refine.ls_percent_reflns_R_free                 ? 
_refine.ls_number_reflns_R_free                  398 
_refine.ls_number_parameters                     ? 
_refine.ls_number_restraints                     ? 
_refine.occupancy_min                            ? 
_refine.occupancy_max                            ? 
_refine.B_iso_mean                               ? 
_refine.aniso_B[1][1]                            ? 
_refine.aniso_B[2][2]                            ? 
_refine.aniso_B[3][3]                            ? 
_refine.aniso_B[1][2]                            ? 
_refine.aniso_B[1][3]                            ? 
_refine.aniso_B[2][3]                            ? 
_refine.solvent_model_details                    ? 
_refine.solvent_model_param_ksol                 ? 
_refine.solvent_model_param_bsol                 ? 
_refine.pdbx_ls_cross_valid_method               ? 
_refine.details                                  
;Residue 125 chain C was modelled based on residues 124
and 126.  The occupancy of this residue is 0.00.
;
_refine.pdbx_starting_model                      ? 
_refine.pdbx_method_to_determine_struct          ? 
_refine.pdbx_isotropic_thermal_model             ? 
_refine.pdbx_stereochemistry_target_values       'Engh & Huber' 
_refine.pdbx_stereochem_target_val_spec_case     ? 
_refine.pdbx_R_Free_selection_details            random 
_refine.pdbx_overall_ESU_R_Free                  ? 
_refine.overall_SU_B                             ? 
_refine.ls_redundancy_reflns_obs                 ? 
_refine.B_iso_min                                ? 
_refine.B_iso_max                                ? 
_refine.overall_SU_ML                            ? 
_refine.pdbx_data_cutoff_high_rms_absF           ? 
_refine.correlation_coeff_Fo_to_Fc               ? 
_refine.correlation_coeff_Fo_to_Fc_free          ? 
_refine.overall_SU_R_Cruickshank_DPI             ? 
_refine.overall_SU_R_free                        ? 
_refine.pdbx_refine_id                           'X-RAY DIFFRACTION' 
_refine.pdbx_overall_ESU_R                       ? 
_refine.pdbx_overall_phase_error                 ? 
_refine.pdbx_solvent_vdw_probe_radii             ? 
_refine.pdbx_solvent_ion_probe_radii             ? 
_refine.pdbx_solvent_shrinkage_radii             ? 
_refine.ls_wR_factor_R_free                      ? 
_refine.ls_wR_factor_R_work                      ? 
_refine.overall_FOM_free_R_set                   ? 
_refine.overall_FOM_work_R_set                   ? 
_refine.pdbx_diffrn_id                           1 
_refine.pdbx_TLS_residual_ADP_flag               ? 
_refine.pdbx_overall_SU_R_free_Cruickshank_DPI   ? 
_refine.pdbx_overall_SU_R_Blow_DPI               ? 
_refine.pdbx_overall_SU_R_free_Blow_DPI          ? 
# 
_refine_hist.pdbx_refine_id                   'X-RAY DIFFRACTION' 
_refine_hist.cycle_id                         LAST 
_refine_hist.pdbx_number_atoms_protein        888 
_refine_hist.pdbx_number_atoms_nucleic_acid   0 
_refine_hist.pdbx_number_atoms_ligand         0 
_refine_hist.number_atoms_solvent             0 
_refine_hist.number_atoms_total               888 
_refine_hist.d_res_high                       3.0 
_refine_hist.d_res_low                        15.0 
# 
loop_
_refine_ls_restr.type 
_refine_ls_restr.dev_ideal 
_refine_ls_restr.dev_ideal_target 
_refine_ls_restr.weight 
_refine_ls_restr.number 
_refine_ls_restr.pdbx_refine_id 
_refine_ls_restr.pdbx_restraint_function 
c_bond_d    0.01 ? ? ? 'X-RAY DIFFRACTION' ? 
c_angle_deg 1.6  ? ? ? 'X-RAY DIFFRACTION' ? 
# 
_struct.entry_id                  1FAV 
_struct.title                     
'THE STRUCTURE OF AN HIV-1 SPECIFIC CELL ENTRY INHIBITOR IN COMPLEX WITH THE HIV-1 GP41 TRIMERIC CORE' 
_struct.pdbx_model_details        ? 
_struct.pdbx_CASP_flag            ? 
_struct.pdbx_model_type_details   ? 
# 
_struct_keywords.entry_id        1FAV 
_struct_keywords.pdbx_keywords   'VIRAL PROTEIN' 
_struct_keywords.text            'HIV-1, gp41, inhibitor, Viral protein' 
# 
loop_
_struct_asym.id 
_struct_asym.pdbx_blank_PDB_chainid_flag 
_struct_asym.pdbx_modified 
_struct_asym.entity_id 
_struct_asym.details 
A N N 1 ? 
B N N 2 ? 
# 
loop_
_struct_ref.id 
_struct_ref.db_code 
_struct_ref.db_name 
_struct_ref.entity_id 
_struct_ref.pdbx_db_accession 
_struct_ref.pdbx_align_begin 
_struct_ref.pdbx_seq_one_letter_code 
_struct_ref.pdbx_db_isoform 
1 GCN4_YEAST UNP 1 P03069 1   QLEDKVEELLSKNYHLENEVARLKKLVGE  ? 
2 ENV_HV1BR  UNP 1 P03377 125 NNYTSLIHSLIEESQNQQEKNEQELLELDK ? 
3 ENV_HV1BR  UNP 2 P03377 125 NNYTSLIHSLIEESQNQQEKNEQELLELDK ? 
# 
loop_
_struct_ref_seq.align_id 
_struct_ref_seq.ref_id 
_struct_ref_seq.pdbx_PDB_id_code 
_struct_ref_seq.pdbx_strand_id 
_struct_ref_seq.seq_align_beg 
_struct_ref_seq.pdbx_seq_align_beg_ins_code 
_struct_ref_seq.seq_align_end 
_struct_ref_seq.pdbx_seq_align_end_ins_code 
_struct_ref_seq.pdbx_db_accession 
_struct_ref_seq.db_align_beg 
_struct_ref_seq.pdbx_db_align_beg_ins_code 
_struct_ref_seq.db_align_end 
_struct_ref_seq.pdbx_db_align_end_ins_code 
_struct_ref_seq.pdbx_auth_seq_align_beg 
_struct_ref_seq.pdbx_auth_seq_align_end 
1 1 1FAV A 1  ? 29 ? P03069 252 ? 280 ? 1   29  
2 2 1FAV A 30 ? 79 ? P03377 546 ? 595 ? 30  79  
3 3 1FAV C 4  ? 33 ? P03377 641 ? 670 ? 125 154 
# 
loop_
_struct_ref_seq_dif.align_id 
_struct_ref_seq_dif.pdbx_pdb_id_code 
_struct_ref_seq_dif.mon_id 
_struct_ref_seq_dif.pdbx_pdb_strand_id 
_struct_ref_seq_dif.seq_num 
_struct_ref_seq_dif.pdbx_pdb_ins_code 
_struct_ref_seq_dif.pdbx_seq_db_name 
_struct_ref_seq_dif.pdbx_seq_db_accession_code 
_struct_ref_seq_dif.db_mon_id 
_struct_ref_seq_dif.pdbx_seq_db_seq_num 
_struct_ref_seq_dif.details 
_struct_ref_seq_dif.pdbx_auth_seq_num 
_struct_ref_seq_dif.pdbx_ordinal 
1 1FAV ILE A 2  ? UNP P03069 LEU 253 'engineered mutation' 2   1  
1 1FAV ILE A 6  ? UNP P03069 VAL 257 'engineered mutation' 6   2  
1 1FAV ILE A 9  ? UNP P03069 LEU 260 'engineered mutation' 9   3  
1 1FAV ILE A 13 ? UNP P03069 ASN 264 'engineered mutation' 13  4  
1 1FAV ILE A 16 ? UNP P03069 LEU 267 'engineered mutation' 16  5  
1 1FAV ILE A 20 ? UNP P03069 VAL 271 'engineered mutation' 20  6  
1 1FAV ILE A 23 ? UNP P03069 LEU 274 'engineered mutation' 23  7  
1 1FAV ILE A 27 ? UNP P03069 VAL 278 'engineered mutation' 27  8  
3 1FAV 3PA C 1  ? UNP P03377 ?   ?   conflict              122 9  
3 1FAV GGL C 2  ? UNP P03377 ?   ?   conflict              123 10 
3 1FAV 4BA C 3  ? UNP P03377 ?   ?   conflict              124 11 
# 
_pdbx_struct_assembly.id                   1 
_pdbx_struct_assembly.details              author_and_software_defined_assembly 
_pdbx_struct_assembly.method_details       PISA,PQS 
_pdbx_struct_assembly.oligomeric_details   hexameric 
_pdbx_struct_assembly.oligomeric_count     6 
# 
loop_
_pdbx_struct_assembly_prop.biol_id 
_pdbx_struct_assembly_prop.type 
_pdbx_struct_assembly_prop.value 
_pdbx_struct_assembly_prop.details 
1 'ABSA (A^2)' 17320 ? 
1 MORE         -109  ? 
1 'SSA (A^2)'  16880 ? 
# 
_pdbx_struct_assembly_gen.assembly_id       1 
_pdbx_struct_assembly_gen.oper_expression   1,2,3 
_pdbx_struct_assembly_gen.asym_id_list      A,B 
# 
loop_
_pdbx_struct_oper_list.id 
_pdbx_struct_oper_list.type 
_pdbx_struct_oper_list.name 
_pdbx_struct_oper_list.symmetry_operation 
_pdbx_struct_oper_list.matrix[1][1] 
_pdbx_struct_oper_list.matrix[1][2] 
_pdbx_struct_oper_list.matrix[1][3] 
_pdbx_struct_oper_list.vector[1] 
_pdbx_struct_oper_list.matrix[2][1] 
_pdbx_struct_oper_list.matrix[2][2] 
_pdbx_struct_oper_list.matrix[2][3] 
_pdbx_struct_oper_list.vector[2] 
_pdbx_struct_oper_list.matrix[3][1] 
_pdbx_struct_oper_list.matrix[3][2] 
_pdbx_struct_oper_list.matrix[3][3] 
_pdbx_struct_oper_list.vector[3] 
1 'identity operation'         1_555 x,y,z         1.0000000000 0.0000000000  0.0000000000  0.0000000000 0.0000000000  1.0000000000 0.0000000000  0.0000000000  0.0000000000  0.0000000000  1.0000000000  0.0000000000 
2 'crystal symmetry operation' 2_655 -y+1,x-y,z    0.0867972683 -0.9588528890 0.2703097693  0.1987055177 -0.3460252782 0.2254238914 0.9107417724  -2.8645679228 -0.9342016598 -0.1725839111 -0.3122211597 5.9815640291 
3 'crystal symmetry operation' 3_665 -x+y+1,-x+1,z 0.0867972683 -0.3460252782 -0.9342016598 4.5795270351 -0.9588528890 0.2254238914 -0.1725839111 1.8685931223  0.2703097693  0.9107417724  -0.3122211597 4.4227404822 
# 
_struct_biol.id        1 
_struct_biol.details   ? 
# 
loop_
_struct_conf.conf_type_id 
_struct_conf.id 
_struct_conf.pdbx_PDB_helix_id 
_struct_conf.beg_label_comp_id 
_struct_conf.beg_label_asym_id 
_struct_conf.beg_label_seq_id 
_struct_conf.pdbx_beg_PDB_ins_code 
_struct_conf.end_label_comp_id 
_struct_conf.end_label_asym_id 
_struct_conf.end_label_seq_id 
_struct_conf.pdbx_end_PDB_ins_code 
_struct_conf.beg_auth_comp_id 
_struct_conf.beg_auth_asym_id 
_struct_conf.beg_auth_seq_id 
_struct_conf.end_auth_comp_id 
_struct_conf.end_auth_asym_id 
_struct_conf.end_auth_seq_id 
_struct_conf.pdbx_PDB_helix_class 
_struct_conf.details 
_struct_conf.pdbx_PDB_helix_length 
HELX_P HELX_P1 1 ASP A 4 ? GLN A 79 ? ASP A 4   GLN A 79  1 ? 76 
HELX_P HELX_P2 2 ASN B 5 ? GLU B 30 ? ASN C 126 GLU C 151 1 ? 26 
# 
_struct_conf_type.id          HELX_P 
_struct_conf_type.criteria    ? 
_struct_conf_type.reference   ? 
# 
loop_
_struct_conn.id 
_struct_conn.conn_type_id 
_struct_conn.pdbx_leaving_atom_flag 
_struct_conn.pdbx_PDB_id 
_struct_conn.ptnr1_label_asym_id 
_struct_conn.ptnr1_label_comp_id 
_struct_conn.ptnr1_label_seq_id 
_struct_conn.ptnr1_label_atom_id 
_struct_conn.pdbx_ptnr1_label_alt_id 
_struct_conn.pdbx_ptnr1_PDB_ins_code 
_struct_conn.pdbx_ptnr1_standard_comp_id 
_struct_conn.ptnr1_symmetry 
_struct_conn.ptnr2_label_asym_id 
_struct_conn.ptnr2_label_comp_id 
_struct_conn.ptnr2_label_seq_id 
_struct_conn.ptnr2_label_atom_id 
_struct_conn.pdbx_ptnr2_label_alt_id 
_struct_conn.pdbx_ptnr2_PDB_ins_code 
_struct_conn.ptnr1_auth_asym_id 
_struct_conn.ptnr1_auth_comp_id 
_struct_conn.ptnr1_auth_seq_id 
_struct_conn.ptnr2_auth_asym_id 
_struct_conn.ptnr2_auth_comp_id 
_struct_conn.ptnr2_auth_seq_id 
_struct_conn.ptnr2_symmetry 
_struct_conn.pdbx_ptnr3_label_atom_id 
_struct_conn.pdbx_ptnr3_label_seq_id 
_struct_conn.pdbx_ptnr3_label_comp_id 
_struct_conn.pdbx_ptnr3_label_asym_id 
_struct_conn.pdbx_ptnr3_label_alt_id 
_struct_conn.pdbx_ptnr3_PDB_ins_code 
_struct_conn.details 
_struct_conn.pdbx_dist_value 
_struct_conn.pdbx_value_order 
_struct_conn.pdbx_role 
covale1 covale both ? B 3PA 1 C8A A ? ? 1_555 B GGL 2 N A ? C 3PA 122 C GGL 123 1_555 ? ? ? ? ? ? ? 1.353 ? ? 
covale2 covale both ? B 3PA 1 C8A B ? ? 1_555 B GGL 2 N B ? C 3PA 122 C GGL 123 1_555 ? ? ? ? ? ? ? 1.343 ? ? 
covale3 covale both ? B GGL 2 CD  A ? ? 1_555 B 4BA 3 N A ? C GGL 123 C 4BA 124 1_555 ? ? ? ? ? ? ? 1.330 ? ? 
covale4 covale both ? B GGL 2 CD  B ? ? 1_555 B 4BA 3 N B ? C GGL 123 C 4BA 124 1_555 ? ? ? ? ? ? ? 1.303 ? ? 
covale5 covale both ? B 4BA 3 C   B ? ? 1_555 B ASN 4 N ? ? C 4BA 124 C ASN 125 1_555 ? ? ? ? ? ? ? 1.342 ? ? 
covale6 covale both ? B 4BA 3 C   A ? ? 1_555 B ASN 4 N ? ? C 4BA 124 C ASN 125 1_555 ? ? ? ? ? ? ? 1.320 ? ? 
# 
_struct_conn_type.id          covale 
_struct_conn_type.criteria    ? 
_struct_conn_type.reference   ? 
# 
loop_
_pdbx_modification_feature.ordinal 
_pdbx_modification_feature.label_comp_id 
_pdbx_modification_feature.label_asym_id 
_pdbx_modification_feature.label_seq_id 
_pdbx_modification_feature.label_alt_id 
_pdbx_modification_feature.modified_residue_label_comp_id 
_pdbx_modification_feature.modified_residue_label_asym_id 
_pdbx_modification_feature.modified_residue_label_seq_id 
_pdbx_modification_feature.modified_residue_label_alt_id 
_pdbx_modification_feature.auth_comp_id 
_pdbx_modification_feature.auth_asym_id 
_pdbx_modification_feature.auth_seq_id 
_pdbx_modification_feature.PDB_ins_code 
_pdbx_modification_feature.symmetry 
_pdbx_modification_feature.modified_residue_auth_comp_id 
_pdbx_modification_feature.modified_residue_auth_asym_id 
_pdbx_modification_feature.modified_residue_auth_seq_id 
_pdbx_modification_feature.modified_residue_PDB_ins_code 
_pdbx_modification_feature.modified_residue_symmetry 
_pdbx_modification_feature.comp_id_linking_atom 
_pdbx_modification_feature.modified_residue_id_linking_atom 
_pdbx_modification_feature.modified_residue_id 
_pdbx_modification_feature.ref_pcm_id 
_pdbx_modification_feature.ref_comp_id 
_pdbx_modification_feature.type 
_pdbx_modification_feature.category 
1 3PA B 1 A .   . . . 3PA C 122 ? 1_555 .   . .   . .     .  . ? 1 3PA None 'Non-standard residue' 
2 3PA B 1 B .   . . . 3PA C 122 ? 1_555 .   . .   . .     .  . ? 1 3PA None 'Non-standard residue' 
3 GGL B 2 A .   . . . GGL C 123 ? 1_555 .   . .   . .     .  . ? 1 GGL None 'Non-standard residue' 
4 GGL B 2 B .   . . . GGL C 123 ? 1_555 .   . .   . .     .  . ? 1 GGL None 'Non-standard residue' 
5 4BA B 3 A .   . . . 4BA C 124 ? 1_555 .   . .   . .     .  . ? 1 4BA None 'Non-standard residue' 
6 4BA B 3 B .   . . . 4BA C 124 ? 1_555 .   . .   . .     .  . ? 1 4BA None 'Non-standard residue' 
7 GGL B 2 A 4BA B 3 A GGL C 123 ? 1_555 4BA C 124 ? 1_555 CD N . . .   None 'Non-standard linkage' 
8 GGL B 2 B 4BA B 3 B GGL C 123 ? 1_555 4BA C 124 ? 1_555 CD N . . .   None 'Non-standard linkage' 
# 
_pdbx_entry_details.entry_id                   1FAV 
_pdbx_entry_details.compound_details           ? 
_pdbx_entry_details.source_details             ? 
_pdbx_entry_details.nonpolymer_details         ? 
_pdbx_entry_details.sequence_details           ? 
_pdbx_entry_details.has_ligand_of_interest     ? 
_pdbx_entry_details.has_protein_modification   Y 
# 
loop_
_pdbx_validate_torsion.id 
_pdbx_validate_torsion.PDB_model_num 
_pdbx_validate_torsion.auth_comp_id 
_pdbx_validate_torsion.auth_asym_id 
_pdbx_validate_torsion.auth_seq_id 
_pdbx_validate_torsion.PDB_ins_code 
_pdbx_validate_torsion.label_alt_id 
_pdbx_validate_torsion.phi 
_pdbx_validate_torsion.psi 
1 1 GLU A 3   ? ? -62.95 -90.83 
2 1 ALA A 30  ? ? -73.95 20.45  
3 1 ASN C 125 ? ? -36.18 127.78 
4 1 ASN C 125 ? ? -18.81 127.78 
5 1 ASN C 126 ? ? -97.28 -95.73 
6 1 GLU C 151 ? ? -73.04 49.37  
# 
loop_
_pdbx_unobs_or_zero_occ_residues.id 
_pdbx_unobs_or_zero_occ_residues.PDB_model_num 
_pdbx_unobs_or_zero_occ_residues.polymer_flag 
_pdbx_unobs_or_zero_occ_residues.occupancy_flag 
_pdbx_unobs_or_zero_occ_residues.auth_asym_id 
_pdbx_unobs_or_zero_occ_residues.auth_comp_id 
_pdbx_unobs_or_zero_occ_residues.auth_seq_id 
_pdbx_unobs_or_zero_occ_residues.PDB_ins_code 
_pdbx_unobs_or_zero_occ_residues.label_asym_id 
_pdbx_unobs_or_zero_occ_residues.label_comp_id 
_pdbx_unobs_or_zero_occ_residues.label_seq_id 
1 1 Y 1 A GLN 1   ? A GLN 1  
2 1 Y 0 C ASN 125 ? B ASN 4  
3 1 Y 0 C ASN 126 ? B ASN 5  
4 1 Y 1 C ASP 153 ? B ASP 32 
5 1 Y 1 C LYS 154 ? B LYS 33 
# 
loop_
_chem_comp_atom.comp_id 
_chem_comp_atom.atom_id 
_chem_comp_atom.type_symbol 
_chem_comp_atom.pdbx_aromatic_flag 
_chem_comp_atom.pdbx_stereo_config 
_chem_comp_atom.pdbx_ordinal 
3PA C1A  C N N 1   
3PA C2A  C N N 2   
3PA C3A  C N N 3   
3PA C4A  C N N 4   
3PA C5A  C N N 5   
3PA C6A  C N N 6   
3PA C7A  C N N 7   
3PA C8A  C N N 8   
3PA O9A  O N N 9   
3PA O10  O N N 10  
3PA H11  H N N 11  
3PA H21  H N N 12  
3PA H12  H N N 13  
3PA H22  H N N 14  
3PA HC3  H N N 15  
3PA H14  H N N 16  
3PA H24  H N N 17  
3PA H15  H N N 18  
3PA H25  H N N 19  
3PA H16  H N N 20  
3PA H26  H N N 21  
3PA H17  H N N 22  
3PA H27  H N N 23  
3PA H10  H N N 24  
4BA N    N N N 25  
4BA C5C  C N N 26  
4BA C6C  C N N 27  
4BA C7C  C N N 28  
4BA O8C  O N N 29  
4BA O9C  O N N 30  
4BA C1D  C Y N 31  
4BA C2D  C Y N 32  
4BA C3D  C Y N 33  
4BA C4D  C Y N 34  
4BA C5D  C Y N 35  
4BA C6D  C Y N 36  
4BA C7D  C N N 37  
4BA C    C N N 38  
4BA O    O N N 39  
4BA OXT  O N N 40  
4BA H    H N N 41  
4BA H15  H N N 42  
4BA H25  H N N 43  
4BA H16  H N N 44  
4BA H26  H N N 45  
4BA HO8  H N N 46  
4BA HC2  H N N 47  
4BA HC3  H N N 48  
4BA HC5  H N N 49  
4BA HC6  H N N 50  
4BA H17  H N N 51  
4BA H27  H N N 52  
4BA HXT  H N N 53  
ALA N    N N N 54  
ALA CA   C N S 55  
ALA C    C N N 56  
ALA O    O N N 57  
ALA CB   C N N 58  
ALA OXT  O N N 59  
ALA H    H N N 60  
ALA H2   H N N 61  
ALA HA   H N N 62  
ALA HB1  H N N 63  
ALA HB2  H N N 64  
ALA HB3  H N N 65  
ALA HXT  H N N 66  
ARG N    N N N 67  
ARG CA   C N S 68  
ARG C    C N N 69  
ARG O    O N N 70  
ARG CB   C N N 71  
ARG CG   C N N 72  
ARG CD   C N N 73  
ARG NE   N N N 74  
ARG CZ   C N N 75  
ARG NH1  N N N 76  
ARG NH2  N N N 77  
ARG OXT  O N N 78  
ARG H    H N N 79  
ARG H2   H N N 80  
ARG HA   H N N 81  
ARG HB2  H N N 82  
ARG HB3  H N N 83  
ARG HG2  H N N 84  
ARG HG3  H N N 85  
ARG HD2  H N N 86  
ARG HD3  H N N 87  
ARG HE   H N N 88  
ARG HH11 H N N 89  
ARG HH12 H N N 90  
ARG HH21 H N N 91  
ARG HH22 H N N 92  
ARG HXT  H N N 93  
ASN N    N N N 94  
ASN CA   C N S 95  
ASN C    C N N 96  
ASN O    O N N 97  
ASN CB   C N N 98  
ASN CG   C N N 99  
ASN OD1  O N N 100 
ASN ND2  N N N 101 
ASN OXT  O N N 102 
ASN H    H N N 103 
ASN H2   H N N 104 
ASN HA   H N N 105 
ASN HB2  H N N 106 
ASN HB3  H N N 107 
ASN HD21 H N N 108 
ASN HD22 H N N 109 
ASN HXT  H N N 110 
ASP N    N N N 111 
ASP CA   C N S 112 
ASP C    C N N 113 
ASP O    O N N 114 
ASP CB   C N N 115 
ASP CG   C N N 116 
ASP OD1  O N N 117 
ASP OD2  O N N 118 
ASP OXT  O N N 119 
ASP H    H N N 120 
ASP H2   H N N 121 
ASP HA   H N N 122 
ASP HB2  H N N 123 
ASP HB3  H N N 124 
ASP HD2  H N N 125 
ASP HXT  H N N 126 
GGL N    N N N 127 
GGL CA   C N S 128 
GGL C    C N N 129 
GGL O    O N N 130 
GGL CB   C N N 131 
GGL CG   C N N 132 
GGL CD   C N N 133 
GGL OE1  O N N 134 
GGL OE2  O N N 135 
GGL OXT  O N N 136 
GGL H    H N N 137 
GGL H2   H N N 138 
GGL HA   H N N 139 
GGL HB2  H N N 140 
GGL HB3  H N N 141 
GGL HG2  H N N 142 
GGL HG3  H N N 143 
GGL HE2  H N N 144 
GGL HXT  H N N 145 
GLN N    N N N 146 
GLN CA   C N S 147 
GLN C    C N N 148 
GLN O    O N N 149 
GLN CB   C N N 150 
GLN CG   C N N 151 
GLN CD   C N N 152 
GLN OE1  O N N 153 
GLN NE2  N N N 154 
GLN OXT  O N N 155 
GLN H    H N N 156 
GLN H2   H N N 157 
GLN HA   H N N 158 
GLN HB2  H N N 159 
GLN HB3  H N N 160 
GLN HG2  H N N 161 
GLN HG3  H N N 162 
GLN HE21 H N N 163 
GLN HE22 H N N 164 
GLN HXT  H N N 165 
GLU N    N N N 166 
GLU CA   C N S 167 
GLU C    C N N 168 
GLU O    O N N 169 
GLU CB   C N N 170 
GLU CG   C N N 171 
GLU CD   C N N 172 
GLU OE1  O N N 173 
GLU OE2  O N N 174 
GLU OXT  O N N 175 
GLU H    H N N 176 
GLU H2   H N N 177 
GLU HA   H N N 178 
GLU HB2  H N N 179 
GLU HB3  H N N 180 
GLU HG2  H N N 181 
GLU HG3  H N N 182 
GLU HE2  H N N 183 
GLU HXT  H N N 184 
GLY N    N N N 185 
GLY CA   C N N 186 
GLY C    C N N 187 
GLY O    O N N 188 
GLY OXT  O N N 189 
GLY H    H N N 190 
GLY H2   H N N 191 
GLY HA2  H N N 192 
GLY HA3  H N N 193 
GLY HXT  H N N 194 
HIS N    N N N 195 
HIS CA   C N S 196 
HIS C    C N N 197 
HIS O    O N N 198 
HIS CB   C N N 199 
HIS CG   C Y N 200 
HIS ND1  N Y N 201 
HIS CD2  C Y N 202 
HIS CE1  C Y N 203 
HIS NE2  N Y N 204 
HIS OXT  O N N 205 
HIS H    H N N 206 
HIS H2   H N N 207 
HIS HA   H N N 208 
HIS HB2  H N N 209 
HIS HB3  H N N 210 
HIS HD1  H N N 211 
HIS HD2  H N N 212 
HIS HE1  H N N 213 
HIS HE2  H N N 214 
HIS HXT  H N N 215 
ILE N    N N N 216 
ILE CA   C N S 217 
ILE C    C N N 218 
ILE O    O N N 219 
ILE CB   C N S 220 
ILE CG1  C N N 221 
ILE CG2  C N N 222 
ILE CD1  C N N 223 
ILE OXT  O N N 224 
ILE H    H N N 225 
ILE H2   H N N 226 
ILE HA   H N N 227 
ILE HB   H N N 228 
ILE HG12 H N N 229 
ILE HG13 H N N 230 
ILE HG21 H N N 231 
ILE HG22 H N N 232 
ILE HG23 H N N 233 
ILE HD11 H N N 234 
ILE HD12 H N N 235 
ILE HD13 H N N 236 
ILE HXT  H N N 237 
LEU N    N N N 238 
LEU CA   C N S 239 
LEU C    C N N 240 
LEU O    O N N 241 
LEU CB   C N N 242 
LEU CG   C N N 243 
LEU CD1  C N N 244 
LEU CD2  C N N 245 
LEU OXT  O N N 246 
LEU H    H N N 247 
LEU H2   H N N 248 
LEU HA   H N N 249 
LEU HB2  H N N 250 
LEU HB3  H N N 251 
LEU HG   H N N 252 
LEU HD11 H N N 253 
LEU HD12 H N N 254 
LEU HD13 H N N 255 
LEU HD21 H N N 256 
LEU HD22 H N N 257 
LEU HD23 H N N 258 
LEU HXT  H N N 259 
LYS N    N N N 260 
LYS CA   C N S 261 
LYS C    C N N 262 
LYS O    O N N 263 
LYS CB   C N N 264 
LYS CG   C N N 265 
LYS CD   C N N 266 
LYS CE   C N N 267 
LYS NZ   N N N 268 
LYS OXT  O N N 269 
LYS H    H N N 270 
LYS H2   H N N 271 
LYS HA   H N N 272 
LYS HB2  H N N 273 
LYS HB3  H N N 274 
LYS HG2  H N N 275 
LYS HG3  H N N 276 
LYS HD2  H N N 277 
LYS HD3  H N N 278 
LYS HE2  H N N 279 
LYS HE3  H N N 280 
LYS HZ1  H N N 281 
LYS HZ2  H N N 282 
LYS HZ3  H N N 283 
LYS HXT  H N N 284 
SER N    N N N 285 
SER CA   C N S 286 
SER C    C N N 287 
SER O    O N N 288 
SER CB   C N N 289 
SER OG   O N N 290 
SER OXT  O N N 291 
SER H    H N N 292 
SER H2   H N N 293 
SER HA   H N N 294 
SER HB2  H N N 295 
SER HB3  H N N 296 
SER HG   H N N 297 
SER HXT  H N N 298 
THR N    N N N 299 
THR CA   C N S 300 
THR C    C N N 301 
THR O    O N N 302 
THR CB   C N R 303 
THR OG1  O N N 304 
THR CG2  C N N 305 
THR OXT  O N N 306 
THR H    H N N 307 
THR H2   H N N 308 
THR HA   H N N 309 
THR HB   H N N 310 
THR HG1  H N N 311 
THR HG21 H N N 312 
THR HG22 H N N 313 
THR HG23 H N N 314 
THR HXT  H N N 315 
TRP N    N N N 316 
TRP CA   C N S 317 
TRP C    C N N 318 
TRP O    O N N 319 
TRP CB   C N N 320 
TRP CG   C Y N 321 
TRP CD1  C Y N 322 
TRP CD2  C Y N 323 
TRP NE1  N Y N 324 
TRP CE2  C Y N 325 
TRP CE3  C Y N 326 
TRP CZ2  C Y N 327 
TRP CZ3  C Y N 328 
TRP CH2  C Y N 329 
TRP OXT  O N N 330 
TRP H    H N N 331 
TRP H2   H N N 332 
TRP HA   H N N 333 
TRP HB2  H N N 334 
TRP HB3  H N N 335 
TRP HD1  H N N 336 
TRP HE1  H N N 337 
TRP HE3  H N N 338 
TRP HZ2  H N N 339 
TRP HZ3  H N N 340 
TRP HH2  H N N 341 
TRP HXT  H N N 342 
TYR N    N N N 343 
TYR CA   C N S 344 
TYR C    C N N 345 
TYR O    O N N 346 
TYR CB   C N N 347 
TYR CG   C Y N 348 
TYR CD1  C Y N 349 
TYR CD2  C Y N 350 
TYR CE1  C Y N 351 
TYR CE2  C Y N 352 
TYR CZ   C Y N 353 
TYR OH   O N N 354 
TYR OXT  O N N 355 
TYR H    H N N 356 
TYR H2   H N N 357 
TYR HA   H N N 358 
TYR HB2  H N N 359 
TYR HB3  H N N 360 
TYR HD1  H N N 361 
TYR HD2  H N N 362 
TYR HE1  H N N 363 
TYR HE2  H N N 364 
TYR HH   H N N 365 
TYR HXT  H N N 366 
VAL N    N N N 367 
VAL CA   C N S 368 
VAL C    C N N 369 
VAL O    O N N 370 
VAL CB   C N N 371 
VAL CG1  C N N 372 
VAL CG2  C N N 373 
VAL OXT  O N N 374 
VAL H    H N N 375 
VAL H2   H N N 376 
VAL HA   H N N 377 
VAL HB   H N N 378 
VAL HG11 H N N 379 
VAL HG12 H N N 380 
VAL HG13 H N N 381 
VAL HG21 H N N 382 
VAL HG22 H N N 383 
VAL HG23 H N N 384 
VAL HXT  H N N 385 
# 
loop_
_chem_comp_bond.comp_id 
_chem_comp_bond.atom_id_1 
_chem_comp_bond.atom_id_2 
_chem_comp_bond.value_order 
_chem_comp_bond.pdbx_aromatic_flag 
_chem_comp_bond.pdbx_stereo_config 
_chem_comp_bond.pdbx_ordinal 
3PA C1A C2A  sing N N 1   
3PA C1A C5A  sing N N 2   
3PA C1A H11  sing N N 3   
3PA C1A H21  sing N N 4   
3PA C2A C3A  sing N N 5   
3PA C2A H12  sing N N 6   
3PA C2A H22  sing N N 7   
3PA C3A C4A  sing N N 8   
3PA C3A C6A  sing N N 9   
3PA C3A HC3  sing N N 10  
3PA C4A C5A  sing N N 11  
3PA C4A H14  sing N N 12  
3PA C4A H24  sing N N 13  
3PA C5A H15  sing N N 14  
3PA C5A H25  sing N N 15  
3PA C6A C7A  sing N N 16  
3PA C6A H16  sing N N 17  
3PA C6A H26  sing N N 18  
3PA C7A C8A  sing N N 19  
3PA C7A H17  sing N N 20  
3PA C7A H27  sing N N 21  
3PA C8A O9A  doub N N 22  
3PA C8A O10  sing N N 23  
3PA O10 H10  sing N N 24  
4BA N   C5C  sing N N 25  
4BA N   C7D  sing N N 26  
4BA N   H    sing N N 27  
4BA C5C C6C  sing N N 28  
4BA C5C H15  sing N N 29  
4BA C5C H25  sing N N 30  
4BA C6C C7C  sing N N 31  
4BA C6C H16  sing N N 32  
4BA C6C H26  sing N N 33  
4BA C7C O8C  sing N N 34  
4BA C7C O9C  doub N N 35  
4BA O8C HO8  sing N N 36  
4BA C1D C2D  doub Y N 37  
4BA C1D C6D  sing Y N 38  
4BA C1D C7D  sing N N 39  
4BA C2D C3D  sing Y N 40  
4BA C2D HC2  sing N N 41  
4BA C3D C4D  doub Y N 42  
4BA C3D HC3  sing N N 43  
4BA C4D C5D  sing Y N 44  
4BA C4D C    sing N N 45  
4BA C5D C6D  doub Y N 46  
4BA C5D HC5  sing N N 47  
4BA C6D HC6  sing N N 48  
4BA C7D H17  sing N N 49  
4BA C7D H27  sing N N 50  
4BA C   O    doub N N 51  
4BA C   OXT  sing N N 52  
4BA OXT HXT  sing N N 53  
ALA N   CA   sing N N 54  
ALA N   H    sing N N 55  
ALA N   H2   sing N N 56  
ALA CA  C    sing N N 57  
ALA CA  CB   sing N N 58  
ALA CA  HA   sing N N 59  
ALA C   O    doub N N 60  
ALA C   OXT  sing N N 61  
ALA CB  HB1  sing N N 62  
ALA CB  HB2  sing N N 63  
ALA CB  HB3  sing N N 64  
ALA OXT HXT  sing N N 65  
ARG N   CA   sing N N 66  
ARG N   H    sing N N 67  
ARG N   H2   sing N N 68  
ARG CA  C    sing N N 69  
ARG CA  CB   sing N N 70  
ARG CA  HA   sing N N 71  
ARG C   O    doub N N 72  
ARG C   OXT  sing N N 73  
ARG CB  CG   sing N N 74  
ARG CB  HB2  sing N N 75  
ARG CB  HB3  sing N N 76  
ARG CG  CD   sing N N 77  
ARG CG  HG2  sing N N 78  
ARG CG  HG3  sing N N 79  
ARG CD  NE   sing N N 80  
ARG CD  HD2  sing N N 81  
ARG CD  HD3  sing N N 82  
ARG NE  CZ   sing N N 83  
ARG NE  HE   sing N N 84  
ARG CZ  NH1  sing N N 85  
ARG CZ  NH2  doub N N 86  
ARG NH1 HH11 sing N N 87  
ARG NH1 HH12 sing N N 88  
ARG NH2 HH21 sing N N 89  
ARG NH2 HH22 sing N N 90  
ARG OXT HXT  sing N N 91  
ASN N   CA   sing N N 92  
ASN N   H    sing N N 93  
ASN N   H2   sing N N 94  
ASN CA  C    sing N N 95  
ASN CA  CB   sing N N 96  
ASN CA  HA   sing N N 97  
ASN C   O    doub N N 98  
ASN C   OXT  sing N N 99  
ASN CB  CG   sing N N 100 
ASN CB  HB2  sing N N 101 
ASN CB  HB3  sing N N 102 
ASN CG  OD1  doub N N 103 
ASN CG  ND2  sing N N 104 
ASN ND2 HD21 sing N N 105 
ASN ND2 HD22 sing N N 106 
ASN OXT HXT  sing N N 107 
ASP N   CA   sing N N 108 
ASP N   H    sing N N 109 
ASP N   H2   sing N N 110 
ASP CA  C    sing N N 111 
ASP CA  CB   sing N N 112 
ASP CA  HA   sing N N 113 
ASP C   O    doub N N 114 
ASP C   OXT  sing N N 115 
ASP CB  CG   sing N N 116 
ASP CB  HB2  sing N N 117 
ASP CB  HB3  sing N N 118 
ASP CG  OD1  doub N N 119 
ASP CG  OD2  sing N N 120 
ASP OD2 HD2  sing N N 121 
ASP OXT HXT  sing N N 122 
GGL N   CA   sing N N 123 
GGL N   H    sing N N 124 
GGL N   H2   sing N N 125 
GGL CA  C    sing N N 126 
GGL CA  CB   sing N N 127 
GGL CA  HA   sing N N 128 
GGL C   O    doub N N 129 
GGL C   OXT  sing N N 130 
GGL CB  CG   sing N N 131 
GGL CB  HB2  sing N N 132 
GGL CB  HB3  sing N N 133 
GGL CG  CD   sing N N 134 
GGL CG  HG2  sing N N 135 
GGL CG  HG3  sing N N 136 
GGL CD  OE1  doub N N 137 
GGL CD  OE2  sing N N 138 
GGL OE2 HE2  sing N N 139 
GGL OXT HXT  sing N N 140 
GLN N   CA   sing N N 141 
GLN N   H    sing N N 142 
GLN N   H2   sing N N 143 
GLN CA  C    sing N N 144 
GLN CA  CB   sing N N 145 
GLN CA  HA   sing N N 146 
GLN C   O    doub N N 147 
GLN C   OXT  sing N N 148 
GLN CB  CG   sing N N 149 
GLN CB  HB2  sing N N 150 
GLN CB  HB3  sing N N 151 
GLN CG  CD   sing N N 152 
GLN CG  HG2  sing N N 153 
GLN CG  HG3  sing N N 154 
GLN CD  OE1  doub N N 155 
GLN CD  NE2  sing N N 156 
GLN NE2 HE21 sing N N 157 
GLN NE2 HE22 sing N N 158 
GLN OXT HXT  sing N N 159 
GLU N   CA   sing N N 160 
GLU N   H    sing N N 161 
GLU N   H2   sing N N 162 
GLU CA  C    sing N N 163 
GLU CA  CB   sing N N 164 
GLU CA  HA   sing N N 165 
GLU C   O    doub N N 166 
GLU C   OXT  sing N N 167 
GLU CB  CG   sing N N 168 
GLU CB  HB2  sing N N 169 
GLU CB  HB3  sing N N 170 
GLU CG  CD   sing N N 171 
GLU CG  HG2  sing N N 172 
GLU CG  HG3  sing N N 173 
GLU CD  OE1  doub N N 174 
GLU CD  OE2  sing N N 175 
GLU OE2 HE2  sing N N 176 
GLU OXT HXT  sing N N 177 
GLY N   CA   sing N N 178 
GLY N   H    sing N N 179 
GLY N   H2   sing N N 180 
GLY CA  C    sing N N 181 
GLY CA  HA2  sing N N 182 
GLY CA  HA3  sing N N 183 
GLY C   O    doub N N 184 
GLY C   OXT  sing N N 185 
GLY OXT HXT  sing N N 186 
HIS N   CA   sing N N 187 
HIS N   H    sing N N 188 
HIS N   H2   sing N N 189 
HIS CA  C    sing N N 190 
HIS CA  CB   sing N N 191 
HIS CA  HA   sing N N 192 
HIS C   O    doub N N 193 
HIS C   OXT  sing N N 194 
HIS CB  CG   sing N N 195 
HIS CB  HB2  sing N N 196 
HIS CB  HB3  sing N N 197 
HIS CG  ND1  sing Y N 198 
HIS CG  CD2  doub Y N 199 
HIS ND1 CE1  doub Y N 200 
HIS ND1 HD1  sing N N 201 
HIS CD2 NE2  sing Y N 202 
HIS CD2 HD2  sing N N 203 
HIS CE1 NE2  sing Y N 204 
HIS CE1 HE1  sing N N 205 
HIS NE2 HE2  sing N N 206 
HIS OXT HXT  sing N N 207 
ILE N   CA   sing N N 208 
ILE N   H    sing N N 209 
ILE N   H2   sing N N 210 
ILE CA  C    sing N N 211 
ILE CA  CB   sing N N 212 
ILE CA  HA   sing N N 213 
ILE C   O    doub N N 214 
ILE C   OXT  sing N N 215 
ILE CB  CG1  sing N N 216 
ILE CB  CG2  sing N N 217 
ILE CB  HB   sing N N 218 
ILE CG1 CD1  sing N N 219 
ILE CG1 HG12 sing N N 220 
ILE CG1 HG13 sing N N 221 
ILE CG2 HG21 sing N N 222 
ILE CG2 HG22 sing N N 223 
ILE CG2 HG23 sing N N 224 
ILE CD1 HD11 sing N N 225 
ILE CD1 HD12 sing N N 226 
ILE CD1 HD13 sing N N 227 
ILE OXT HXT  sing N N 228 
LEU N   CA   sing N N 229 
LEU N   H    sing N N 230 
LEU N   H2   sing N N 231 
LEU CA  C    sing N N 232 
LEU CA  CB   sing N N 233 
LEU CA  HA   sing N N 234 
LEU C   O    doub N N 235 
LEU C   OXT  sing N N 236 
LEU CB  CG   sing N N 237 
LEU CB  HB2  sing N N 238 
LEU CB  HB3  sing N N 239 
LEU CG  CD1  sing N N 240 
LEU CG  CD2  sing N N 241 
LEU CG  HG   sing N N 242 
LEU CD1 HD11 sing N N 243 
LEU CD1 HD12 sing N N 244 
LEU CD1 HD13 sing N N 245 
LEU CD2 HD21 sing N N 246 
LEU CD2 HD22 sing N N 247 
LEU CD2 HD23 sing N N 248 
LEU OXT HXT  sing N N 249 
LYS N   CA   sing N N 250 
LYS N   H    sing N N 251 
LYS N   H2   sing N N 252 
LYS CA  C    sing N N 253 
LYS CA  CB   sing N N 254 
LYS CA  HA   sing N N 255 
LYS C   O    doub N N 256 
LYS C   OXT  sing N N 257 
LYS CB  CG   sing N N 258 
LYS CB  HB2  sing N N 259 
LYS CB  HB3  sing N N 260 
LYS CG  CD   sing N N 261 
LYS CG  HG2  sing N N 262 
LYS CG  HG3  sing N N 263 
LYS CD  CE   sing N N 264 
LYS CD  HD2  sing N N 265 
LYS CD  HD3  sing N N 266 
LYS CE  NZ   sing N N 267 
LYS CE  HE2  sing N N 268 
LYS CE  HE3  sing N N 269 
LYS NZ  HZ1  sing N N 270 
LYS NZ  HZ2  sing N N 271 
LYS NZ  HZ3  sing N N 272 
LYS OXT HXT  sing N N 273 
SER N   CA   sing N N 274 
SER N   H    sing N N 275 
SER N   H2   sing N N 276 
SER CA  C    sing N N 277 
SER CA  CB   sing N N 278 
SER CA  HA   sing N N 279 
SER C   O    doub N N 280 
SER C   OXT  sing N N 281 
SER CB  OG   sing N N 282 
SER CB  HB2  sing N N 283 
SER CB  HB3  sing N N 284 
SER OG  HG   sing N N 285 
SER OXT HXT  sing N N 286 
THR N   CA   sing N N 287 
THR N   H    sing N N 288 
THR N   H2   sing N N 289 
THR CA  C    sing N N 290 
THR CA  CB   sing N N 291 
THR CA  HA   sing N N 292 
THR C   O    doub N N 293 
THR C   OXT  sing N N 294 
THR CB  OG1  sing N N 295 
THR CB  CG2  sing N N 296 
THR CB  HB   sing N N 297 
THR OG1 HG1  sing N N 298 
THR CG2 HG21 sing N N 299 
THR CG2 HG22 sing N N 300 
THR CG2 HG23 sing N N 301 
THR OXT HXT  sing N N 302 
TRP N   CA   sing N N 303 
TRP N   H    sing N N 304 
TRP N   H2   sing N N 305 
TRP CA  C    sing N N 306 
TRP CA  CB   sing N N 307 
TRP CA  HA   sing N N 308 
TRP C   O    doub N N 309 
TRP C   OXT  sing N N 310 
TRP CB  CG   sing N N 311 
TRP CB  HB2  sing N N 312 
TRP CB  HB3  sing N N 313 
TRP CG  CD1  doub Y N 314 
TRP CG  CD2  sing Y N 315 
TRP CD1 NE1  sing Y N 316 
TRP CD1 HD1  sing N N 317 
TRP CD2 CE2  doub Y N 318 
TRP CD2 CE3  sing Y N 319 
TRP NE1 CE2  sing Y N 320 
TRP NE1 HE1  sing N N 321 
TRP CE2 CZ2  sing Y N 322 
TRP CE3 CZ3  doub Y N 323 
TRP CE3 HE3  sing N N 324 
TRP CZ2 CH2  doub Y N 325 
TRP CZ2 HZ2  sing N N 326 
TRP CZ3 CH2  sing Y N 327 
TRP CZ3 HZ3  sing N N 328 
TRP CH2 HH2  sing N N 329 
TRP OXT HXT  sing N N 330 
TYR N   CA   sing N N 331 
TYR N   H    sing N N 332 
TYR N   H2   sing N N 333 
TYR CA  C    sing N N 334 
TYR CA  CB   sing N N 335 
TYR CA  HA   sing N N 336 
TYR C   O    doub N N 337 
TYR C   OXT  sing N N 338 
TYR CB  CG   sing N N 339 
TYR CB  HB2  sing N N 340 
TYR CB  HB3  sing N N 341 
TYR CG  CD1  doub Y N 342 
TYR CG  CD2  sing Y N 343 
TYR CD1 CE1  sing Y N 344 
TYR CD1 HD1  sing N N 345 
TYR CD2 CE2  doub Y N 346 
TYR CD2 HD2  sing N N 347 
TYR CE1 CZ   doub Y N 348 
TYR CE1 HE1  sing N N 349 
TYR CE2 CZ   sing Y N 350 
TYR CE2 HE2  sing N N 351 
TYR CZ  OH   sing N N 352 
TYR OH  HH   sing N N 353 
TYR OXT HXT  sing N N 354 
VAL N   CA   sing N N 355 
VAL N   H    sing N N 356 
VAL N   H2   sing N N 357 
VAL CA  C    sing N N 358 
VAL CA  CB   sing N N 359 
VAL CA  HA   sing N N 360 
VAL C   O    doub N N 361 
VAL C   OXT  sing N N 362 
VAL CB  CG1  sing N N 363 
VAL CB  CG2  sing N N 364 
VAL CB  HB   sing N N 365 
VAL CG1 HG11 sing N N 366 
VAL CG1 HG12 sing N N 367 
VAL CG1 HG13 sing N N 368 
VAL CG2 HG21 sing N N 369 
VAL CG2 HG22 sing N N 370 
VAL CG2 HG23 sing N N 371 
VAL OXT HXT  sing N N 372 
# 
_atom_sites.entry_id                    1FAV 
_atom_sites.fract_transf_matrix[1][1]   -0.01524480 
_atom_sites.fract_transf_matrix[1][2]   -0.02251918 
_atom_sites.fract_transf_matrix[1][3]   0.01731241 
_atom_sites.fract_transf_matrix[2][1]   0.00970389 
_atom_sites.fract_transf_matrix[2][2]   -0.00655360 
_atom_sites.fract_transf_matrix[2][3]   0.03003513 
_atom_sites.fract_transf_matrix[3][1]   -0.00379778 
_atom_sites.fract_transf_matrix[3][2]   0.00422262 
_atom_sites.fract_transf_matrix[3][3]   0.00214837 
_atom_sites.fract_transf_vector[1]      0.623432 
_atom_sites.fract_transf_vector[2]      0.211536 
_atom_sites.fract_transf_vector[3]      0.283656 
# 
loop_
_atom_type.symbol 
C 
N 
O 
# 
loop_
_atom_site.group_PDB 
_atom_site.id 
_atom_site.type_symbol 
_atom_site.label_atom_id 
_atom_site.label_alt_id 
_atom_site.label_comp_id 
_atom_site.label_asym_id 
_atom_site.label_entity_id 
_atom_site.label_seq_id 
_atom_site.pdbx_PDB_ins_code 
_atom_site.Cartn_x 
_atom_site.Cartn_y 
_atom_site.Cartn_z 
_atom_site.occupancy 
_atom_site.B_iso_or_equiv 
_atom_site.pdbx_formal_charge 
_atom_site.auth_seq_id 
_atom_site.auth_comp_id 
_atom_site.auth_asym_id 
_atom_site.auth_atom_id 
_atom_site.pdbx_PDB_model_num 
ATOM   1   N N   . ILE A 1 2  ? 41.060  -40.248 -11.884 1.00 60.62  ? 2   ILE A N   1 
ATOM   2   C CA  . ILE A 1 2  ? 39.844  -40.229 -12.752 1.00 65.92  ? 2   ILE A CA  1 
ATOM   3   C C   . ILE A 1 2  ? 38.692  -40.987 -12.092 1.00 69.46  ? 2   ILE A C   1 
ATOM   4   O O   . ILE A 1 2  ? 37.529  -40.608 -12.249 1.00 72.14  ? 2   ILE A O   1 
ATOM   5   C CB  . ILE A 1 2  ? 40.123  -40.858 -14.143 1.00 62.53  ? 2   ILE A CB  1 
ATOM   6   C CG1 . ILE A 1 2  ? 41.283  -40.122 -14.837 1.00 60.89  ? 2   ILE A CG1 1 
ATOM   7   C CG2 . ILE A 1 2  ? 38.852  -40.824 -14.999 1.00 61.68  ? 2   ILE A CG2 1 
ATOM   8   C CD1 . ILE A 1 2  ? 41.075  -38.620 -15.054 1.00 56.70  ? 2   ILE A CD1 1 
ATOM   9   N N   . GLU A 1 3  ? 39.024  -42.052 -11.357 1.00 72.68  ? 3   GLU A N   1 
ATOM   10  C CA  . GLU A 1 3  ? 38.032  -42.871 -10.649 1.00 74.14  ? 3   GLU A CA  1 
ATOM   11  C C   . GLU A 1 3  ? 37.291  -42.062 -9.574  1.00 75.78  ? 3   GLU A C   1 
ATOM   12  O O   . GLU A 1 3  ? 36.261  -41.453 -9.856  1.00 77.76  ? 3   GLU A O   1 
ATOM   13  N N   . ASP A 1 4  ? 37.804  -42.057 -8.343  1.00 75.44  ? 4   ASP A N   1 
ATOM   14  C CA  . ASP A 1 4  ? 37.158  -41.291 -7.274  1.00 74.12  ? 4   ASP A CA  1 
ATOM   15  C C   . ASP A 1 4  ? 37.292  -39.788 -7.542  1.00 75.27  ? 4   ASP A C   1 
ATOM   16  O O   . ASP A 1 4  ? 36.802  -38.960 -6.774  1.00 77.84  ? 4   ASP A O   1 
ATOM   17  C CB  . ASP A 1 4  ? 37.735  -41.649 -5.888  1.00 73.28  ? 4   ASP A CB  1 
ATOM   18  C CG  . ASP A 1 4  ? 39.220  -41.338 -5.756  1.00 73.26  ? 4   ASP A CG  1 
ATOM   19  O OD1 . ASP A 1 4  ? 39.634  -40.230 -6.152  1.00 72.90  ? 4   ASP A OD1 1 
ATOM   20  O OD2 . ASP A 1 4  ? 39.971  -42.196 -5.235  1.00 72.71  ? 4   ASP A OD2 1 
ATOM   21  N N   . LYS A 1 5  ? 37.960  -39.441 -8.641  1.00 74.88  ? 5   LYS A N   1 
ATOM   22  C CA  . LYS A 1 5  ? 38.118  -38.043 -9.033  1.00 72.44  ? 5   LYS A CA  1 
ATOM   23  C C   . LYS A 1 5  ? 36.744  -37.531 -9.481  1.00 72.46  ? 5   LYS A C   1 
ATOM   24  O O   . LYS A 1 5  ? 36.223  -36.572 -8.910  1.00 71.70  ? 5   LYS A O   1 
ATOM   25  C CB  . LYS A 1 5  ? 39.132  -37.914 -10.181 1.00 72.10  ? 5   LYS A CB  1 
ATOM   26  C CG  . LYS A 1 5  ? 39.165  -36.539 -10.823 1.00 67.68  ? 5   LYS A CG  1 
ATOM   27  C CD  . LYS A 1 5  ? 39.367  -35.478 -9.775  1.00 70.01  ? 5   LYS A CD  1 
ATOM   28  C CE  . LYS A 1 5  ? 39.033  -34.112 -10.321 1.00 76.03  ? 5   LYS A CE  1 
ATOM   29  N NZ  . LYS A 1 5  ? 39.122  -33.066 -9.259  1.00 83.38  ? 5   LYS A NZ  1 
ATOM   30  N N   . ILE A 1 6  ? 36.157  -38.186 -10.487 1.00 71.68  ? 6   ILE A N   1 
ATOM   31  C CA  . ILE A 1 6  ? 34.840  -37.793 -10.994 1.00 69.69  ? 6   ILE A CA  1 
ATOM   32  C C   . ILE A 1 6  ? 33.773  -38.212 -9.999  1.00 65.52  ? 6   ILE A C   1 
ATOM   33  O O   . ILE A 1 6  ? 32.586  -38.228 -10.319 1.00 65.56  ? 6   ILE A O   1 
ATOM   34  C CB  . ILE A 1 6  ? 34.505  -38.438 -12.380 1.00 70.97  ? 6   ILE A CB  1 
ATOM   35  C CG1 . ILE A 1 6  ? 34.174  -39.921 -12.219 1.00 71.61  ? 6   ILE A CG1 1 
ATOM   36  C CG2 . ILE A 1 6  ? 35.671  -38.261 -13.342 1.00 71.81  ? 6   ILE A CG2 1 
ATOM   37  C CD1 . ILE A 1 6  ? 33.682  -40.575 -13.501 1.00 71.90  ? 6   ILE A CD1 1 
ATOM   38  N N   . GLU A 1 7  ? 34.214  -38.564 -8.797  1.00 62.99  ? 7   GLU A N   1 
ATOM   39  C CA  . GLU A 1 7  ? 33.321  -38.973 -7.725  1.00 60.10  ? 7   GLU A CA  1 
ATOM   40  C C   . GLU A 1 7  ? 33.081  -37.718 -6.917  1.00 60.48  ? 7   GLU A C   1 
ATOM   41  O O   . GLU A 1 7  ? 31.956  -37.412 -6.541  1.00 64.48  ? 7   GLU A O   1 
ATOM   42  N N   . GLU A 1 8  ? 34.156  -36.984 -6.660  1.00 60.44  ? 8   GLU A N   1 
ATOM   43  C CA  . GLU A 1 8  ? 34.051  -35.745 -5.916  1.00 61.38  ? 8   GLU A CA  1 
ATOM   44  C C   . GLU A 1 8  ? 33.114  -34.837 -6.695  1.00 59.90  ? 8   GLU A C   1 
ATOM   45  O O   . GLU A 1 8  ? 32.336  -34.090 -6.110  1.00 60.82  ? 8   GLU A O   1 
ATOM   46  C CB  . GLU A 1 8  ? 35.425  -35.086 -5.781  1.00 68.71  ? 8   GLU A CB  1 
ATOM   47  C CG  . GLU A 1 8  ? 35.380  -33.660 -5.252  1.00 79.00  ? 8   GLU A CG  1 
ATOM   48  C CD  . GLU A 1 8  ? 35.950  -32.652 -6.241  1.00 84.96  ? 8   GLU A CD  1 
ATOM   49  O OE1 . GLU A 1 8  ? 37.184  -32.642 -6.442  1.00 87.31  ? 8   GLU A OE1 1 
ATOM   50  O OE2 . GLU A 1 8  ? 35.164  -31.873 -6.824  1.00 87.67  ? 8   GLU A OE2 1 
ATOM   51  N N   . ILE A 1 9  ? 33.190  -34.908 -8.021  1.00 56.78  ? 9   ILE A N   1 
ATOM   52  C CA  . ILE A 1 9  ? 32.332  -34.092 -8.870  1.00 53.40  ? 9   ILE A CA  1 
ATOM   53  C C   . ILE A 1 9  ? 30.892  -34.428 -8.532  1.00 49.69  ? 9   ILE A C   1 
ATOM   54  O O   . ILE A 1 9  ? 30.111  -33.555 -8.157  1.00 51.34  ? 9   ILE A O   1 
ATOM   55  C CB  . ILE A 1 9  ? 32.582  -34.370 -10.372 1.00 53.63  ? 9   ILE A CB  1 
ATOM   56  C CG1 . ILE A 1 9  ? 34.016  -33.983 -10.733 1.00 55.28  ? 9   ILE A CG1 1 
ATOM   57  C CG2 . ILE A 1 9  ? 31.608  -33.575 -11.229 1.00 51.45  ? 9   ILE A CG2 1 
ATOM   58  C CD1 . ILE A 1 9  ? 34.401  -34.315 -12.152 1.00 53.73  ? 9   ILE A CD1 1 
ATOM   59  N N   . LEU A 1 10 ? 30.555  -35.707 -8.641  1.00 46.39  ? 10  LEU A N   1 
ATOM   60  C CA  . LEU A 1 10 ? 29.204  -36.172 -8.354  1.00 45.63  ? 10  LEU A CA  1 
ATOM   61  C C   . LEU A 1 10 ? 28.677  -35.661 -7.011  1.00 43.77  ? 10  LEU A C   1 
ATOM   62  O O   . LEU A 1 10 ? 27.518  -35.238 -6.903  1.00 43.35  ? 10  LEU A O   1 
ATOM   63  C CB  . LEU A 1 10 ? 29.158  -37.708 -8.386  1.00 44.65  ? 10  LEU A CB  1 
ATOM   64  C CG  . LEU A 1 10 ? 29.311  -38.478 -9.712  1.00 44.52  ? 10  LEU A CG  1 
ATOM   65  C CD1 . LEU A 1 10 ? 29.131  -39.971 -9.444  1.00 42.67  ? 10  LEU A CD1 1 
ATOM   66  C CD2 . LEU A 1 10 ? 28.279  -38.007 -10.739 1.00 40.55  ? 10  LEU A CD2 1 
ATOM   67  N N   . SER A 1 11 ? 29.528  -35.691 -5.989  1.00 43.58  ? 11  SER A N   1 
ATOM   68  C CA  . SER A 1 11 ? 29.115  -35.240 -4.662  1.00 44.59  ? 11  SER A CA  1 
ATOM   69  C C   . SER A 1 11 ? 28.699  -33.779 -4.673  1.00 42.25  ? 11  SER A C   1 
ATOM   70  O O   . SER A 1 11 ? 27.624  -33.437 -4.196  1.00 39.21  ? 11  SER A O   1 
ATOM   71  C CB  . SER A 1 11 ? 30.236  -35.439 -3.639  1.00 47.97  ? 11  SER A CB  1 
ATOM   72  O OG  . SER A 1 11 ? 29.816  -34.989 -2.361  1.00 45.73  ? 11  SER A OG  1 
ATOM   73  N N   . LYS A 1 12 ? 29.560  -32.924 -5.217  1.00 44.61  ? 12  LYS A N   1 
ATOM   74  C CA  . LYS A 1 12 ? 29.274  -31.501 -5.295  1.00 46.82  ? 12  LYS A CA  1 
ATOM   75  C C   . LYS A 1 12 ? 27.974  -31.280 -6.033  1.00 46.80  ? 12  LYS A C   1 
ATOM   76  O O   . LYS A 1 12 ? 27.161  -30.459 -5.623  1.00 50.46  ? 12  LYS A O   1 
ATOM   77  C CB  . LYS A 1 12 ? 30.397  -30.762 -6.013  1.00 50.67  ? 12  LYS A CB  1 
ATOM   78  C CG  . LYS A 1 12 ? 31.663  -30.623 -5.193  1.00 54.59  ? 12  LYS A CG  1 
ATOM   79  C CD  . LYS A 1 12 ? 32.669  -29.745 -5.915  1.00 58.53  ? 12  LYS A CD  1 
ATOM   80  C CE  . LYS A 1 12 ? 33.908  -29.493 -5.077  1.00 61.43  ? 12  LYS A CE  1 
ATOM   81  N NZ  . LYS A 1 12 ? 34.884  -28.612 -5.790  1.00 64.36  ? 12  LYS A NZ  1 
ATOM   82  N N   . ILE A 1 13 ? 27.782  -32.012 -7.128  1.00 45.74  ? 13  ILE A N   1 
ATOM   83  C CA  . ILE A 1 13 ? 26.556  -31.895 -7.900  1.00 42.62  ? 13  ILE A CA  1 
ATOM   84  C C   . ILE A 1 13 ? 25.350  -32.362 -7.099  1.00 46.13  ? 13  ILE A C   1 
ATOM   85  O O   . ILE A 1 13 ? 24.281  -31.762 -7.191  1.00 46.09  ? 13  ILE A O   1 
ATOM   86  C CB  . ILE A 1 13 ? 26.642  -32.675 -9.214  1.00 35.88  ? 13  ILE A CB  1 
ATOM   87  C CG1 . ILE A 1 13 ? 27.407  -31.835 -10.236 1.00 39.23  ? 13  ILE A CG1 1 
ATOM   88  C CG2 . ILE A 1 13 ? 25.257  -32.998 -9.726  1.00 32.52  ? 13  ILE A CG2 1 
ATOM   89  C CD1 . ILE A 1 13 ? 27.462  -32.443 -11.615 1.00 40.74  ? 13  ILE A CD1 1 
ATOM   90  N N   . TYR A 1 14 ? 25.504  -33.424 -6.316  1.00 48.12  ? 14  TYR A N   1 
ATOM   91  C CA  . TYR A 1 14 ? 24.385  -33.877 -5.500  1.00 51.44  ? 14  TYR A CA  1 
ATOM   92  C C   . TYR A 1 14 ? 23.971  -32.748 -4.541  1.00 55.34  ? 14  TYR A C   1 
ATOM   93  O O   . TYR A 1 14 ? 22.827  -32.282 -4.568  1.00 57.85  ? 14  TYR A O   1 
ATOM   94  C CB  . TYR A 1 14 ? 24.755  -35.112 -4.676  1.00 49.56  ? 14  TYR A CB  1 
ATOM   95  C CG  . TYR A 1 14 ? 23.595  -35.617 -3.835  1.00 52.89  ? 14  TYR A CG  1 
ATOM   96  C CD1 . TYR A 1 14 ? 22.455  -36.152 -4.444  1.00 54.34  ? 14  TYR A CD1 1 
ATOM   97  C CD2 . TYR A 1 14 ? 23.613  -35.529 -2.439  1.00 50.84  ? 14  TYR A CD2 1 
ATOM   98  C CE1 . TYR A 1 14 ? 21.358  -36.588 -3.693  1.00 49.17  ? 14  TYR A CE1 1 
ATOM   99  C CE2 . TYR A 1 14 ? 22.517  -35.964 -1.675  1.00 47.67  ? 14  TYR A CE2 1 
ATOM   100 C CZ  . TYR A 1 14 ? 21.393  -36.491 -2.317  1.00 47.12  ? 14  TYR A CZ  1 
ATOM   101 O OH  . TYR A 1 14 ? 20.299  -36.909 -1.598  1.00 43.19  ? 14  TYR A OH  1 
ATOM   102 N N   . HIS A 1 15 ? 24.913  -32.321 -3.697  1.00 57.64  ? 15  HIS A N   1 
ATOM   103 C CA  . HIS A 1 15 ? 24.685  -31.256 -2.721  1.00 56.27  ? 15  HIS A CA  1 
ATOM   104 C C   . HIS A 1 15 ? 24.080  -30.060 -3.430  1.00 56.89  ? 15  HIS A C   1 
ATOM   105 O O   . HIS A 1 15 ? 23.137  -29.439 -2.936  1.00 55.80  ? 15  HIS A O   1 
ATOM   106 C CB  . HIS A 1 15 ? 26.004  -30.812 -2.083  1.00 58.27  ? 15  HIS A CB  1 
ATOM   107 C CG  . HIS A 1 15 ? 26.798  -31.930 -1.486  1.00 65.60  ? 15  HIS A CG  1 
ATOM   108 N ND1 . HIS A 1 15 ? 28.108  -31.777 -1.086  1.00 68.12  ? 15  HIS A ND1 1 
ATOM   109 C CD2 . HIS A 1 15 ? 26.471  -33.218 -1.225  1.00 70.23  ? 15  HIS A CD2 1 
ATOM   110 C CE1 . HIS A 1 15 ? 28.556  -32.924 -0.606  1.00 73.68  ? 15  HIS A CE1 1 
ATOM   111 N NE2 . HIS A 1 15 ? 27.583  -33.815 -0.680  1.00 73.70  ? 15  HIS A NE2 1 
ATOM   112 N N   . ILE A 1 16 ? 24.643  -29.745 -4.594  1.00 55.60  ? 16  ILE A N   1 
ATOM   113 C CA  . ILE A 1 16 ? 24.191  -28.614 -5.387  1.00 54.19  ? 16  ILE A CA  1 
ATOM   114 C C   . ILE A 1 16 ? 22.722  -28.723 -5.730  1.00 57.03  ? 16  ILE A C   1 
ATOM   115 O O   . ILE A 1 16 ? 21.937  -27.852 -5.363  1.00 60.61  ? 16  ILE A O   1 
ATOM   116 C CB  . ILE A 1 16 ? 25.042  -28.455 -6.678  1.00 50.46  ? 16  ILE A CB  1 
ATOM   117 C CG1 . ILE A 1 16 ? 26.333  -27.698 -6.332  1.00 45.02  ? 16  ILE A CG1 1 
ATOM   118 C CG2 . ILE A 1 16 ? 24.234  -27.754 -7.771  1.00 44.37  ? 16  ILE A CG2 1 
ATOM   119 C CD1 . ILE A 1 16 ? 27.235  -27.387 -7.505  1.00 46.88  ? 16  ILE A CD1 1 
ATOM   120 N N   . GLU A 1 17 ? 22.344  -29.793 -6.417  1.00 58.41  ? 17  GLU A N   1 
ATOM   121 C CA  . GLU A 1 17 ? 20.952  -29.970 -6.784  1.00 58.87  ? 17  GLU A CA  1 
ATOM   122 C C   . GLU A 1 17 ? 20.080  -29.835 -5.554  1.00 56.74  ? 17  GLU A C   1 
ATOM   123 O O   . GLU A 1 17 ? 18.968  -29.331 -5.637  1.00 54.27  ? 17  GLU A O   1 
ATOM   124 C CB  . GLU A 1 17 ? 20.736  -31.334 -7.434  1.00 63.99  ? 17  GLU A CB  1 
ATOM   125 C CG  . GLU A 1 17 ? 21.561  -31.548 -8.692  1.00 66.18  ? 17  GLU A CG  1 
ATOM   126 C CD  . GLU A 1 17 ? 21.245  -32.857 -9.376  1.00 69.40  ? 17  GLU A CD  1 
ATOM   127 O OE1 . GLU A 1 17 ? 21.146  -33.881 -8.668  1.00 68.44  ? 17  GLU A OE1 1 
ATOM   128 O OE2 . GLU A 1 17 ? 21.103  -32.861 -10.617 1.00 73.72  ? 17  GLU A OE2 1 
ATOM   129 N N   . ASN A 1 18 ? 20.590  -30.280 -4.411  1.00 58.57  ? 18  ASN A N   1 
ATOM   130 C CA  . ASN A 1 18 ? 19.842  -30.184 -3.161  1.00 62.81  ? 18  ASN A CA  1 
ATOM   131 C C   . ASN A 1 18 ? 19.696  -28.728 -2.728  1.00 66.57  ? 18  ASN A C   1 
ATOM   132 O O   . ASN A 1 18 ? 18.640  -28.322 -2.232  1.00 67.92  ? 18  ASN A O   1 
ATOM   133 C CB  . ASN A 1 18 ? 20.535  -30.970 -2.046  1.00 56.25  ? 18  ASN A CB  1 
ATOM   134 C CG  . ASN A 1 18 ? 20.614  -32.441 -2.344  1.00 48.02  ? 18  ASN A CG  1 
ATOM   135 O OD1 . ASN A 1 18 ? 19.606  -33.074 -2.651  1.00 42.50  ? 18  ASN A OD1 1 
ATOM   136 N ND2 . ASN A 1 18 ? 21.816  -32.999 -2.255  1.00 43.74  ? 18  ASN A ND2 1 
ATOM   137 N N   . GLU A 1 19 ? 20.756  -27.944 -2.910  1.00 69.02  ? 19  GLU A N   1 
ATOM   138 C CA  . GLU A 1 19 ? 20.716  -26.533 -2.536  1.00 69.79  ? 19  GLU A CA  1 
ATOM   139 C C   . GLU A 1 19 ? 19.757  -25.788 -3.455  1.00 65.49  ? 19  GLU A C   1 
ATOM   140 O O   . GLU A 1 19 ? 18.978  -24.939 -3.007  1.00 66.42  ? 19  GLU A O   1 
ATOM   141 C CB  . GLU A 1 19 ? 22.116  -25.909 -2.615  1.00 74.06  ? 19  GLU A CB  1 
ATOM   142 C CG  . GLU A 1 19 ? 23.119  -26.466 -1.600  1.00 83.41  ? 19  GLU A CG  1 
ATOM   143 C CD  . GLU A 1 19 ? 22.537  -26.611 -0.201  1.00 89.17  ? 19  GLU A CD  1 
ATOM   144 O OE1 . GLU A 1 19 ? 21.883  -27.642 0.069   1.00 91.18  ? 19  GLU A OE1 1 
ATOM   145 O OE2 . GLU A 1 19 ? 22.726  -25.691 0.625   1.00 92.81  ? 19  GLU A OE2 1 
ATOM   146 N N   . ILE A 1 20 ? 19.817  -26.118 -4.739  1.00 58.00  ? 20  ILE A N   1 
ATOM   147 C CA  . ILE A 1 20 ? 18.950  -25.495 -5.731  1.00 53.95  ? 20  ILE A CA  1 
ATOM   148 C C   . ILE A 1 20 ? 17.504  -25.981 -5.524  1.00 58.11  ? 20  ILE A C   1 
ATOM   149 O O   . ILE A 1 20 ? 16.556  -25.430 -6.082  1.00 55.99  ? 20  ILE A O   1 
ATOM   150 C CB  . ILE A 1 20 ? 19.492  -25.808 -7.156  1.00 47.14  ? 20  ILE A CB  1 
ATOM   151 C CG1 . ILE A 1 20 ? 20.864  -25.150 -7.303  1.00 45.55  ? 20  ILE A CG1 1 
ATOM   152 C CG2 . ILE A 1 20 ? 18.544  -25.305 -8.242  1.00 39.60  ? 20  ILE A CG2 1 
ATOM   153 C CD1 . ILE A 1 20 ? 21.496  -25.309 -8.654  1.00 49.53  ? 20  ILE A CD1 1 
ATOM   154 N N   . ALA A 1 21 ? 17.341  -26.995 -4.682  1.00 62.06  ? 21  ALA A N   1 
ATOM   155 C CA  . ALA A 1 21 ? 16.021  -27.531 -4.392  1.00 64.26  ? 21  ALA A CA  1 
ATOM   156 C C   . ALA A 1 21 ? 15.262  -26.625 -3.429  1.00 64.11  ? 21  ALA A C   1 
ATOM   157 O O   . ALA A 1 21 ? 14.193  -26.099 -3.760  1.00 63.93  ? 21  ALA A O   1 
ATOM   158 C CB  . ALA A 1 21 ? 16.146  -28.943 -3.793  1.00 66.31  ? 21  ALA A CB  1 
ATOM   159 N N   . ARG A 1 22 ? 15.837  -26.436 -2.243  1.00 62.89  ? 22  ARG A N   1 
ATOM   160 C CA  . ARG A 1 22 ? 15.210  -25.622 -1.203  1.00 57.98  ? 22  ARG A CA  1 
ATOM   161 C C   . ARG A 1 22 ? 15.036  -24.168 -1.634  1.00 46.60  ? 22  ARG A C   1 
ATOM   162 O O   . ARG A 1 22 ? 14.003  -23.538 -1.311  1.00 46.60  ? 22  ARG A O   1 
ATOM   163 C CB  . ARG A 1 22 ? 16.038  -25.645 0.079   1.00 55.18  ? 22  ARG A CB  1 
ATOM   164 N N   . ILE A 1 23 ? 16.030  -23.618 -2.337  1.00 49.80  ? 23  ILE A N   1 
ATOM   165 C CA  . ILE A 1 23 ? 15.942  -22.242 -2.808  1.00 51.24  ? 23  ILE A CA  1 
ATOM   166 C C   . ILE A 1 23 ? 14.724  -22.119 -3.727  1.00 51.79  ? 23  ILE A C   1 
ATOM   167 O O   . ILE A 1 23 ? 14.073  -21.078 -3.790  1.00 50.18  ? 23  ILE A O   1 
ATOM   168 C CB  . ILE A 1 23 ? 17.203  -21.847 -3.581  1.00 52.32  ? 23  ILE A CB  1 
ATOM   169 C CG1 . ILE A 1 23 ? 18.391  -21.803 -2.624  1.00 51.04  ? 23  ILE A CG1 1 
ATOM   170 C CG2 . ILE A 1 23 ? 17.016  -20.504 -4.254  1.00 53.80  ? 23  ILE A CG2 1 
ATOM   171 C CD1 . ILE A 1 23 ? 19.649  -21.246 -3.253  1.00 41.32  ? 23  ILE A CD1 1 
ATOM   172 N N   . LYS A 1 24 ? 14.418  -23.184 -4.454  1.00 55.18  ? 24  LYS A N   1 
ATOM   173 C CA  . LYS A 1 24 ? 13.270  -23.154 -5.343  1.00 56.44  ? 24  LYS A CA  1 
ATOM   174 C C   . LYS A 1 24 ? 11.988  -23.300 -4.538  1.00 56.52  ? 24  LYS A C   1 
ATOM   175 O O   . LYS A 1 24 ? 10.896  -23.284 -5.088  1.00 54.03  ? 24  LYS A O   1 
ATOM   176 C CB  . LYS A 1 24 ? 13.361  -24.278 -6.373  1.00 56.16  ? 24  LYS A CB  1 
ATOM   177 C CG  . LYS A 1 24 ? 13.852  -23.832 -7.737  1.00 57.49  ? 24  LYS A CG  1 
ATOM   178 C CD  . LYS A 1 24 ? 13.919  -25.018 -8.703  1.00 62.33  ? 24  LYS A CD  1 
ATOM   179 C CE  . LYS A 1 24 ? 14.065  -24.567 -10.159 1.00 67.61  ? 24  LYS A CE  1 
ATOM   180 N NZ  . LYS A 1 24 ? 15.207  -23.630 -10.387 1.00 72.41  ? 24  LYS A NZ  1 
ATOM   181 N N   . LYS A 1 25 ? 12.125  -23.447 -3.229  1.00 59.42  ? 25  LYS A N   1 
ATOM   182 C CA  . LYS A 1 25 ? 10.965  -23.597 -2.361  1.00 62.84  ? 25  LYS A CA  1 
ATOM   183 C C   . LYS A 1 25 ? 10.790  -22.349 -1.505  1.00 62.96  ? 25  LYS A C   1 
ATOM   184 O O   . LYS A 1 25 ? 9.669   -21.907 -1.256  1.00 61.59  ? 25  LYS A O   1 
ATOM   185 C CB  . LYS A 1 25 ? 11.127  -24.820 -1.460  1.00 64.01  ? 25  LYS A CB  1 
ATOM   186 C CG  . LYS A 1 25 ? 9.952   -25.780 -1.517  1.00 68.02  ? 25  LYS A CG  1 
ATOM   187 C CD  . LYS A 1 25 ? 9.868   -26.515 -2.862  1.00 70.97  ? 25  LYS A CD  1 
ATOM   188 C CE  . LYS A 1 25 ? 8.797   -27.610 -2.819  1.00 71.94  ? 25  LYS A CE  1 
ATOM   189 N NZ  . LYS A 1 25 ? 8.826   -28.552 -3.980  1.00 66.64  ? 25  LYS A NZ  1 
ATOM   190 N N   . LEU A 1 26 ? 11.910  -21.794 -1.055  1.00 60.92  ? 26  LEU A N   1 
ATOM   191 C CA  . LEU A 1 26 ? 11.908  -20.589 -0.241  1.00 55.61  ? 26  LEU A CA  1 
ATOM   192 C C   . LEU A 1 26 ? 11.428  -19.446 -1.097  1.00 51.02  ? 26  LEU A C   1 
ATOM   193 O O   . LEU A 1 26 ? 10.803  -18.523 -0.612  1.00 50.52  ? 26  LEU A O   1 
ATOM   194 C CB  . LEU A 1 26 ? 13.315  -20.298 0.271   1.00 58.97  ? 26  LEU A CB  1 
ATOM   195 C CG  . LEU A 1 26 ? 13.619  -18.898 0.804   1.00 57.79  ? 26  LEU A CG  1 
ATOM   196 C CD1 . LEU A 1 26 ? 14.645  -18.994 1.930   1.00 58.43  ? 26  LEU A CD1 1 
ATOM   197 C CD2 . LEU A 1 26 ? 14.126  -18.014 -0.333  1.00 59.68  ? 26  LEU A CD2 1 
ATOM   198 N N   . ILE A 1 27 ? 11.740  -19.510 -2.382  1.00 46.62  ? 27  ILE A N   1 
ATOM   199 C CA  . ILE A 1 27 ? 11.307  -18.484 -3.312  1.00 45.68  ? 27  ILE A CA  1 
ATOM   200 C C   . ILE A 1 27 ? 9.819   -18.700 -3.568  1.00 50.14  ? 27  ILE A C   1 
ATOM   201 O O   . ILE A 1 27 ? 9.113   -17.807 -4.030  1.00 51.64  ? 27  ILE A O   1 
ATOM   202 C CB  . ILE A 1 27 ? 12.139  -18.544 -4.616  1.00 37.12  ? 27  ILE A CB  1 
ATOM   203 C CG1 . ILE A 1 27 ? 13.354  -17.644 -4.452  1.00 34.20  ? 27  ILE A CG1 1 
ATOM   204 C CG2 . ILE A 1 27 ? 11.332  -18.097 -5.821  1.00 28.08  ? 27  ILE A CG2 1 
ATOM   205 C CD1 . ILE A 1 27 ? 14.140  -17.481 -5.703  1.00 34.54  ? 27  ILE A CD1 1 
ATOM   206 N N   . GLY A 1 28 ? 9.343   -19.896 -3.246  1.00 53.53  ? 28  GLY A N   1 
ATOM   207 C CA  . GLY A 1 28 ? 7.934   -20.170 -3.409  1.00 58.21  ? 28  GLY A CA  1 
ATOM   208 C C   . GLY A 1 28 ? 7.260   -19.455 -2.256  1.00 61.04  ? 28  GLY A C   1 
ATOM   209 O O   . GLY A 1 28 ? 6.358   -18.643 -2.455  1.00 57.93  ? 28  GLY A O   1 
ATOM   210 N N   . GLU A 1 29 ? 7.726   -19.750 -1.044  1.00 64.72  ? 29  GLU A N   1 
ATOM   211 C CA  . GLU A 1 29 ? 7.192   -19.147 0.179   1.00 66.77  ? 29  GLU A CA  1 
ATOM   212 C C   . GLU A 1 29 ? 7.248   -17.611 0.108   1.00 65.14  ? 29  GLU A C   1 
ATOM   213 O O   . GLU A 1 29 ? 6.256   -16.921 0.339   1.00 62.25  ? 29  GLU A O   1 
ATOM   214 C CB  . GLU A 1 29 ? 7.991   -19.624 1.415   1.00 69.04  ? 29  GLU A CB  1 
ATOM   215 C CG  . GLU A 1 29 ? 8.146   -21.149 1.598   1.00 63.18  ? 29  GLU A CG  1 
ATOM   216 C CD  . GLU A 1 29 ? 8.862   -21.528 2.904   1.00 62.32  ? 29  GLU A CD  1 
ATOM   217 O OE1 . GLU A 1 29 ? 9.895   -20.903 3.243   1.00 57.97  ? 29  GLU A OE1 1 
ATOM   218 O OE2 . GLU A 1 29 ? 8.400   -22.464 3.591   1.00 60.62  ? 29  GLU A OE2 1 
ATOM   219 N N   . ALA A 1 30 ? 8.421   -17.085 -0.218  1.00 65.11  ? 30  ALA A N   1 
ATOM   220 C CA  . ALA A 1 30 ? 8.615   -15.645 -0.309  1.00 67.14  ? 30  ALA A CA  1 
ATOM   221 C C   . ALA A 1 30 ? 7.976   -15.042 -1.550  1.00 66.52  ? 30  ALA A C   1 
ATOM   222 O O   . ALA A 1 30 ? 8.349   -13.955 -1.969  1.00 65.91  ? 30  ALA A O   1 
ATOM   223 C CB  . ALA A 1 30 ? 10.107  -15.320 -0.289  1.00 68.34  ? 30  ALA A CB  1 
ATOM   224 N N   . ARG A 1 31 ? 7.017   -15.737 -2.144  1.00 68.33  ? 31  ARG A N   1 
ATOM   225 C CA  . ARG A 1 31 ? 6.363   -15.217 -3.337  1.00 66.80  ? 31  ARG A CA  1 
ATOM   226 C C   . ARG A 1 31 ? 4.858   -15.111 -3.082  1.00 62.70  ? 31  ARG A C   1 
ATOM   227 O O   . ARG A 1 31 ? 4.155   -14.351 -3.738  1.00 61.64  ? 31  ARG A O   1 
ATOM   228 C CB  . ARG A 1 31 ? 6.690   -16.113 -4.544  1.00 69.72  ? 31  ARG A CB  1 
ATOM   229 C CG  . ARG A 1 31 ? 6.240   -15.569 -5.899  1.00 74.10  ? 31  ARG A CG  1 
ATOM   230 C CD  . ARG A 1 31 ? 4.740   -15.791 -6.123  1.00 85.88  ? 31  ARG A CD  1 
ATOM   231 N NE  . ARG A 1 31 ? 4.221   -15.178 -7.350  1.00 91.28  ? 31  ARG A NE  1 
ATOM   232 C CZ  . ARG A 1 31 ? 2.957   -15.270 -7.767  1.00 91.01  ? 31  ARG A CZ  1 
ATOM   233 N NH1 . ARG A 1 31 ? 2.064   -15.952 -7.060  1.00 92.08  ? 31  ARG A NH1 1 
ATOM   234 N NH2 . ARG A 1 31 ? 2.583   -14.677 -8.893  1.00 90.23  ? 31  ARG A NH2 1 
ATOM   235 N N   . GLN A 1 32 ? 4.359   -15.881 -2.126  1.00 57.53  ? 32  GLN A N   1 
ATOM   236 C CA  . GLN A 1 32 ? 2.955   -15.791 -1.797  1.00 55.07  ? 32  GLN A CA  1 
ATOM   237 C C   . GLN A 1 32 ? 2.881   -14.685 -0.760  1.00 55.65  ? 32  GLN A C   1 
ATOM   238 O O   . GLN A 1 32 ? 1.891   -13.962 -0.659  1.00 58.79  ? 32  GLN A O   1 
ATOM   239 C CB  . GLN A 1 32 ? 2.444   -17.105 -1.230  1.00 61.79  ? 32  GLN A CB  1 
ATOM   240 C CG  . GLN A 1 32 ? 3.287   -17.719 -0.125  1.00 74.09  ? 32  GLN A CG  1 
ATOM   241 C CD  . GLN A 1 32 ? 2.692   -19.026 0.392   1.00 83.04  ? 32  GLN A CD  1 
ATOM   242 O OE1 . GLN A 1 32 ? 1.626   -19.030 1.014   1.00 89.24  ? 32  GLN A OE1 1 
ATOM   243 N NE2 . GLN A 1 32 ? 3.376   -20.143 0.129   1.00 86.53  ? 32  GLN A NE2 1 
ATOM   244 N N   . LEU A 1 33 ? 3.966   -14.545 -0.008  1.00 53.71  ? 33  LEU A N   1 
ATOM   245 C CA  . LEU A 1 33 ? 4.067   -13.514 1.012   1.00 48.69  ? 33  LEU A CA  1 
ATOM   246 C C   . LEU A 1 33 ? 4.123   -12.181 0.301   1.00 47.46  ? 33  LEU A C   1 
ATOM   247 O O   . LEU A 1 33 ? 3.356   -11.265 0.580   1.00 48.56  ? 33  LEU A O   1 
ATOM   248 C CB  . LEU A 1 33 ? 5.346   -13.687 1.811   1.00 46.77  ? 33  LEU A CB  1 
ATOM   249 C CG  . LEU A 1 33 ? 5.638   -12.517 2.747   1.00 46.24  ? 33  LEU A CG  1 
ATOM   250 C CD1 . LEU A 1 33 ? 4.603   -12.487 3.870   1.00 45.80  ? 33  LEU A CD1 1 
ATOM   251 C CD2 . LEU A 1 33 ? 7.031   -12.665 3.308   1.00 49.71  ? 33  LEU A CD2 1 
ATOM   252 N N   . LEU A 1 34 ? 5.065   -12.083 -0.620  1.00 50.27  ? 34  LEU A N   1 
ATOM   253 C CA  . LEU A 1 34 ? 5.228   -10.871 -1.390  1.00 54.59  ? 34  LEU A CA  1 
ATOM   254 C C   . LEU A 1 34 ? 3.882   -10.570 -2.017  1.00 58.18  ? 34  LEU A C   1 
ATOM   255 O O   . LEU A 1 34 ? 3.485   -9.413  -2.145  1.00 61.65  ? 34  LEU A O   1 
ATOM   256 C CB  . LEU A 1 34 ? 6.269   -11.089 -2.478  1.00 49.15  ? 34  LEU A CB  1 
ATOM   257 C CG  . LEU A 1 34 ? 7.206   -9.908  -2.696  1.00 49.73  ? 34  LEU A CG  1 
ATOM   258 C CD1 . LEU A 1 34 ? 8.006   -9.639  -1.427  1.00 45.36  ? 34  LEU A CD1 1 
ATOM   259 C CD2 . LEU A 1 34 ? 8.132   -10.222 -3.841  1.00 52.28  ? 34  LEU A CD2 1 
ATOM   260 N N   . SER A 1 35 ? 3.188   -11.637 -2.401  1.00 61.25  ? 35  SER A N   1 
ATOM   261 C CA  . SER A 1 35 ? 1.877   -11.521 -3.017  1.00 63.83  ? 35  SER A CA  1 
ATOM   262 C C   . SER A 1 35 ? 0.910   -10.904 -2.040  1.00 64.87  ? 35  SER A C   1 
ATOM   263 O O   . SER A 1 35 ? 0.303   -9.887  -2.340  1.00 66.23  ? 35  SER A O   1 
ATOM   264 C CB  . SER A 1 35 ? 1.339   -12.883 -3.441  1.00 64.32  ? 35  SER A CB  1 
ATOM   265 O OG  . SER A 1 35 ? -0.005  -12.752 -3.871  1.00 68.50  ? 35  SER A OG  1 
ATOM   266 N N   . GLY A 1 36 ? 0.770   -11.533 -0.876  1.00 65.75  ? 36  GLY A N   1 
ATOM   267 C CA  . GLY A 1 36 ? -0.124  -11.029 0.153   1.00 65.92  ? 36  GLY A CA  1 
ATOM   268 C C   . GLY A 1 36 ? 0.228   -9.628  0.629   1.00 65.16  ? 36  GLY A C   1 
ATOM   269 O O   . GLY A 1 36 ? -0.646  -8.875  1.068   1.00 66.22  ? 36  GLY A O   1 
ATOM   270 N N   . ILE A 1 37 ? 1.512   -9.281  0.553   1.00 59.71  ? 37  ILE A N   1 
ATOM   271 C CA  . ILE A 1 37 ? 1.987   -7.961  0.957   1.00 52.53  ? 37  ILE A CA  1 
ATOM   272 C C   . ILE A 1 37 ? 1.398   -6.909  0.001   1.00 53.62  ? 37  ILE A C   1 
ATOM   273 O O   . ILE A 1 37 ? 1.007   -5.814  0.426   1.00 51.43  ? 37  ILE A O   1 
ATOM   274 C CB  . ILE A 1 37 ? 3.553   -7.934  0.982   1.00 44.31  ? 37  ILE A CB  1 
ATOM   275 C CG1 . ILE A 1 37 ? 4.043   -8.583  2.284   1.00 35.58  ? 37  ILE A CG1 1 
ATOM   276 C CG2 . ILE A 1 37 ? 4.080   -6.518  0.845   1.00 43.01  ? 37  ILE A CG2 1 
ATOM   277 C CD1 . ILE A 1 37 ? 5.524   -8.382  2.597   1.00 30.36  ? 37  ILE A CD1 1 
ATOM   278 N N   . VAL A 1 38 ? 1.307   -7.268  -1.281  1.00 54.26  ? 38  VAL A N   1 
ATOM   279 C CA  . VAL A 1 38 ? 0.742   -6.380  -2.295  1.00 50.96  ? 38  VAL A CA  1 
ATOM   280 C C   . VAL A 1 38 ? -0.805  -6.326  -2.195  1.00 50.25  ? 38  VAL A C   1 
ATOM   281 O O   . VAL A 1 38 ? -1.405  -5.339  -2.626  1.00 48.30  ? 38  VAL A O   1 
ATOM   282 C CB  . VAL A 1 38 ? 1.194   -6.783  -3.768  1.00 49.30  ? 38  VAL A CB  1 
ATOM   283 C CG1 . VAL A 1 38 ? 0.731   -5.732  -4.767  1.00 46.20  ? 38  VAL A CG1 1 
ATOM   284 C CG2 . VAL A 1 38 ? 2.719   -6.908  -3.855  1.00 47.35  ? 38  VAL A CG2 1 
ATOM   285 N N   . GLN A 1 39 ? -1.477  -7.347  -1.643  1.00 51.43  ? 39  GLN A N   1 
ATOM   286 C CA  . GLN A 1 39 ? -2.932  -7.192  -1.541  1.00 54.87  ? 39  GLN A CA  1 
ATOM   287 C C   . GLN A 1 39 ? -3.266  -6.383  -0.309  1.00 54.27  ? 39  GLN A C   1 
ATOM   288 O O   . GLN A 1 39 ? -4.286  -5.702  -0.291  1.00 59.47  ? 39  GLN A O   1 
ATOM   289 C CB  . GLN A 1 39 ? -3.753  -8.498  -1.472  1.00 58.38  ? 39  GLN A CB  1 
ATOM   290 C CG  . GLN A 1 39 ? -5.223  -8.140  -1.842  1.00 63.52  ? 39  GLN A CG  1 
ATOM   291 C CD  . GLN A 1 39 ? -6.356  -8.994  -1.261  1.00 68.65  ? 39  GLN A CD  1 
ATOM   292 O OE1 . GLN A 1 39 ? -6.151  -10.024 -0.615  1.00 72.76  ? 39  GLN A OE1 1 
ATOM   293 N NE2 . GLN A 1 39 ? -7.585  -8.544  -1.516  1.00 67.32  ? 39  GLN A NE2 1 
ATOM   294 N N   . GLN A 1 40 ? -2.434  -6.436  0.727   1.00 50.12  ? 40  GLN A N   1 
ATOM   295 C CA  . GLN A 1 40 ? -2.784  -5.635  1.885   1.00 44.78  ? 40  GLN A CA  1 
ATOM   296 C C   . GLN A 1 40 ? -2.512  -4.171  1.606   1.00 40.42  ? 40  GLN A C   1 
ATOM   297 O O   . GLN A 1 40 ? -3.289  -3.308  2.020   1.00 46.38  ? 40  GLN A O   1 
ATOM   298 C CB  . GLN A 1 40 ? -2.059  -6.057  3.165   1.00 40.84  ? 40  GLN A CB  1 
ATOM   299 C CG  . GLN A 1 40 ? -2.790  -5.484  4.400   1.00 36.23  ? 40  GLN A CG  1 
ATOM   300 C CD  . GLN A 1 40 ? -2.073  -5.722  5.708   1.00 37.18  ? 40  GLN A CD  1 
ATOM   301 O OE1 . GLN A 1 40 ? -0.905  -5.388  5.847   1.00 40.59  ? 40  GLN A OE1 1 
ATOM   302 N NE2 . GLN A 1 40 ? -2.772  -6.295  6.680   1.00 42.11  ? 40  GLN A NE2 1 
ATOM   303 N N   . GLN A 1 41 ? -1.426  -3.879  0.898   1.00 30.64  ? 41  GLN A N   1 
ATOM   304 C CA  . GLN A 1 41 ? -1.112  -2.499  0.573   1.00 30.63  ? 41  GLN A CA  1 
ATOM   305 C C   . GLN A 1 41 ? -2.340  -1.822  -0.044  1.00 36.37  ? 41  GLN A C   1 
ATOM   306 O O   . GLN A 1 41 ? -2.622  -0.639  0.205   1.00 38.97  ? 41  GLN A O   1 
ATOM   307 C CB  . GLN A 1 41 ? 0.072   -2.439  -0.385  1.00 26.57  ? 41  GLN A CB  1 
ATOM   308 C CG  . GLN A 1 41 ? 1.413   -2.751  0.269   1.00 35.35  ? 41  GLN A CG  1 
ATOM   309 C CD  . GLN A 1 41 ? 2.409   -1.596  0.172   1.00 36.53  ? 41  GLN A CD  1 
ATOM   310 O OE1 . GLN A 1 41 ? 2.898   -1.264  -0.909  1.00 41.66  ? 41  GLN A OE1 1 
ATOM   311 N NE2 . GLN A 1 41 ? 2.708   -0.981  1.307   1.00 38.53  ? 41  GLN A NE2 1 
ATOM   312 N N   . ASN A 1 42 ? -3.091  -2.580  -0.833  1.00 36.66  ? 42  ASN A N   1 
ATOM   313 C CA  . ASN A 1 42 ? -4.293  -2.031  -1.452  1.00 38.89  ? 42  ASN A CA  1 
ATOM   314 C C   . ASN A 1 42 ? -5.390  -1.743  -0.410  1.00 36.20  ? 42  ASN A C   1 
ATOM   315 O O   . ASN A 1 42 ? -6.034  -0.701  -0.460  1.00 37.22  ? 42  ASN A O   1 
ATOM   316 C CB  . ASN A 1 42 ? -4.812  -2.988  -2.539  1.00 40.95  ? 42  ASN A CB  1 
ATOM   317 C CG  . ASN A 1 42 ? -6.056  -2.457  -3.243  1.00 43.98  ? 42  ASN A CG  1 
ATOM   318 O OD1 . ASN A 1 42 ? -6.096  -1.313  -3.714  1.00 46.37  ? 42  ASN A OD1 1 
ATOM   319 N ND2 . ASN A 1 42 ? -7.075  -3.295  -3.324  1.00 47.09  ? 42  ASN A ND2 1 
ATOM   320 N N   . ASN A 1 43 ? -5.586  -2.662  0.532   1.00 31.95  ? 43  ASN A N   1 
ATOM   321 C CA  . ASN A 1 43 ? -6.590  -2.511  1.572   1.00 26.63  ? 43  ASN A CA  1 
ATOM   322 C C   . ASN A 1 43 ? -6.280  -1.262  2.333   1.00 25.31  ? 43  ASN A C   1 
ATOM   323 O O   . ASN A 1 43 ? -7.138  -0.401  2.509   1.00 26.85  ? 43  ASN A O   1 
ATOM   324 C CB  . ASN A 1 43 ? -6.561  -3.687  2.540   1.00 28.94  ? 43  ASN A CB  1 
ATOM   325 C CG  . ASN A 1 43 ? -6.947  -4.991  1.883   1.00 39.20  ? 43  ASN A CG  1 
ATOM   326 O OD1 . ASN A 1 43 ? -8.093  -5.111  1.392   1.00 44.43  ? 43  ASN A OD1 1 
ATOM   327 N ND2 . ASN A 1 43 ? -6.099  -5.904  1.856   1.00 44.63  ? 43  ASN A ND2 1 
ATOM   328 N N   . LEU A 1 44 ? -5.044  -1.168  2.797   1.00 21.34  ? 44  LEU A N   1 
ATOM   329 C CA  . LEU A 1 44 ? -4.642  0.005   3.537   1.00 15.37  ? 44  LEU A CA  1 
ATOM   330 C C   . LEU A 1 44 ? -4.924  1.237   2.688   1.00 17.34  ? 44  LEU A C   1 
ATOM   331 O O   . LEU A 1 44 ? -5.562  2.183   3.170   1.00 19.41  ? 44  LEU A O   1 
ATOM   332 C CB  . LEU A 1 44 ? -3.173  -0.097  3.921   1.00 13.12  ? 44  LEU A CB  1 
ATOM   333 C CG  . LEU A 1 44 ? -2.976  -0.486  5.394   1.00 16.59  ? 44  LEU A CG  1 
ATOM   334 C CD1 . LEU A 1 44 ? -3.858  -1.659  5.820   1.00 13.18  ? 44  LEU A CD1 1 
ATOM   335 C CD2 . LEU A 1 44 ? -1.540  -0.819  5.583   1.00 13.31  ? 44  LEU A CD2 1 
ATOM   336 N N   . LEU A 1 45 ? -4.475  1.223   1.429   1.00 16.22  ? 45  LEU A N   1 
ATOM   337 C CA  . LEU A 1 45 ? -4.734  2.352   0.532   1.00 16.14  ? 45  LEU A CA  1 
ATOM   338 C C   . LEU A 1 45 ? -6.243  2.664   0.511   1.00 19.15  ? 45  LEU A C   1 
ATOM   339 O O   . LEU A 1 45 ? -6.649  3.800   0.760   1.00 19.16  ? 45  LEU A O   1 
ATOM   340 C CB  . LEU A 1 45 ? -4.267  2.039   -0.893  1.00 14.44  ? 45  LEU A CB  1 
ATOM   341 C CG  . LEU A 1 45 ? -4.664  3.006   -2.031  1.00 10.70  ? 45  LEU A CG  1 
ATOM   342 C CD1 . LEU A 1 45 ? -3.808  4.269   -2.000  1.00 6.31   ? 45  LEU A CD1 1 
ATOM   343 C CD2 . LEU A 1 45 ? -4.471  2.311   -3.380  1.00 6.31   ? 45  LEU A CD2 1 
ATOM   344 N N   . ARG A 1 46 ? -7.070  1.654   0.227   1.00 19.49  ? 46  ARG A N   1 
ATOM   345 C CA  . ARG A 1 46 ? -8.529  1.831   0.178   1.00 18.55  ? 46  ARG A CA  1 
ATOM   346 C C   . ARG A 1 46 ? -9.078  2.418   1.461   1.00 18.88  ? 46  ARG A C   1 
ATOM   347 O O   . ARG A 1 46 ? -9.990  3.244   1.425   1.00 12.05  ? 46  ARG A O   1 
ATOM   348 C CB  . ARG A 1 46 ? -9.235  0.503   -0.082  1.00 15.00  ? 46  ARG A CB  1 
ATOM   349 C CG  . ARG A 1 46 ? -9.073  -0.027  -1.475  1.00 18.54  ? 46  ARG A CG  1 
ATOM   350 C CD  . ARG A 1 46 ? -9.358  -1.516  -1.477  1.00 30.79  ? 46  ARG A CD  1 
ATOM   351 N NE  . ARG A 1 46 ? -10.703 -1.835  -1.008  1.00 25.18  ? 46  ARG A NE  1 
ATOM   352 C CZ  . ARG A 1 46 ? -11.081 -3.049  -0.607  1.00 35.07  ? 46  ARG A CZ  1 
ATOM   353 N NH1 . ARG A 1 46 ? -10.212 -4.071  -0.606  1.00 37.46  ? 46  ARG A NH1 1 
ATOM   354 N NH2 . ARG A 1 46 ? -12.340 -3.246  -0.221  1.00 38.85  ? 46  ARG A NH2 1 
ATOM   355 N N   . ALA A 1 47 ? -8.536  1.957   2.588   1.00 21.55  ? 47  ALA A N   1 
ATOM   356 C CA  . ALA A 1 47 ? -8.937  2.437   3.910   1.00 22.24  ? 47  ALA A CA  1 
ATOM   357 C C   . ALA A 1 47 ? -8.593  3.907   3.967   1.00 24.55  ? 47  ALA A C   1 
ATOM   358 O O   . ALA A 1 47 ? -9.401  4.723   4.395   1.00 28.40  ? 47  ALA A O   1 
ATOM   359 C CB  . ALA A 1 47 ? -8.185  1.704   4.998   1.00 18.74  ? 47  ALA A CB  1 
ATOM   360 N N   . ILE A 1 48 ? -7.383  4.243   3.535   1.00 22.02  ? 48  ILE A N   1 
ATOM   361 C CA  . ILE A 1 48 ? -6.974  5.632   3.536   1.00 20.58  ? 48  ILE A CA  1 
ATOM   362 C C   . ILE A 1 48 ? -7.905  6.505   2.675   1.00 19.39  ? 48  ILE A C   1 
ATOM   363 O O   . ILE A 1 48 ? -8.164  7.656   3.008   1.00 15.45  ? 48  ILE A O   1 
ATOM   364 C CB  . ILE A 1 48 ? -5.511  5.760   3.084   1.00 18.94  ? 48  ILE A CB  1 
ATOM   365 C CG1 . ILE A 1 48 ? -4.593  5.307   4.223   1.00 15.52  ? 48  ILE A CG1 1 
ATOM   366 C CG2 . ILE A 1 48 ? -5.216  7.196   2.665   1.00 23.98  ? 48  ILE A CG2 1 
ATOM   367 C CD1 . ILE A 1 48 ? -3.124  5.460   3.932   1.00 21.67  ? 48  ILE A CD1 1 
ATOM   368 N N   . GLU A 1 49 ? -8.432  5.961   1.583   1.00 20.71  ? 49  GLU A N   1 
ATOM   369 C CA  . GLU A 1 49 ? -9.345  6.731   0.745   1.00 20.14  ? 49  GLU A CA  1 
ATOM   370 C C   . GLU A 1 49 ? -10.682 6.930   1.445   1.00 18.18  ? 49  GLU A C   1 
ATOM   371 O O   . GLU A 1 49 ? -11.219 8.035   1.459   1.00 18.36  ? 49  GLU A O   1 
ATOM   372 C CB  . GLU A 1 49 ? -9.591  6.029   -0.582  1.00 23.05  ? 49  GLU A CB  1 
ATOM   373 C CG  . GLU A 1 49 ? -8.344  5.805   -1.376  1.00 37.47  ? 49  GLU A CG  1 
ATOM   374 C CD  . GLU A 1 49 ? -8.625  5.724   -2.848  1.00 41.19  ? 49  GLU A CD  1 
ATOM   375 O OE1 . GLU A 1 49 ? -9.277  6.669   -3.341  1.00 44.64  ? 49  GLU A OE1 1 
ATOM   376 O OE2 . GLU A 1 49 ? -8.199  4.736   -3.499  1.00 38.28  ? 49  GLU A OE2 1 
ATOM   377 N N   . ALA A 1 50 ? -11.220 5.855   2.011   1.00 14.35  ? 50  ALA A N   1 
ATOM   378 C CA  . ALA A 1 50 ? -12.501 5.909   2.706   1.00 17.25  ? 50  ALA A CA  1 
ATOM   379 C C   . ALA A 1 50 ? -12.437 6.932   3.835   1.00 19.17  ? 50  ALA A C   1 
ATOM   380 O O   . ALA A 1 50 ? -13.337 7.756   4.028   1.00 23.66  ? 50  ALA A O   1 
ATOM   381 C CB  . ALA A 1 50 ? -12.846 4.530   3.268   1.00 17.68  ? 50  ALA A CB  1 
ATOM   382 N N   . GLN A 1 51 ? -11.356 6.862   4.586   1.00 19.67  ? 51  GLN A N   1 
ATOM   383 C CA  . GLN A 1 51 ? -11.137 7.759   5.695   1.00 17.11  ? 51  GLN A CA  1 
ATOM   384 C C   . GLN A 1 51 ? -11.186 9.215   5.212   1.00 20.28  ? 51  GLN A C   1 
ATOM   385 O O   . GLN A 1 51 ? -11.947 10.039  5.739   1.00 16.64  ? 51  GLN A O   1 
ATOM   386 C CB  . GLN A 1 51 ? -9.780  7.430   6.293   1.00 12.02  ? 51  GLN A CB  1 
ATOM   387 C CG  . GLN A 1 51 ? -9.734  7.486   7.778   1.00 18.25  ? 51  GLN A CG  1 
ATOM   388 C CD  . GLN A 1 51 ? -8.680  6.557   8.320   1.00 28.07  ? 51  GLN A CD  1 
ATOM   389 O OE1 . GLN A 1 51 ? -7.484  6.705   8.035   1.00 30.88  ? 51  GLN A OE1 1 
ATOM   390 N NE2 . GLN A 1 51 ? -9.114  5.578   9.096   1.00 25.75  ? 51  GLN A NE2 1 
ATOM   391 N N   . GLN A 1 52 ? -10.376 9.520   4.195   1.00 20.38  ? 52  GLN A N   1 
ATOM   392 C CA  . GLN A 1 52 ? -10.309 10.876  3.644   1.00 23.62  ? 52  GLN A CA  1 
ATOM   393 C C   . GLN A 1 52 ? -11.688 11.339  3.210   1.00 25.34  ? 52  GLN A C   1 
ATOM   394 O O   . GLN A 1 52 ? -12.025 12.513  3.332   1.00 24.64  ? 52  GLN A O   1 
ATOM   395 C CB  . GLN A 1 52 ? -9.355  10.939  2.447   1.00 21.77  ? 52  GLN A CB  1 
ATOM   396 C CG  . GLN A 1 52 ? -9.074  12.361  1.959   1.00 20.57  ? 52  GLN A CG  1 
ATOM   397 C CD  . GLN A 1 52 ? -8.563  13.268  3.072   1.00 30.18  ? 52  GLN A CD  1 
ATOM   398 O OE1 . GLN A 1 52 ? -7.785  12.837  3.925   1.00 37.98  ? 52  GLN A OE1 1 
ATOM   399 N NE2 . GLN A 1 52 ? -8.988  14.531  3.061   1.00 25.52  ? 52  GLN A NE2 1 
ATOM   400 N N   . HIS A 1 53 ? -12.481 10.410  2.685   1.00 25.61  ? 53  HIS A N   1 
ATOM   401 C CA  . HIS A 1 53 ? -13.840 10.722  2.254   1.00 25.99  ? 53  HIS A CA  1 
ATOM   402 C C   . HIS A 1 53 ? -14.655 11.194  3.445   1.00 25.88  ? 53  HIS A C   1 
ATOM   403 O O   . HIS A 1 53 ? -15.436 12.137  3.351   1.00 17.91  ? 53  HIS A O   1 
ATOM   404 C CB  . HIS A 1 53 ? -14.509 9.485   1.661   1.00 30.11  ? 53  HIS A CB  1 
ATOM   405 C CG  . HIS A 1 53 ? -14.311 9.344   0.188   1.00 36.36  ? 53  HIS A CG  1 
ATOM   406 N ND1 . HIS A 1 53 ? -15.365 9.249   -0.695  1.00 41.24  ? 53  HIS A ND1 1 
ATOM   407 C CD2 . HIS A 1 53 ? -13.186 9.317   -0.563  1.00 40.50  ? 53  HIS A CD2 1 
ATOM   408 C CE1 . HIS A 1 53 ? -14.898 9.172   -1.927  1.00 46.09  ? 53  HIS A CE1 1 
ATOM   409 N NE2 . HIS A 1 53 ? -13.579 9.212   -1.876  1.00 46.75  ? 53  HIS A NE2 1 
ATOM   410 N N   . LEU A 1 54 ? -14.469 10.516  4.572   1.00 29.86  ? 54  LEU A N   1 
ATOM   411 C CA  . LEU A 1 54 ? -15.177 10.850  5.789   1.00 22.79  ? 54  LEU A CA  1 
ATOM   412 C C   . LEU A 1 54 ? -14.554 12.068  6.432   1.00 18.83  ? 54  LEU A C   1 
ATOM   413 O O   . LEU A 1 54 ? -15.182 12.730  7.240   1.00 25.49  ? 54  LEU A O   1 
ATOM   414 C CB  . LEU A 1 54 ? -15.133 9.671   6.743   1.00 23.71  ? 54  LEU A CB  1 
ATOM   415 C CG  . LEU A 1 54 ? -15.792 9.855   8.097   1.00 20.37  ? 54  LEU A CG  1 
ATOM   416 C CD1 . LEU A 1 54 ? -17.208 10.338  7.911   1.00 23.36  ? 54  LEU A CD1 1 
ATOM   417 C CD2 . LEU A 1 54 ? -15.758 8.529   8.843   1.00 28.76  ? 54  LEU A CD2 1 
ATOM   418 N N   . LEU A 1 55 ? -13.316 12.370  6.067   1.00 20.00  ? 55  LEU A N   1 
ATOM   419 C CA  . LEU A 1 55 ? -12.640 13.538  6.618   1.00 18.94  ? 55  LEU A CA  1 
ATOM   420 C C   . LEU A 1 55 ? -13.036 14.780  5.819   1.00 18.59  ? 55  LEU A C   1 
ATOM   421 O O   . LEU A 1 55 ? -13.170 15.872  6.378   1.00 16.33  ? 55  LEU A O   1 
ATOM   422 C CB  . LEU A 1 55 ? -11.124 13.351  6.558   1.00 12.82  ? 55  LEU A CB  1 
ATOM   423 C CG  . LEU A 1 55 ? -10.299 14.164  7.555   1.00 9.54   ? 55  LEU A CG  1 
ATOM   424 C CD1 . LEU A 1 55 ? -8.853  13.759  7.423   1.00 6.89   ? 55  LEU A CD1 1 
ATOM   425 C CD2 . LEU A 1 55 ? -10.431 15.636  7.311   1.00 14.30  ? 55  LEU A CD2 1 
ATOM   426 N N   . GLN A 1 56 ? -13.223 14.609  4.514   1.00 17.51  ? 56  GLN A N   1 
ATOM   427 C CA  . GLN A 1 56 ? -13.602 15.726  3.666   1.00 18.09  ? 56  GLN A CA  1 
ATOM   428 C C   . GLN A 1 56 ? -14.997 16.165  4.045   1.00 21.38  ? 56  GLN A C   1 
ATOM   429 O O   . GLN A 1 56 ? -15.427 17.247  3.670   1.00 25.25  ? 56  GLN A O   1 
ATOM   430 C CB  . GLN A 1 56 ? -13.561 15.331  2.184   1.00 19.20  ? 56  GLN A CB  1 
ATOM   431 C CG  . GLN A 1 56 ? -13.892 16.473  1.220   1.00 12.56  ? 56  GLN A CG  1 
ATOM   432 C CD  . GLN A 1 56 ? -13.039 17.701  1.470   1.00 11.30  ? 56  GLN A CD  1 
ATOM   433 O OE1 . GLN A 1 56 ? -11.849 17.695  1.230   1.00 17.20  ? 56  GLN A OE1 1 
ATOM   434 N NE2 . GLN A 1 56 ? -13.650 18.754  1.967   1.00 10.19  ? 56  GLN A NE2 1 
ATOM   435 N N   . LEU A 1 57 ? -15.693 15.327  4.807   1.00 23.30  ? 57  LEU A N   1 
ATOM   436 C CA  . LEU A 1 57 ? -17.051 15.636  5.233   1.00 24.81  ? 57  LEU A CA  1 
ATOM   437 C C   . LEU A 1 57 ? -17.120 16.376  6.582   1.00 25.21  ? 57  LEU A C   1 
ATOM   438 O O   . LEU A 1 57 ? -17.954 17.279  6.772   1.00 22.18  ? 57  LEU A O   1 
ATOM   439 C CB  . LEU A 1 57 ? -17.877 14.340  5.262   1.00 26.98  ? 57  LEU A CB  1 
ATOM   440 C CG  . LEU A 1 57 ? -18.152 13.737  3.876   1.00 28.43  ? 57  LEU A CG  1 
ATOM   441 C CD1 . LEU A 1 57 ? -18.820 12.381  3.987   1.00 29.77  ? 57  LEU A CD1 1 
ATOM   442 C CD2 . LEU A 1 57 ? -19.030 14.692  3.097   1.00 25.67  ? 57  LEU A CD2 1 
ATOM   443 N N   . THR A 1 58 ? -16.249 16.010  7.517   1.00 21.27  ? 58  THR A N   1 
ATOM   444 C CA  . THR A 1 58 ? -16.255 16.676  8.811   1.00 18.70  ? 58  THR A CA  1 
ATOM   445 C C   . THR A 1 58 ? -15.866 18.141  8.590   1.00 22.11  ? 58  THR A C   1 
ATOM   446 O O   . THR A 1 58 ? -16.492 19.075  9.114   1.00 21.18  ? 58  THR A O   1 
ATOM   447 C CB  . THR A 1 58 ? -15.276 15.995  9.769   1.00 14.84  ? 58  THR A CB  1 
ATOM   448 O OG1 . THR A 1 58 ? -13.933 16.205  9.320   1.00 23.52  ? 58  THR A OG1 1 
ATOM   449 C CG2 . THR A 1 58 ? -15.559 14.507  9.813   1.00 12.57  ? 58  THR A CG2 1 
ATOM   450 N N   . VAL A 1 59 ? -14.826 18.330  7.786   1.00 22.07  ? 59  VAL A N   1 
ATOM   451 C CA  . VAL A 1 59 ? -14.356 19.661  7.441   1.00 17.43  ? 59  VAL A CA  1 
ATOM   452 C C   . VAL A 1 59 ? -15.529 20.453  6.842   1.00 16.22  ? 59  VAL A C   1 
ATOM   453 O O   . VAL A 1 59 ? -15.686 21.646  7.096   1.00 13.37  ? 59  VAL A O   1 
ATOM   454 C CB  . VAL A 1 59 ? -13.191 19.554  6.438   1.00 15.41  ? 59  VAL A CB  1 
ATOM   455 C CG1 . VAL A 1 59 ? -12.890 20.898  5.841   1.00 13.44  ? 59  VAL A CG1 1 
ATOM   456 C CG2 . VAL A 1 59 ? -11.955 19.005  7.142   1.00 18.80  ? 59  VAL A CG2 1 
ATOM   457 N N   . TRP A 1 60 ? -16.352 19.776  6.048   1.00 20.06  ? 60  TRP A N   1 
ATOM   458 C CA  . TRP A 1 60 ? -17.523 20.408  5.445   1.00 24.77  ? 60  TRP A CA  1 
ATOM   459 C C   . TRP A 1 60 ? -18.509 20.766  6.544   1.00 23.10  ? 60  TRP A C   1 
ATOM   460 O O   . TRP A 1 60 ? -18.919 21.906  6.644   1.00 23.23  ? 60  TRP A O   1 
ATOM   461 C CB  . TRP A 1 60 ? -18.211 19.471  4.429   1.00 27.22  ? 60  TRP A CB  1 
ATOM   462 C CG  . TRP A 1 60 ? -17.640 19.547  3.027   1.00 26.72  ? 60  TRP A CG  1 
ATOM   463 C CD1 . TRP A 1 60 ? -16.438 20.099  2.653   1.00 22.41  ? 60  TRP A CD1 1 
ATOM   464 C CD2 . TRP A 1 60 ? -18.207 18.983  1.831   1.00 29.95  ? 60  TRP A CD2 1 
ATOM   465 N NE1 . TRP A 1 60 ? -16.219 19.909  1.306   1.00 25.26  ? 60  TRP A NE1 1 
ATOM   466 C CE2 . TRP A 1 60 ? -17.288 19.222  0.773   1.00 29.22  ? 60  TRP A CE2 1 
ATOM   467 C CE3 . TRP A 1 60 ? -19.397 18.287  1.546   1.00 26.82  ? 60  TRP A CE3 1 
ATOM   468 C CZ2 . TRP A 1 60 ? -17.520 18.793  -0.548  1.00 20.96  ? 60  TRP A CZ2 1 
ATOM   469 C CZ3 . TRP A 1 60 ? -19.630 17.862  0.236   1.00 20.21  ? 60  TRP A CZ3 1 
ATOM   470 C CH2 . TRP A 1 60 ? -18.689 18.116  -0.796  1.00 17.53  ? 60  TRP A CH2 1 
ATOM   471 N N   . GLY A 1 61 ? -18.880 19.789  7.368   1.00 25.36  ? 61  GLY A N   1 
ATOM   472 C CA  . GLY A 1 61 ? -19.817 20.041  8.445   1.00 23.40  ? 61  GLY A CA  1 
ATOM   473 C C   . GLY A 1 61 ? -19.356 21.141  9.384   1.00 26.23  ? 61  GLY A C   1 
ATOM   474 O O   . GLY A 1 61 ? -20.144 21.960  9.878   1.00 25.17  ? 61  GLY A O   1 
ATOM   475 N N   . ILE A 1 62 ? -18.061 21.167  9.645   1.00 25.73  ? 62  ILE A N   1 
ATOM   476 C CA  . ILE A 1 62 ? -17.499 22.170  10.530  1.00 26.73  ? 62  ILE A CA  1 
ATOM   477 C C   . ILE A 1 62 ? -17.540 23.560  9.866   1.00 29.54  ? 62  ILE A C   1 
ATOM   478 O O   . ILE A 1 62 ? -17.681 24.580  10.545  1.00 31.80  ? 62  ILE A O   1 
ATOM   479 C CB  . ILE A 1 62 ? -16.075 21.718  10.933  1.00 19.79  ? 62  ILE A CB  1 
ATOM   480 C CG1 . ILE A 1 62 ? -16.208 20.418  11.722  1.00 17.89  ? 62  ILE A CG1 1 
ATOM   481 C CG2 . ILE A 1 62 ? -15.370 22.757  11.775  1.00 8.35   ? 62  ILE A CG2 1 
ATOM   482 C CD1 . ILE A 1 62 ? -14.953 19.640  11.855  1.00 11.17  ? 62  ILE A CD1 1 
ATOM   483 N N   . LYS A 1 63 ? -17.460 23.592  8.538   1.00 29.22  ? 63  LYS A N   1 
ATOM   484 C CA  . LYS A 1 63 ? -17.506 24.847  7.793   1.00 26.79  ? 63  LYS A CA  1 
ATOM   485 C C   . LYS A 1 63 ? -18.904 25.508  7.871   1.00 24.74  ? 63  LYS A C   1 
ATOM   486 O O   . LYS A 1 63 ? -19.037 26.730  7.976   1.00 23.64  ? 63  LYS A O   1 
ATOM   487 C CB  . LYS A 1 63 ? -17.077 24.576  6.336   1.00 29.26  ? 63  LYS A CB  1 
ATOM   488 C CG  . LYS A 1 63 ? -15.545 24.624  6.100   1.00 35.43  ? 63  LYS A CG  1 
ATOM   489 C CD  . LYS A 1 63 ? -15.052 26.088  6.018   1.00 48.28  ? 63  LYS A CD  1 
ATOM   490 C CE  . LYS A 1 63 ? -13.517 26.252  6.077   1.00 48.30  ? 63  LYS A CE  1 
ATOM   491 N NZ  . LYS A 1 63 ? -12.907 26.056  7.429   1.00 55.53  ? 63  LYS A NZ  1 
ATOM   492 N N   . GLN A 1 64 ? -19.947 24.696  7.847   1.00 21.61  ? 64  GLN A N   1 
ATOM   493 C CA  . GLN A 1 64 ? -21.292 25.224  7.921   1.00 25.83  ? 64  GLN A CA  1 
ATOM   494 C C   . GLN A 1 64 ? -21.629 25.570  9.333   1.00 25.77  ? 64  GLN A C   1 
ATOM   495 O O   . GLN A 1 64 ? -22.420 26.469  9.575   1.00 23.34  ? 64  GLN A O   1 
ATOM   496 C CB  . GLN A 1 64 ? -22.299 24.219  7.418   1.00 31.80  ? 64  GLN A CB  1 
ATOM   497 C CG  . GLN A 1 64 ? -22.201 24.010  5.955   1.00 43.78  ? 64  GLN A CG  1 
ATOM   498 C CD  . GLN A 1 64 ? -23.226 23.031  5.477   1.00 52.47  ? 64  GLN A CD  1 
ATOM   499 O OE1 . GLN A 1 64 ? -24.419 23.331  5.467   1.00 56.59  ? 64  GLN A OE1 1 
ATOM   500 N NE2 . GLN A 1 64 ? -22.775 21.836  5.083   1.00 62.73  ? 64  GLN A NE2 1 
ATOM   501 N N   . LEU A 1 65 ? -21.062 24.835  10.275  1.00 28.69  ? 65  LEU A N   1 
ATOM   502 C CA  . LEU A 1 65 ? -21.326 25.152  11.661  1.00 26.86  ? 65  LEU A CA  1 
ATOM   503 C C   . LEU A 1 65 ? -20.822 26.572  11.859  1.00 27.31  ? 65  LEU A C   1 
ATOM   504 O O   . LEU A 1 65 ? -21.566 27.434  12.315  1.00 27.48  ? 65  LEU A O   1 
ATOM   505 C CB  . LEU A 1 65 ? -20.572 24.211  12.586  1.00 26.51  ? 65  LEU A CB  1 
ATOM   506 C CG  . LEU A 1 65 ? -21.339 23.007  13.118  1.00 25.65  ? 65  LEU A CG  1 
ATOM   507 C CD1 . LEU A 1 65 ? -20.405 22.184  13.983  1.00 23.68  ? 65  LEU A CD1 1 
ATOM   508 C CD2 . LEU A 1 65 ? -22.555 23.469  13.918  1.00 21.39  ? 65  LEU A CD2 1 
ATOM   509 N N   . GLN A 1 66 ? -19.559 26.809  11.494  1.00 22.72  ? 66  GLN A N   1 
ATOM   510 C CA  . GLN A 1 66 ? -18.944 28.131  11.622  1.00 16.69  ? 66  GLN A CA  1 
ATOM   511 C C   . GLN A 1 66 ? -19.876 29.233  11.160  1.00 18.10  ? 66  GLN A C   1 
ATOM   512 O O   . GLN A 1 66 ? -19.882 30.330  11.724  1.00 13.28  ? 66  GLN A O   1 
ATOM   513 C CB  . GLN A 1 66 ? -17.690 28.230  10.772  1.00 23.39  ? 66  GLN A CB  1 
ATOM   514 C CG  . GLN A 1 66 ? -16.490 27.562  11.352  1.00 34.88  ? 66  GLN A CG  1 
ATOM   515 C CD  . GLN A 1 66 ? -15.294 27.682  10.435  1.00 38.38  ? 66  GLN A CD  1 
ATOM   516 O OE1 . GLN A 1 66 ? -15.039 28.746  9.856   1.00 40.79  ? 66  GLN A OE1 1 
ATOM   517 N NE2 . GLN A 1 66 ? -14.550 26.598  10.301  1.00 41.61  ? 66  GLN A NE2 1 
ATOM   518 N N   . ALA A 1 67 ? -20.632 28.940  10.101  1.00 20.85  ? 67  ALA A N   1 
ATOM   519 C CA  . ALA A 1 67 ? -21.569 29.895  9.516   1.00 23.85  ? 67  ALA A CA  1 
ATOM   520 C C   . ALA A 1 67 ? -22.805 29.990  10.396  1.00 23.13  ? 67  ALA A C   1 
ATOM   521 O O   . ALA A 1 67 ? -23.259 31.085  10.754  1.00 28.00  ? 67  ALA A O   1 
ATOM   522 C CB  . ALA A 1 67 ? -21.956 29.453  8.091   1.00 25.46  ? 67  ALA A CB  1 
ATOM   523 N N   . ARG A 1 68 ? -23.346 28.831  10.740  1.00 24.29  ? 68  ARG A N   1 
ATOM   524 C CA  . ARG A 1 68 ? -24.525 28.757  11.587  1.00 26.08  ? 68  ARG A CA  1 
ATOM   525 C C   . ARG A 1 68 ? -24.346 29.590  12.865  1.00 24.18  ? 68  ARG A C   1 
ATOM   526 O O   . ARG A 1 68 ? -25.213 30.365  13.249  1.00 25.54  ? 68  ARG A O   1 
ATOM   527 C CB  . ARG A 1 68 ? -24.788 27.290  11.945  1.00 28.52  ? 68  ARG A CB  1 
ATOM   528 C CG  . ARG A 1 68 ? -25.628 26.510  10.937  1.00 28.43  ? 68  ARG A CG  1 
ATOM   529 C CD  . ARG A 1 68 ? -27.031 26.299  11.495  1.00 38.56  ? 68  ARG A CD  1 
ATOM   530 N NE  . ARG A 1 68 ? -27.490 24.925  11.320  1.00 45.05  ? 68  ARG A NE  1 
ATOM   531 C CZ  . ARG A 1 68 ? -26.791 23.855  11.685  1.00 56.47  ? 68  ARG A CZ  1 
ATOM   532 N NH1 . ARG A 1 68 ? -25.599 23.997  12.248  1.00 62.64  ? 68  ARG A NH1 1 
ATOM   533 N NH2 . ARG A 1 68 ? -27.275 22.637  11.477  1.00 64.18  ? 68  ARG A NH2 1 
ATOM   534 N N   . ILE A 1 69 ? -23.192 29.428  13.495  1.00 23.00  ? 69  ILE A N   1 
ATOM   535 C CA  . ILE A 1 69 ? -22.844 30.101  14.735  1.00 21.29  ? 69  ILE A CA  1 
ATOM   536 C C   . ILE A 1 69 ? -22.586 31.611  14.577  1.00 19.92  ? 69  ILE A C   1 
ATOM   537 O O   . ILE A 1 69 ? -23.003 32.423  15.405  1.00 16.78  ? 69  ILE A O   1 
ATOM   538 C CB  . ILE A 1 69 ? -21.606 29.388  15.346  1.00 21.96  ? 69  ILE A CB  1 
ATOM   539 C CG1 . ILE A 1 69 ? -21.678 29.420  16.863  1.00 29.13  ? 69  ILE A CG1 1 
ATOM   540 C CG2 . ILE A 1 69 ? -20.314 30.014  14.834  1.00 17.49  ? 69  ILE A CG2 1 
ATOM   541 C CD1 . ILE A 1 69 ? -21.458 30.779  17.459  1.00 36.81  ? 69  ILE A CD1 1 
ATOM   542 N N   . LEU A 1 70 ? -21.914 31.999  13.505  1.00 16.89  ? 70  LEU A N   1 
ATOM   543 C CA  . LEU A 1 70 ? -21.616 33.399  13.314  1.00 16.03  ? 70  LEU A CA  1 
ATOM   544 C C   . LEU A 1 70 ? -22.845 34.219  12.992  1.00 16.46  ? 70  LEU A C   1 
ATOM   545 O O   . LEU A 1 70 ? -22.877 35.408  13.273  1.00 17.61  ? 70  LEU A O   1 
ATOM   546 C CB  . LEU A 1 70 ? -20.575 33.565  12.218  1.00 17.14  ? 70  LEU A CB  1 
ATOM   547 C CG  . LEU A 1 70 ? -20.005 34.980  12.162  1.00 17.40  ? 70  LEU A CG  1 
ATOM   548 C CD1 . LEU A 1 70 ? -19.313 35.307  13.503  1.00 21.67  ? 70  LEU A CD1 1 
ATOM   549 C CD2 . LEU A 1 70 ? -19.029 35.090  10.993  1.00 9.46   ? 70  LEU A CD2 1 
ATOM   550 N N   . ALA A 1 71 ? -23.848 33.584  12.389  1.00 18.03  ? 71  ALA A N   1 
ATOM   551 C CA  . ALA A 1 71 ? -25.092 34.263  12.033  1.00 15.33  ? 71  ALA A CA  1 
ATOM   552 C C   . ALA A 1 71 ? -25.905 34.479  13.300  1.00 19.65  ? 71  ALA A C   1 
ATOM   553 O O   . ALA A 1 71 ? -26.627 35.474  13.445  1.00 20.74  ? 71  ALA A O   1 
ATOM   554 C CB  . ALA A 1 71 ? -25.883 33.421  11.043  1.00 12.87  ? 71  ALA A CB  1 
ATOM   555 N N   . VAL A 1 72 ? -25.790 33.528  14.219  1.00 20.73  ? 72  VAL A N   1 
ATOM   556 C CA  . VAL A 1 72 ? -26.498 33.622  15.481  1.00 17.23  ? 72  VAL A CA  1 
ATOM   557 C C   . VAL A 1 72 ? -25.853 34.742  16.293  1.00 24.87  ? 72  VAL A C   1 
ATOM   558 O O   . VAL A 1 72 ? -26.560 35.574  16.907  1.00 28.98  ? 72  VAL A O   1 
ATOM   559 C CB  . VAL A 1 72 ? -26.443 32.278  16.246  1.00 9.80   ? 72  VAL A CB  1 
ATOM   560 C CG1 . VAL A 1 72 ? -26.935 32.461  17.670  1.00 7.96   ? 72  VAL A CG1 1 
ATOM   561 C CG2 . VAL A 1 72 ? -27.343 31.250  15.544  1.00 8.43   ? 72  VAL A CG2 1 
ATOM   562 N N   . GLU A 1 73 ? -24.516 34.781  16.263  1.00 25.57  ? 73  GLU A N   1 
ATOM   563 C CA  . GLU A 1 73 ? -23.753 35.801  16.987  1.00 23.02  ? 73  GLU A CA  1 
ATOM   564 C C   . GLU A 1 73 ? -23.977 37.218  16.457  1.00 25.17  ? 73  GLU A C   1 
ATOM   565 O O   . GLU A 1 73 ? -24.081 38.170  17.234  1.00 24.87  ? 73  GLU A O   1 
ATOM   566 C CB  . GLU A 1 73 ? -22.271 35.483  16.936  1.00 22.14  ? 73  GLU A CB  1 
ATOM   567 C CG  . GLU A 1 73 ? -21.933 34.134  17.483  1.00 31.46  ? 73  GLU A CG  1 
ATOM   568 C CD  . GLU A 1 73 ? -20.447 33.955  17.604  1.00 37.61  ? 73  GLU A CD  1 
ATOM   569 O OE1 . GLU A 1 73 ? -19.731 34.429  16.701  1.00 41.13  ? 73  GLU A OE1 1 
ATOM   570 O OE2 . GLU A 1 73 ? -19.989 33.342  18.590  1.00 44.82  ? 73  GLU A OE2 1 
ATOM   571 N N   . ARG A 1 74 ? -24.021 37.372  15.138  1.00 27.36  ? 74  ARG A N   1 
ATOM   572 C CA  . ARG A 1 74 ? -24.272 38.690  14.567  1.00 29.08  ? 74  ARG A CA  1 
ATOM   573 C C   . ARG A 1 74 ? -25.634 39.157  15.074  1.00 29.58  ? 74  ARG A C   1 
ATOM   574 O O   . ARG A 1 74 ? -25.746 40.189  15.729  1.00 31.88  ? 74  ARG A O   1 
ATOM   575 C CB  . ARG A 1 74 ? -24.322 38.627  13.038  1.00 34.75  ? 74  ARG A CB  1 
ATOM   576 C CG  . ARG A 1 74 ? -23.089 39.131  12.303  1.00 43.85  ? 74  ARG A CG  1 
ATOM   577 C CD  . ARG A 1 74 ? -21.917 38.177  12.474  1.00 53.95  ? 74  ARG A CD  1 
ATOM   578 N NE  . ARG A 1 74 ? -21.192 37.937  11.223  1.00 61.25  ? 74  ARG A NE  1 
ATOM   579 C CZ  . ARG A 1 74 ? -21.650 37.229  10.190  1.00 64.81  ? 74  ARG A CZ  1 
ATOM   580 N NH1 . ARG A 1 74 ? -22.853 36.667  10.213  1.00 60.66  ? 74  ARG A NH1 1 
ATOM   581 N NH2 . ARG A 1 74 ? -20.886 37.067  9.125   1.00 69.31  ? 74  ARG A NH2 1 
ATOM   582 N N   . TYR A 1 75 ? -26.657 38.376  14.747  1.00 27.93  ? 75  TYR A N   1 
ATOM   583 C CA  . TYR A 1 75 ? -28.034 38.637  15.125  1.00 28.39  ? 75  TYR A CA  1 
ATOM   584 C C   . TYR A 1 75 ? -28.180 39.163  16.547  1.00 30.51  ? 75  TYR A C   1 
ATOM   585 O O   . TYR A 1 75 ? -28.864 40.168  16.783  1.00 30.62  ? 75  TYR A O   1 
ATOM   586 C CB  . TYR A 1 75 ? -28.829 37.350  14.963  1.00 31.61  ? 75  TYR A CB  1 
ATOM   587 C CG  . TYR A 1 75 ? -30.216 37.386  15.541  1.00 30.47  ? 75  TYR A CG  1 
ATOM   588 C CD1 . TYR A 1 75 ? -31.258 38.029  14.872  1.00 21.62  ? 75  TYR A CD1 1 
ATOM   589 C CD2 . TYR A 1 75 ? -30.484 36.785  16.772  1.00 24.12  ? 75  TYR A CD2 1 
ATOM   590 C CE1 . TYR A 1 75 ? -32.536 38.078  15.420  1.00 23.97  ? 75  TYR A CE1 1 
ATOM   591 C CE2 . TYR A 1 75 ? -31.750 36.825  17.327  1.00 20.13  ? 75  TYR A CE2 1 
ATOM   592 C CZ  . TYR A 1 75 ? -32.779 37.478  16.651  1.00 23.23  ? 75  TYR A CZ  1 
ATOM   593 O OH  . TYR A 1 75 ? -34.043 37.567  17.204  1.00 21.24  ? 75  TYR A OH  1 
ATOM   594 N N   . LEU A 1 76 ? -27.543 38.476  17.493  1.00 31.10  ? 76  LEU A N   1 
ATOM   595 C CA  . LEU A 1 76 ? -27.593 38.865  18.907  1.00 26.76  ? 76  LEU A CA  1 
ATOM   596 C C   . LEU A 1 76 ? -26.860 40.172  19.199  1.00 26.76  ? 76  LEU A C   1 
ATOM   597 O O   . LEU A 1 76 ? -27.037 40.758  20.258  1.00 29.24  ? 76  LEU A O   1 
ATOM   598 C CB  . LEU A 1 76 ? -27.010 37.758  19.793  1.00 15.68  ? 76  LEU A CB  1 
ATOM   599 C CG  . LEU A 1 76 ? -27.685 36.392  19.728  1.00 13.54  ? 76  LEU A CG  1 
ATOM   600 C CD1 . LEU A 1 76 ? -27.003 35.516  20.721  1.00 13.94  ? 76  LEU A CD1 1 
ATOM   601 C CD2 . LEU A 1 76 ? -29.156 36.464  20.061  1.00 14.99  ? 76  LEU A CD2 1 
ATOM   602 N N   . LYS A 1 77 ? -26.022 40.613  18.268  1.00 27.95  ? 77  LYS A N   1 
ATOM   603 C CA  . LYS A 1 77 ? -25.295 41.861  18.442  1.00 27.26  ? 77  LYS A CA  1 
ATOM   604 C C   . LYS A 1 77 ? -26.136 42.971  17.850  1.00 34.49  ? 77  LYS A C   1 
ATOM   605 O O   . LYS A 1 77 ? -25.913 44.146  18.124  1.00 37.92  ? 77  LYS A O   1 
ATOM   606 C CB  . LYS A 1 77 ? -23.941 41.816  17.743  1.00 26.87  ? 77  LYS A CB  1 
ATOM   607 C CG  . LYS A 1 77 ? -22.933 40.847  18.355  1.00 27.04  ? 77  LYS A CG  1 
ATOM   608 C CD  . LYS A 1 77 ? -21.667 40.795  17.509  1.00 19.38  ? 77  LYS A CD  1 
ATOM   609 C CE  . LYS A 1 77 ? -20.779 39.638  17.914  1.00 25.24  ? 77  LYS A CE  1 
ATOM   610 N NZ  . LYS A 1 77 ? -19.640 39.443  16.963  1.00 38.75  ? 77  LYS A NZ  1 
ATOM   611 N N   . ASP A 1 78 ? -27.100 42.595  17.021  1.00 37.83  ? 78  ASP A N   1 
ATOM   612 C CA  . ASP A 1 78 ? -27.988 43.580  16.433  1.00 40.96  ? 78  ASP A CA  1 
ATOM   613 C C   . ASP A 1 78 ? -29.120 43.869  17.409  1.00 46.38  ? 78  ASP A C   1 
ATOM   614 O O   . ASP A 1 78 ? -29.671 44.969  17.421  1.00 47.27  ? 78  ASP A O   1 
ATOM   615 C CB  . ASP A 1 78 ? -28.568 43.074  15.129  1.00 33.95  ? 78  ASP A CB  1 
ATOM   616 C CG  . ASP A 1 78 ? -27.519 42.895  14.076  1.00 33.79  ? 78  ASP A CG  1 
ATOM   617 O OD1 . ASP A 1 78 ? -26.623 43.757  13.977  1.00 35.79  ? 78  ASP A OD1 1 
ATOM   618 O OD2 . ASP A 1 78 ? -27.593 41.899  13.330  1.00 37.26  ? 78  ASP A OD2 1 
ATOM   619 N N   . GLN A 1 79 ? -29.443 42.864  18.223  1.00 52.37  ? 79  GLN A N   1 
ATOM   620 C CA  . GLN A 1 79 ? -30.487 42.905  19.256  1.00 52.10  ? 79  GLN A CA  1 
ATOM   621 C C   . GLN A 1 79 ? -31.171 41.547  19.214  1.00 53.30  ? 79  GLN A C   1 
ATOM   622 O O   . GLN A 1 79 ? -31.109 40.827  20.226  1.00 56.68  ? 79  GLN A O   1 
ATOM   623 C CB  . GLN A 1 79 ? -31.535 44.011  19.006  1.00 59.83  ? 79  GLN A CB  1 
ATOM   624 C CG  . GLN A 1 79 ? -32.565 44.185  20.155  1.00 69.81  ? 79  GLN A CG  1 
ATOM   625 C CD  . GLN A 1 79 ? -33.940 44.691  19.697  1.00 74.25  ? 79  GLN A CD  1 
ATOM   626 O OE1 . GLN A 1 79 ? -34.620 44.052  18.890  1.00 76.73  ? 79  GLN A OE1 1 
ATOM   627 N NE2 . GLN A 1 79 ? -34.354 45.835  20.230  1.00 80.96  ? 79  GLN A NE2 1 
ATOM   628 O OXT . GLN A 1 79 ? -31.745 41.208  18.159  1.00 52.91  ? 79  GLN A OXT 1 
HETATM 629 C C1A A 3PA B 2 1  ? -11.315 27.108  11.234  0.50 60.83  ? 122 3PA C C1A 1 
HETATM 630 C C1A B 3PA B 2 1  ? -11.859 22.950  11.018  0.50 62.56  ? 122 3PA C C1A 1 
HETATM 631 C C2A A 3PA B 2 1  ? -9.919  27.702  11.146  0.50 63.04  ? 122 3PA C C2A 1 
HETATM 632 C C2A B 3PA B 2 1  ? -10.678 23.777  10.540  0.50 64.25  ? 122 3PA C C2A 1 
HETATM 633 C C3A A 3PA B 2 1  ? -9.037  26.918  12.102  0.50 64.71  ? 122 3PA C C3A 1 
HETATM 634 C C3A B 3PA B 2 1  ? -10.202 23.169  9.235   0.50 65.99  ? 122 3PA C C3A 1 
HETATM 635 C C4A A 3PA B 2 1  ? -9.752  25.612  12.399  0.50 60.59  ? 122 3PA C C4A 1 
HETATM 636 C C4A B 3PA B 2 1  ? -11.307 22.265  8.727   0.50 63.17  ? 122 3PA C C4A 1 
HETATM 637 C C5A A 3PA B 2 1  ? -11.211 25.805  12.016  0.50 61.68  ? 122 3PA C C5A 1 
HETATM 638 C C5A B 3PA B 2 1  ? -12.250 22.008  9.889   0.50 61.42  ? 122 3PA C C5A 1 
HETATM 639 C C6A A 3PA B 2 1  ? -7.681  26.643  11.470  0.50 69.69  ? 122 3PA C C6A 1 
HETATM 640 C C6A B 3PA B 2 1  ? -9.927  24.262  8.220   0.50 72.49  ? 122 3PA C C6A 1 
HETATM 641 C C7A A 3PA B 2 1  ? -7.789  26.633  9.950   0.50 77.98  ? 122 3PA C C7A 1 
HETATM 642 C C7A B 3PA B 2 1  ? -8.506  24.129  7.697   0.50 84.12  ? 122 3PA C C7A 1 
HETATM 643 C C8A A 3PA B 2 1  ? -6.477  26.962  9.275   0.50 80.46  ? 122 3PA C C8A 1 
HETATM 644 C C8A B 3PA B 2 1  ? -8.351  23.018  6.686   0.50 82.54  ? 122 3PA C C8A 1 
HETATM 645 O O9A A 3PA B 2 1  ? -5.984  28.087  9.357   0.50 77.06  ? 122 3PA C O9A 1 
HETATM 646 O O9A B 3PA B 2 1  ? -8.979  21.970  6.784   0.50 79.10  ? 122 3PA C O9A 1 
HETATM 647 N N   A GGL B 2 2  ? -5.917  25.933  8.599   0.50 85.91  ? 123 GGL C N   1 
HETATM 648 N N   B GGL B 2 2  ? -7.480  23.286  5.700   0.50 88.04  ? 123 GGL C N   1 
HETATM 649 C CA  A GGL B 2 2  ? -6.685  25.236  7.511   0.50 90.82  ? 123 GGL C CA  1 
HETATM 650 C CA  B GGL B 2 2  ? -6.323  23.675  4.821   0.50 94.55  ? 123 GGL C CA  1 
HETATM 651 C C   A GGL B 2 2  ? -5.911  24.083  6.941   0.50 91.04  ? 123 GGL C C   1 
HETATM 652 C C   B GGL B 2 2  ? -5.182  22.721  5.031   0.50 97.53  ? 123 GGL C C   1 
HETATM 653 O O   A GGL B 2 2  ? -4.601  23.883  7.179   0.50 93.88  ? 123 GGL C O   1 
HETATM 654 O O   B GGL B 2 2  ? -3.977  23.090  5.514   0.50 100.00 ? 123 GGL C O   1 
HETATM 655 C CB  A GGL B 2 2  ? -7.171  26.233  6.432   0.50 92.75  ? 123 GGL C CB  1 
HETATM 656 C CB  B GGL B 2 2  ? -5.896  25.124  5.065   0.50 95.32  ? 123 GGL C CB  1 
HETATM 657 C CG  A GGL B 2 2  ? -6.127  26.551  5.347   0.50 95.43  ? 123 GGL C CG  1 
HETATM 658 C CG  B GGL B 2 2  ? -5.868  25.922  3.774   0.50 97.43  ? 123 GGL C CG  1 
HETATM 659 C CD  A GGL B 2 2  ? -6.487  27.829  4.670   0.50 93.68  ? 123 GGL C CD  1 
HETATM 660 C CD  B GGL B 2 2  ? -6.513  27.266  3.993   0.50 95.96  ? 123 GGL C CD  1 
HETATM 661 O OE2 A GGL B 2 2  ? -6.644  28.873  5.289   0.50 95.08  ? 123 GGL C OE2 1 
HETATM 662 O OE2 B GGL B 2 2  ? -6.746  27.694  5.101   0.50 97.37  ? 123 GGL C OE2 1 
HETATM 663 O OXT A GGL B 2 2  ? -6.628  23.387  6.254   0.50 91.12  ? 123 GGL C OXT 1 
HETATM 664 O OXT B GGL B 2 2  ? -5.507  21.604  4.704   0.50 99.96  ? 123 GGL C OXT 1 
HETATM 665 N N   A 4BA B 2 3  ? -6.634  27.765  3.350   0.50 92.84  ? 124 4BA C N   1 
HETATM 666 N N   B 4BA B 2 3  ? -6.833  27.911  2.908   0.50 94.57  ? 124 4BA C N   1 
HETATM 667 C C5C A 4BA B 2 3  ? -7.295  26.531  2.976   0.50 94.02  ? 124 4BA C C5C 1 
HETATM 668 C C5C B 4BA B 2 3  ? -8.237  27.851  2.634   0.50 95.42  ? 124 4BA C C5C 1 
HETATM 669 C C6C A 4BA B 2 3  ? -8.715  26.644  3.473   0.50 93.36  ? 124 4BA C C6C 1 
HETATM 670 C C6C B 4BA B 2 3  ? -8.926  26.674  3.348   0.50 96.49  ? 124 4BA C C6C 1 
HETATM 671 C C7C A 4BA B 2 3  ? -9.373  25.301  3.499   0.50 93.20  ? 124 4BA C C7C 1 
HETATM 672 C C7C B 4BA B 2 3  ? -9.017  25.409  2.478   0.50 96.73  ? 124 4BA C C7C 1 
HETATM 673 O O8C A 4BA B 2 3  ? -8.956  24.237  2.773   0.50 92.77  ? 124 4BA C O8C 1 
HETATM 674 O O8C B 4BA B 2 3  ? -7.975  24.904  1.783   0.50 95.45  ? 124 4BA C O8C 1 
HETATM 675 O O9C A 4BA B 2 3  ? -10.259 25.306  4.324   0.50 91.01  ? 124 4BA C O9C 1 
HETATM 676 O O9C B 4BA B 2 3  ? -10.063 24.808  2.697   0.50 97.47  ? 124 4BA C O9C 1 
HETATM 677 C C1D A 4BA B 2 3  ? -6.328  28.539  1.504   0.50 86.38  ? 124 4BA C C1D 1 
HETATM 678 C C1D B 4BA B 2 3  ? -5.397  28.582  1.626   0.50 84.74  ? 124 4BA C C1D 1 
HETATM 679 C C2D A 4BA B 2 3  ? -4.839  28.402  1.610   0.50 83.32  ? 124 4BA C C2D 1 
HETATM 680 C C2D B 4BA B 2 3  ? -3.935  28.212  1.645   0.50 82.21  ? 124 4BA C C2D 1 
HETATM 681 C C3D A 4BA B 2 3  ? -4.079  27.751  0.520   0.50 80.15  ? 124 4BA C C3D 1 
HETATM 682 C C3D B 4BA B 2 3  ? -3.349  27.474  0.466   0.50 79.88  ? 124 4BA C C3D 1 
HETATM 683 C C4D A 4BA B 2 3  ? -4.794  27.229  -0.680  0.50 79.36  ? 124 4BA C C4D 1 
HETATM 684 C C4D B 4BA B 2 3  ? -4.242  27.128  -0.701  0.50 78.29  ? 124 4BA C C4D 1 
HETATM 685 C C5D A 4BA B 2 3  ? -6.287  27.374  -0.803  0.50 81.93  ? 124 4BA C C5D 1 
HETATM 686 C C5D B 4BA B 2 3  ? -5.679  27.504  -0.688  0.50 80.68  ? 124 4BA C C5D 1 
HETATM 687 C C6D A 4BA B 2 3  ? -7.053  28.042  0.294   0.50 84.44  ? 124 4BA C C6D 1 
HETATM 688 C C6D B 4BA B 2 3  ? -6.243  28.239  0.453   0.50 83.40  ? 124 4BA C C6D 1 
HETATM 689 C C7D A 4BA B 2 3  ? -7.056  29.050  2.688   0.50 89.70  ? 124 4BA C C7D 1 
HETATM 690 C C7D B 4BA B 2 3  ? -6.081  29.226  2.774   0.50 87.89  ? 124 4BA C C7D 1 
HETATM 691 C C   A 4BA B 2 3  ? -3.997  26.477  -1.723  0.50 74.08  ? 124 4BA C C   1 
HETATM 692 C C   B 4BA B 2 3  ? -3.732  26.328  -1.876  0.50 73.52  ? 124 4BA C C   1 
HETATM 693 O O   A 4BA B 2 3  ? -2.785  26.325  -1.550  0.50 72.51  ? 124 4BA C O   1 
HETATM 694 O O   B 4BA B 2 3  ? -2.562  25.968  -1.883  0.50 72.35  ? 124 4BA C O   1 
ATOM   695 N N   . ASN B 2 4  ? -4.742  25.546  -2.290  0.00 70.22  ? 125 ASN C N   1 
ATOM   696 C CA  . ASN B 2 4  ? -5.086  24.291  -1.608  0.00 63.20  ? 125 ASN C CA  1 
ATOM   697 C C   . ASN B 2 4  ? -3.941  23.777  -0.736  0.00 55.12  ? 125 ASN C C   1 
ATOM   698 O O   . ASN B 2 4  ? -2.815  23.622  -1.209  0.00 47.36  ? 125 ASN C O   1 
ATOM   699 N N   . ASN B 2 5  ? -4.232  23.491  0.531   0.00 48.31  ? 126 ASN C N   1 
ATOM   700 C CA  . ASN B 2 5  ? -3.192  23.027  1.439   0.00 41.91  ? 126 ASN C CA  1 
ATOM   701 C C   . ASN B 2 5  ? -3.078  21.517  1.650   0.00 41.36  ? 126 ASN C C   1 
ATOM   702 O O   . ASN B 2 5  ? -2.430  20.848  0.847   0.00 38.27  ? 126 ASN C O   1 
ATOM   703 C CB  . ASN B 2 5  ? -3.314  23.733  2.787   0.00 46.78  ? 126 ASN C CB  1 
ATOM   704 C CG  . ASN B 2 5  ? -2.077  23.558  3.648   0.00 50.85  ? 126 ASN C CG  1 
ATOM   705 O OD1 . ASN B 2 5  ? -1.711  22.440  4.012   0.00 54.32  ? 126 ASN C OD1 1 
ATOM   706 N ND2 . ASN B 2 5  ? -1.422  24.666  3.973   0.00 45.41  ? 126 ASN C ND2 1 
ATOM   707 N N   . TYR B 2 6  ? -3.685  20.954  2.699   1.00 30.40  ? 127 TYR C N   1 
ATOM   708 C CA  . TYR B 2 6  ? -3.499  19.502  2.874   1.00 26.72  ? 127 TYR C CA  1 
ATOM   709 C C   . TYR B 2 6  ? -4.393  18.631  2.048   1.00 29.03  ? 127 TYR C C   1 
ATOM   710 O O   . TYR B 2 6  ? -4.018  17.515  1.700   1.00 28.04  ? 127 TYR C O   1 
ATOM   711 C CB  . TYR B 2 6  ? -3.641  19.039  4.331   1.00 31.87  ? 127 TYR C CB  1 
ATOM   712 C CG  . TYR B 2 6  ? -2.722  19.695  5.328   1.00 39.26  ? 127 TYR C CG  1 
ATOM   713 C CD1 . TYR B 2 6  ? -3.253  20.383  6.405   1.00 43.92  ? 127 TYR C CD1 1 
ATOM   714 C CD2 . TYR B 2 6  ? -1.338  19.569  5.246   1.00 43.20  ? 127 TYR C CD2 1 
ATOM   715 C CE1 . TYR B 2 6  ? -2.447  20.926  7.384   1.00 50.84  ? 127 TYR C CE1 1 
ATOM   716 C CE2 . TYR B 2 6  ? -0.507  20.113  6.230   1.00 45.45  ? 127 TYR C CE2 1 
ATOM   717 C CZ  . TYR B 2 6  ? -1.071  20.788  7.303   1.00 48.78  ? 127 TYR C CZ  1 
ATOM   718 O OH  . TYR B 2 6  ? -0.284  21.306  8.321   1.00 49.05  ? 127 TYR C OH  1 
ATOM   719 N N   . THR B 2 7  ? -5.571  19.131  1.715   1.00 28.04  ? 128 THR C N   1 
ATOM   720 C CA  . THR B 2 7  ? -6.481  18.322  0.942   1.00 24.76  ? 128 THR C CA  1 
ATOM   721 C C   . THR B 2 7  ? -6.036  18.094  -0.487  1.00 28.66  ? 128 THR C C   1 
ATOM   722 O O   . THR B 2 7  ? -6.264  17.020  -1.033  1.00 35.18  ? 128 THR C O   1 
ATOM   723 C CB  . THR B 2 7  ? -7.889  18.917  0.916   1.00 27.99  ? 128 THR C CB  1 
ATOM   724 O OG1 . THR B 2 7  ? -8.257  19.350  2.237   1.00 36.92  ? 128 THR C OG1 1 
ATOM   725 C CG2 . THR B 2 7  ? -8.894  17.857  0.434   1.00 25.98  ? 128 THR C CG2 1 
ATOM   726 N N   . SER B 2 8  ? -5.409  19.087  -1.107  1.00 32.53  ? 129 SER C N   1 
ATOM   727 C CA  . SER B 2 8  ? -4.966  18.890  -2.478  1.00 33.01  ? 129 SER C CA  1 
ATOM   728 C C   . SER B 2 8  ? -3.679  18.065  -2.488  1.00 34.67  ? 129 SER C C   1 
ATOM   729 O O   . SER B 2 8  ? -3.295  17.515  -3.528  1.00 39.91  ? 129 SER C O   1 
ATOM   730 C CB  . SER B 2 8  ? -4.742  20.226  -3.194  1.00 36.04  ? 129 SER C CB  1 
ATOM   731 O OG  . SER B 2 8  ? -4.510  20.023  -4.581  1.00 40.25  ? 129 SER C OG  1 
ATOM   732 N N   . LEU B 2 9  ? -3.019  17.977  -1.331  1.00 31.61  ? 130 LEU C N   1 
ATOM   733 C CA  . LEU B 2 9  ? -1.789  17.194  -1.212  1.00 34.21  ? 130 LEU C CA  1 
ATOM   734 C C   . LEU B 2 9  ? -2.140  15.721  -1.053  1.00 33.41  ? 130 LEU C C   1 
ATOM   735 O O   . LEU B 2 9  ? -1.379  14.833  -1.442  1.00 36.78  ? 130 LEU C O   1 
ATOM   736 C CB  . LEU B 2 9  ? -0.959  17.654  -0.007  1.00 39.38  ? 130 LEU C CB  1 
ATOM   737 C CG  . LEU B 2 9  ? 0.213   16.762  0.440   1.00 38.45  ? 130 LEU C CG  1 
ATOM   738 C CD1 . LEU B 2 9  ? 1.232   16.606  -0.679  1.00 42.57  ? 130 LEU C CD1 1 
ATOM   739 C CD2 . LEU B 2 9  ? 0.863   17.374  1.666   1.00 33.62  ? 130 LEU C CD2 1 
ATOM   740 N N   . ILE B 2 10 ? -3.311  15.462  -0.488  1.00 30.16  ? 131 ILE C N   1 
ATOM   741 C CA  . ILE B 2 10 ? -3.745  14.091  -0.285  1.00 26.56  ? 131 ILE C CA  1 
ATOM   742 C C   . ILE B 2 10 ? -4.255  13.452  -1.584  1.00 23.14  ? 131 ILE C C   1 
ATOM   743 O O   . ILE B 2 10 ? -3.899  12.302  -1.882  1.00 22.81  ? 131 ILE C O   1 
ATOM   744 C CB  . ILE B 2 10 ? -4.821  14.026  0.824   1.00 22.03  ? 131 ILE C CB  1 
ATOM   745 C CG1 . ILE B 2 10 ? -4.270  14.680  2.100   1.00 25.88  ? 131 ILE C CG1 1 
ATOM   746 C CG2 . ILE B 2 10 ? -5.167  12.589  1.121   1.00 18.24  ? 131 ILE C CG2 1 
ATOM   747 C CD1 . ILE B 2 10 ? -5.310  15.020  3.176   1.00 31.55  ? 131 ILE C CD1 1 
ATOM   748 N N   . HIS B 2 11 ? -5.059  14.192  -2.357  1.00 18.97  ? 132 HIS C N   1 
ATOM   749 C CA  . HIS B 2 11 ? -5.595  13.667  -3.614  1.00 18.63  ? 132 HIS C CA  1 
ATOM   750 C C   . HIS B 2 11 ? -4.402  13.279  -4.448  1.00 19.08  ? 132 HIS C C   1 
ATOM   751 O O   . HIS B 2 11 ? -4.430  12.324  -5.225  1.00 19.76  ? 132 HIS C O   1 
ATOM   752 C CB  . HIS B 2 11 ? -6.404  14.720  -4.380  1.00 25.11  ? 132 HIS C CB  1 
ATOM   753 C CG  . HIS B 2 11 ? -7.603  15.245  -3.642  1.00 37.06  ? 132 HIS C CG  1 
ATOM   754 N ND1 . HIS B 2 11 ? -8.461  14.433  -2.930  1.00 41.27  ? 132 HIS C ND1 1 
ATOM   755 C CD2 . HIS B 2 11 ? -8.118  16.498  -3.556  1.00 46.54  ? 132 HIS C CD2 1 
ATOM   756 C CE1 . HIS B 2 11 ? -9.451  15.162  -2.438  1.00 45.73  ? 132 HIS C CE1 1 
ATOM   757 N NE2 . HIS B 2 11 ? -9.268  16.417  -2.804  1.00 50.34  ? 132 HIS C NE2 1 
ATOM   758 N N   . SER B 2 12 ? -3.344  14.049  -4.263  1.00 19.89  ? 133 SER C N   1 
ATOM   759 C CA  . SER B 2 12 ? -2.107  13.827  -4.968  1.00 21.63  ? 133 SER C CA  1 
ATOM   760 C C   . SER B 2 12 ? -1.512  12.505  -4.499  1.00 20.19  ? 133 SER C C   1 
ATOM   761 O O   . SER B 2 12 ? -1.311  11.598  -5.292  1.00 19.97  ? 133 SER C O   1 
ATOM   762 C CB  . SER B 2 12 ? -1.148  14.991  -4.693  1.00 19.77  ? 133 SER C CB  1 
ATOM   763 O OG  . SER B 2 12 ? 0.078   14.818  -5.380  1.00 32.89  ? 133 SER C OG  1 
ATOM   764 N N   . LEU B 2 13 ? -1.257  12.393  -3.203  1.00 17.29  ? 134 LEU C N   1 
ATOM   765 C CA  . LEU B 2 13 ? -0.681  11.184  -2.657  1.00 14.78  ? 134 LEU C CA  1 
ATOM   766 C C   . LEU B 2 13 ? -1.485  9.945   -2.998  1.00 23.26  ? 134 LEU C C   1 
ATOM   767 O O   . LEU B 2 13 ? -0.920  8.914   -3.368  1.00 22.33  ? 134 LEU C O   1 
ATOM   768 C CB  . LEU B 2 13 ? -0.582  11.317  -1.152  1.00 13.00  ? 134 LEU C CB  1 
ATOM   769 C CG  . LEU B 2 13 ? 0.496   12.301  -0.729  1.00 10.52  ? 134 LEU C CG  1 
ATOM   770 C CD1 . LEU B 2 13 ? 0.358   12.597  0.732   1.00 6.31   ? 134 LEU C CD1 1 
ATOM   771 C CD2 . LEU B 2 13 ? 1.866   11.718  -1.033  1.00 8.53   ? 134 LEU C CD2 1 
ATOM   772 N N   . ILE B 2 14 ? -2.806  10.046  -2.882  1.00 25.94  ? 135 ILE C N   1 
ATOM   773 C CA  . ILE B 2 14 ? -3.684  8.911   -3.153  1.00 29.18  ? 135 ILE C CA  1 
ATOM   774 C C   . ILE B 2 14 ? -3.761  8.528   -4.622  1.00 31.02  ? 135 ILE C C   1 
ATOM   775 O O   . ILE B 2 14 ? -3.894  7.351   -4.955  1.00 24.71  ? 135 ILE C O   1 
ATOM   776 C CB  . ILE B 2 14 ? -5.097  9.179   -2.588  1.00 26.92  ? 135 ILE C CB  1 
ATOM   777 C CG1 . ILE B 2 14 ? -4.980  9.472   -1.092  1.00 28.68  ? 135 ILE C CG1 1 
ATOM   778 C CG2 . ILE B 2 14 ? -5.986  7.956   -2.772  1.00 20.16  ? 135 ILE C CG2 1 
ATOM   779 C CD1 . ILE B 2 14 ? -6.262  9.842   -0.420  1.00 32.75  ? 135 ILE C CD1 1 
ATOM   780 N N   . GLU B 2 15 ? -3.684  9.532   -5.491  1.00 38.54  ? 136 GLU C N   1 
ATOM   781 C CA  . GLU B 2 15 ? -3.702  9.312   -6.933  1.00 42.96  ? 136 GLU C CA  1 
ATOM   782 C C   . GLU B 2 15 ? -2.407  8.573   -7.221  1.00 39.59  ? 136 GLU C C   1 
ATOM   783 O O   . GLU B 2 15 ? -2.390  7.475   -7.788  1.00 38.95  ? 136 GLU C O   1 
ATOM   784 C CB  . GLU B 2 15 ? -3.691  10.652  -7.680  1.00 50.41  ? 136 GLU C CB  1 
ATOM   785 C CG  . GLU B 2 15 ? -3.298  10.568  -9.164  1.00 58.95  ? 136 GLU C CG  1 
ATOM   786 C CD  . GLU B 2 15 ? -2.605  11.836  -9.674  1.00 70.70  ? 136 GLU C CD  1 
ATOM   787 O OE1 . GLU B 2 15 ? -3.170  12.952  -9.493  1.00 70.46  ? 136 GLU C OE1 1 
ATOM   788 O OE2 . GLU B 2 15 ? -1.496  11.709  -10.259 1.00 73.32  ? 136 GLU C OE2 1 
ATOM   789 N N   . GLU B 2 16 ? -1.323  9.204   -6.794  1.00 39.87  ? 137 GLU C N   1 
ATOM   790 C CA  . GLU B 2 16 ? 0.014   8.674   -6.963  1.00 44.94  ? 137 GLU C CA  1 
ATOM   791 C C   . GLU B 2 16 ? 0.098   7.305   -6.306  1.00 43.18  ? 137 GLU C C   1 
ATOM   792 O O   . GLU B 2 16 ? 0.818   6.424   -6.780  1.00 40.69  ? 137 GLU C O   1 
ATOM   793 C CB  . GLU B 2 16 ? 1.036   9.623   -6.332  1.00 52.08  ? 137 GLU C CB  1 
ATOM   794 C CG  . GLU B 2 16 ? 2.471   9.255   -6.408  1.00 62.04  ? 137 GLU C CG  1 
ATOM   795 C CD  . GLU B 2 16 ? 3.380   10.477  -6.256  1.00 71.84  ? 137 GLU C CD  1 
ATOM   796 O OE1 . GLU B 2 16 ? 3.201   11.252  -5.287  1.00 72.84  ? 137 GLU C OE1 1 
ATOM   797 O OE2 . GLU B 2 16 ? 4.271   10.662  -7.113  1.00 81.68  ? 137 GLU C OE2 1 
ATOM   798 N N   . SER B 2 17 ? -0.647  7.133   -5.216  1.00 39.37  ? 138 SER C N   1 
ATOM   799 C CA  . SER B 2 17 ? -0.662  5.873   -4.484  1.00 39.97  ? 138 SER C CA  1 
ATOM   800 C C   . SER B 2 17 ? -1.663  4.914   -5.073  1.00 41.78  ? 138 SER C C   1 
ATOM   801 O O   . SER B 2 17 ? -2.027  3.925   -4.455  1.00 46.17  ? 138 SER C O   1 
ATOM   802 C CB  . SER B 2 17 ? -1.015  6.107   -3.019  1.00 34.83  ? 138 SER C CB  1 
ATOM   803 O OG  . SER B 2 17 ? 0.071   6.683   -2.328  1.00 32.98  ? 138 SER C OG  1 
ATOM   804 N N   . GLN B 2 18 ? -2.127  5.210   -6.269  1.00 45.52  ? 139 GLN C N   1 
ATOM   805 C CA  . GLN B 2 18 ? -3.088  4.339   -6.893  1.00 48.82  ? 139 GLN C CA  1 
ATOM   806 C C   . GLN B 2 18 ? -2.392  3.654   -8.054  1.00 49.46  ? 139 GLN C C   1 
ATOM   807 O O   . GLN B 2 18 ? -2.526  2.448   -8.246  1.00 48.88  ? 139 GLN C O   1 
ATOM   808 C CB  . GLN B 2 18 ? -4.274  5.164   -7.365  1.00 53.19  ? 139 GLN C CB  1 
ATOM   809 C CG  . GLN B 2 18 ? -5.527  4.366   -7.623  1.00 62.34  ? 139 GLN C CG  1 
ATOM   810 C CD  . GLN B 2 18 ? -6.747  5.260   -7.699  1.00 68.79  ? 139 GLN C CD  1 
ATOM   811 O OE1 . GLN B 2 18 ? -7.054  5.979   -6.745  1.00 69.23  ? 139 GLN C OE1 1 
ATOM   812 N NE2 . GLN B 2 18 ? -7.448  5.225   -8.831  1.00 71.32  ? 139 GLN C NE2 1 
ATOM   813 N N   . ASN B 2 19 ? -1.621  4.428   -8.809  1.00 49.27  ? 140 ASN C N   1 
ATOM   814 C CA  . ASN B 2 19 ? -0.894  3.899   -9.950  1.00 43.93  ? 140 ASN C CA  1 
ATOM   815 C C   . ASN B 2 19 ? 0.093   2.845   -9.494  1.00 39.43  ? 140 ASN C C   1 
ATOM   816 O O   . ASN B 2 19 ? 0.129   1.754   -10.045 1.00 41.78  ? 140 ASN C O   1 
ATOM   817 C CB  . ASN B 2 19 ? -0.184  5.036   -10.671 1.00 47.64  ? 140 ASN C CB  1 
ATOM   818 C CG  . ASN B 2 19 ? -1.152  6.112   -11.132 1.00 57.53  ? 140 ASN C CG  1 
ATOM   819 O OD1 . ASN B 2 19 ? -2.011  5.868   -11.983 1.00 64.68  ? 140 ASN C OD1 1 
ATOM   820 N ND2 . ASN B 2 19 ? -1.029  7.304   -10.563 1.00 61.91  ? 140 ASN C ND2 1 
ATOM   821 N N   . GLN B 2 20 ? 0.875   3.168   -8.470  1.00 41.69  ? 141 GLN C N   1 
ATOM   822 C CA  . GLN B 2 20 ? 1.862   2.234   -7.933  1.00 43.04  ? 141 GLN C CA  1 
ATOM   823 C C   . GLN B 2 20 ? 1.200   0.928   -7.538  1.00 43.13  ? 141 GLN C C   1 
ATOM   824 O O   . GLN B 2 20 ? 1.675   -0.141  -7.916  1.00 49.74  ? 141 GLN C O   1 
ATOM   825 C CB  . GLN B 2 20 ? 2.560   2.837   -6.716  1.00 45.05  ? 141 GLN C CB  1 
ATOM   826 C CG  . GLN B 2 20 ? 3.102   4.223   -6.983  1.00 53.80  ? 141 GLN C CG  1 
ATOM   827 C CD  . GLN B 2 20 ? 3.445   4.978   -5.719  1.00 59.24  ? 141 GLN C CD  1 
ATOM   828 O OE1 . GLN B 2 20 ? 2.630   5.071   -4.795  1.00 65.81  ? 141 GLN C OE1 1 
ATOM   829 N NE2 . GLN B 2 20 ? 4.651   5.540   -5.672  1.00 61.50  ? 141 GLN C NE2 1 
ATOM   830 N N   . GLN B 2 21 ? 0.106   1.006   -6.783  1.00 37.55  ? 142 GLN C N   1 
ATOM   831 C CA  . GLN B 2 21 ? -0.590  -0.205  -6.367  1.00 39.99  ? 142 GLN C CA  1 
ATOM   832 C C   . GLN B 2 21 ? -1.093  -0.959  -7.586  1.00 44.54  ? 142 GLN C C   1 
ATOM   833 O O   . GLN B 2 21 ? -1.186  -2.190  -7.584  1.00 41.13  ? 142 GLN C O   1 
ATOM   834 C CB  . GLN B 2 21 ? -1.760  0.134   -5.460  1.00 34.11  ? 142 GLN C CB  1 
ATOM   835 C CG  . GLN B 2 21 ? -2.546  -1.084  -4.996  1.00 35.03  ? 142 GLN C CG  1 
ATOM   836 C CD  . GLN B 2 21 ? -1.677  -2.183  -4.401  1.00 34.16  ? 142 GLN C CD  1 
ATOM   837 O OE1 . GLN B 2 21 ? -0.658  -1.913  -3.777  1.00 31.23  ? 142 GLN C OE1 1 
ATOM   838 N NE2 . GLN B 2 21 ? -2.095  -3.428  -4.577  1.00 35.66  ? 142 GLN C NE2 1 
ATOM   839 N N   . GLU B 2 22 ? -1.413  -0.200  -8.628  1.00 52.16  ? 143 GLU C N   1 
ATOM   840 C CA  . GLU B 2 22 ? -1.900  -0.744  -9.891  1.00 56.63  ? 143 GLU C CA  1 
ATOM   841 C C   . GLU B 2 22 ? -0.755  -1.427  -10.630 1.00 54.23  ? 143 GLU C C   1 
ATOM   842 O O   . GLU B 2 22 ? -0.944  -2.431  -11.311 1.00 56.77  ? 143 GLU C O   1 
ATOM   843 C CB  . GLU B 2 22 ? -2.438  0.394   -10.747 1.00 61.65  ? 143 GLU C CB  1 
ATOM   844 C CG  . GLU B 2 22 ? -3.112  -0.023  -12.024 1.00 65.83  ? 143 GLU C CG  1 
ATOM   845 C CD  . GLU B 2 22 ? -3.589  1.180   -12.799 1.00 67.81  ? 143 GLU C CD  1 
ATOM   846 O OE1 . GLU B 2 22 ? -2.756  1.792   -13.508 1.00 61.14  ? 143 GLU C OE1 1 
ATOM   847 O OE2 . GLU B 2 22 ? -4.790  1.522   -12.675 1.00 68.97  ? 143 GLU C OE2 1 
ATOM   848 N N   . LYS B 2 23 ? 0.437   -0.861  -10.480 1.00 50.29  ? 144 LYS C N   1 
ATOM   849 C CA  . LYS B 2 23 ? 1.643   -1.366  -11.121 1.00 48.54  ? 144 LYS C CA  1 
ATOM   850 C C   . LYS B 2 23 ? 2.236   -2.580  -10.400 1.00 50.95  ? 144 LYS C C   1 
ATOM   851 O O   . LYS B 2 23 ? 2.495   -3.609  -11.026 1.00 53.78  ? 144 LYS C O   1 
ATOM   852 C CB  . LYS B 2 23 ? 2.674   -0.239  -11.186 1.00 47.91  ? 144 LYS C CB  1 
ATOM   853 C CG  . LYS B 2 23 ? 4.049   -0.632  -11.680 1.00 48.18  ? 144 LYS C CG  1 
ATOM   854 C CD  . LYS B 2 23 ? 4.986   0.549   -11.528 1.00 54.24  ? 144 LYS C CD  1 
ATOM   855 C CE  . LYS B 2 23 ? 6.420   0.190   -11.833 1.00 56.36  ? 144 LYS C CE  1 
ATOM   856 N NZ  . LYS B 2 23 ? 7.308   1.361   -11.576 1.00 64.89  ? 144 LYS C NZ  1 
ATOM   857 N N   . ASN B 2 24 ? 2.444   -2.441  -9.087  1.00 52.59  ? 145 ASN C N   1 
ATOM   858 C CA  . ASN B 2 24 ? 3.012   -3.482  -8.214  1.00 48.70  ? 145 ASN C CA  1 
ATOM   859 C C   . ASN B 2 24 ? 2.331   -4.836  -8.412  1.00 43.46  ? 145 ASN C C   1 
ATOM   860 O O   . ASN B 2 24 ? 2.968   -5.880  -8.342  1.00 39.41  ? 145 ASN C O   1 
ATOM   861 C CB  . ASN B 2 24 ? 2.872   -3.067  -6.734  1.00 54.39  ? 145 ASN C CB  1 
ATOM   862 C CG  . ASN B 2 24 ? 3.656   -1.800  -6.387  1.00 56.57  ? 145 ASN C CG  1 
ATOM   863 O OD1 . ASN B 2 24 ? 4.038   -1.025  -7.266  1.00 62.44  ? 145 ASN C OD1 1 
ATOM   864 N ND2 . ASN B 2 24 ? 3.882   -1.583  -5.092  1.00 52.52  ? 145 ASN C ND2 1 
ATOM   865 N N   . GLU B 2 25 ? 1.030   -4.806  -8.656  1.00 40.25  ? 146 GLU C N   1 
ATOM   866 C CA  . GLU B 2 25 ? 0.267   -6.023  -8.847  1.00 45.40  ? 146 GLU C CA  1 
ATOM   867 C C   . GLU B 2 25 ? 0.557   -6.624  -10.207 1.00 48.77  ? 146 GLU C C   1 
ATOM   868 O O   . GLU B 2 25 ? 0.606   -7.841  -10.358 1.00 50.97  ? 146 GLU C O   1 
ATOM   869 C CB  . GLU B 2 25 ? -1.220  -5.713  -8.726  1.00 47.49  ? 146 GLU C CB  1 
ATOM   870 C CG  . GLU B 2 25 ? -1.578  -4.930  -7.472  1.00 50.88  ? 146 GLU C CG  1 
ATOM   871 C CD  . GLU B 2 25 ? -3.075  -4.751  -7.297  1.00 50.70  ? 146 GLU C CD  1 
ATOM   872 O OE1 . GLU B 2 25 ? -3.734  -4.292  -8.255  1.00 53.07  ? 146 GLU C OE1 1 
ATOM   873 O OE2 . GLU B 2 25 ? -3.597  -5.064  -6.204  1.00 52.89  ? 146 GLU C OE2 1 
ATOM   874 N N   . GLN B 2 26 ? 0.736   -5.760  -11.197 1.00 51.65  ? 147 GLN C N   1 
ATOM   875 C CA  . GLN B 2 26 ? 1.025   -6.193  -12.550 1.00 52.19  ? 147 GLN C CA  1 
ATOM   876 C C   . GLN B 2 26 ? 2.263   -7.042  -12.452 1.00 53.22  ? 147 GLN C C   1 
ATOM   877 O O   . GLN B 2 26 ? 2.236   -8.236  -12.729 1.00 51.58  ? 147 GLN C O   1 
ATOM   878 C CB  . GLN B 2 26 ? 1.331   -4.997  -13.441 1.00 59.23  ? 147 GLN C CB  1 
ATOM   879 C CG  . GLN B 2 26 ? 1.291   -5.313  -14.917 1.00 73.56  ? 147 GLN C CG  1 
ATOM   880 C CD  . GLN B 2 26 ? -0.130  -5.495  -15.416 1.00 83.07  ? 147 GLN C CD  1 
ATOM   881 O OE1 . GLN B 2 26 ? -0.933  -4.564  -15.366 1.00 89.03  ? 147 GLN C OE1 1 
ATOM   882 N NE2 . GLN B 2 26 ? -0.450  -6.693  -15.893 1.00 85.64  ? 147 GLN C NE2 1 
ATOM   883 N N   . GLU B 2 27 ? 3.350   -6.401  -12.037 1.00 53.45  ? 148 GLU C N   1 
ATOM   884 C CA  . GLU B 2 27 ? 4.637   -7.060  -11.886 1.00 57.56  ? 148 GLU C CA  1 
ATOM   885 C C   . GLU B 2 27 ? 4.562   -8.353  -11.078 1.00 59.23  ? 148 GLU C C   1 
ATOM   886 O O   . GLU B 2 27 ? 5.160   -9.363  -11.445 1.00 55.69  ? 148 GLU C O   1 
ATOM   887 C CB  . GLU B 2 27 ? 5.624   -6.099  -11.230 1.00 54.33  ? 148 GLU C CB  1 
ATOM   888 C CG  . GLU B 2 27 ? 5.947   -4.884  -12.076 1.00 56.60  ? 148 GLU C CG  1 
ATOM   889 C CD  . GLU B 2 27 ? 6.911   -3.942  -11.381 1.00 59.63  ? 148 GLU C CD  1 
ATOM   890 O OE1 . GLU B 2 27 ? 7.326   -2.936  -12.004 1.00 58.20  ? 148 GLU C OE1 1 
ATOM   891 O OE2 . GLU B 2 27 ? 7.247   -4.205  -10.203 1.00 58.81  ? 148 GLU C OE2 1 
ATOM   892 N N   . LEU B 2 28 ? 3.825   -8.310  -9.975  1.00 61.81  ? 149 LEU C N   1 
ATOM   893 C CA  . LEU B 2 28 ? 3.666   -9.463  -9.103  1.00 60.24  ? 149 LEU C CA  1 
ATOM   894 C C   . LEU B 2 28 ? 3.130   -10.659 -9.876  1.00 63.97  ? 149 LEU C C   1 
ATOM   895 O O   . LEU B 2 28 ? 3.471   -11.805 -9.579  1.00 63.23  ? 149 LEU C O   1 
ATOM   896 C CB  . LEU B 2 28 ? 2.726   -9.100  -7.961  1.00 54.34  ? 149 LEU C CB  1 
ATOM   897 C CG  . LEU B 2 28 ? 2.511   -10.144 -6.875  1.00 54.95  ? 149 LEU C CG  1 
ATOM   898 C CD1 . LEU B 2 28 ? 3.838   -10.546 -6.244  1.00 56.49  ? 149 LEU C CD1 1 
ATOM   899 C CD2 . LEU B 2 28 ? 1.576   -9.553  -5.828  1.00 57.37  ? 149 LEU C CD2 1 
ATOM   900 N N   . LEU B 2 29 ? 2.288   -10.381 -10.869 1.00 68.89  ? 150 LEU C N   1 
ATOM   901 C CA  . LEU B 2 29 ? 1.708   -11.424 -11.710 1.00 73.85  ? 150 LEU C CA  1 
ATOM   902 C C   . LEU B 2 29 ? 2.795   -11.939 -12.645 1.00 76.30  ? 150 LEU C C   1 
ATOM   903 O O   . LEU B 2 29 ? 2.997   -13.150 -12.800 1.00 75.63  ? 150 LEU C O   1 
ATOM   904 C CB  . LEU B 2 29 ? 0.536   -10.862 -12.532 1.00 69.91  ? 150 LEU C CB  1 
ATOM   905 N N   . GLU B 2 30 ? 3.509   -11.007 -13.264 1.00 78.49  ? 151 GLU C N   1 
ATOM   906 C CA  . GLU B 2 30 ? 4.580   -11.372 -14.182 1.00 79.07  ? 151 GLU C CA  1 
ATOM   907 C C   . GLU B 2 30 ? 5.762   -11.898 -13.349 1.00 81.01  ? 151 GLU C C   1 
ATOM   908 O O   . GLU B 2 30 ? 6.909   -11.518 -13.511 1.00 83.38  ? 151 GLU C O   1 
ATOM   909 C CB  . GLU B 2 30 ? 4.922   -10.150 -15.046 1.00 76.48  ? 151 GLU C CB  1 
ATOM   910 C CG  . GLU B 2 30 ? 3.690   -9.732  -15.912 1.00 77.76  ? 151 GLU C CG  1 
ATOM   911 C CD  . GLU B 2 30 ? 3.873   -8.471  -16.767 1.00 79.94  ? 151 GLU C CD  1 
ATOM   912 O OE1 . GLU B 2 30 ? 4.202   -7.398  -16.213 1.00 77.51  ? 151 GLU C OE1 1 
ATOM   913 O OE2 . GLU B 2 30 ? 3.661   -8.555  -18.002 1.00 80.36  ? 151 GLU C OE2 1 
ATOM   914 N N   . LEU B 2 31 ? 5.450   -12.817 -12.445 1.00 79.57  ? 152 LEU C N   1 
ATOM   915 C CA  . LEU B 2 31 ? 6.446   -13.406 -11.565 1.00 74.88  ? 152 LEU C CA  1 
ATOM   916 C C   . LEU B 2 31 ? 6.332   -14.898 -11.758 1.00 75.08  ? 152 LEU C C   1 
ATOM   917 O O   . LEU B 2 31 ? 5.162   -15.295 -11.954 1.00 75.95  ? 152 LEU C O   1 
ATOM   918 C CB  . LEU B 2 31 ? 6.141   -13.023 -10.106 1.00 69.02  ? 152 LEU C CB  1 
ATOM   919 C CG  . LEU B 2 31 ? 7.330   -12.913 -9.151  1.00 64.06  ? 152 LEU C CG  1 
ATOM   920 C CD1 . LEU B 2 31 ? 8.236   -11.884 -9.740  1.00 65.97  ? 152 LEU C CD1 1 
ATOM   921 C CD2 . LEU B 2 31 ? 6.936   -12.497 -7.738  1.00 58.68  ? 152 LEU C CD2 1 
# 
